data_7XJ5
# 
_entry.id   7XJ5 
# 
_audit_conform.dict_name       mmcif_pdbx.dic 
_audit_conform.dict_version    5.380 
_audit_conform.dict_location   http://mmcif.pdb.org/dictionaries/ascii/mmcif_pdbx.dic 
# 
loop_
_database_2.database_id 
_database_2.database_code 
_database_2.pdbx_database_accession 
_database_2.pdbx_DOI 
PDB   7XJ5         pdb_00007xj5 10.2210/pdb7xj5/pdb 
WWPDB D_1300028910 ?            ?                   
# 
_pdbx_database_status.status_code                     REL 
_pdbx_database_status.status_code_sf                  REL 
_pdbx_database_status.status_code_mr                  ? 
_pdbx_database_status.entry_id                        7XJ5 
_pdbx_database_status.recvd_initial_deposition_date   2022-04-15 
_pdbx_database_status.SG_entry                        N 
_pdbx_database_status.deposit_site                    PDBJ 
_pdbx_database_status.process_site                    PDBJ 
_pdbx_database_status.status_code_cs                  ? 
_pdbx_database_status.status_code_nmr_data            ? 
_pdbx_database_status.methods_development_category    ? 
_pdbx_database_status.pdb_format_compatible           Y 
# 
loop_
_audit_author.name 
_audit_author.pdbx_ordinal 
_audit_author.identifier_ORCID 
'Lu, H.'      1 ? 
'Komukai, Y.' 2 ? 
'Usami, K.'   3 ? 
'Guo, Y.'     4 ? 
'Qiao, X.'    5 ? 
'Nukaga, M.'  6 ? 
'Hoshino, T.' 7 ? 
# 
_citation.abstract                  ? 
_citation.abstract_id_CAS           ? 
_citation.book_id_ISBN              ? 
_citation.book_publisher            ? 
_citation.book_publisher_city       ? 
_citation.book_title                ? 
_citation.coordinate_linkage        ? 
_citation.country                   US 
_citation.database_id_Medline       ? 
_citation.details                   ? 
_citation.id                        primary 
_citation.journal_abbrev            J.Chem.Inf.Model. 
_citation.journal_id_ASTM           ? 
_citation.journal_id_CSD            ? 
_citation.journal_id_ISSN           1549-960X 
_citation.journal_full              ? 
_citation.journal_issue             ? 
_citation.journal_volume            62 
_citation.language                  ? 
_citation.page_first                6762 
_citation.page_last                 6774 
_citation.title                     
'Computational and Crystallographic Analysis of Binding Structures of Inhibitory Compounds for HIV-1 RNase H Activity.' 
_citation.year                      2022 
_citation.database_id_CSD           ? 
_citation.pdbx_database_id_DOI      10.1021/acs.jcim.2c00537 
_citation.pdbx_database_id_PubMed   36184946 
_citation.pdbx_database_id_patent   ? 
_citation.unpublished_flag          ? 
# 
loop_
_citation_author.citation_id 
_citation_author.name 
_citation_author.ordinal 
_citation_author.identifier_ORCID 
primary 'Lu, H.'      1 ? 
primary 'Komukai, Y.' 2 ? 
primary 'Usami, K.'   3 ? 
primary 'Guo, Y.'     4 ? 
primary 'Qiao, X.'    5 ? 
primary 'Nukaga, M.'  6 ? 
primary 'Hoshino, T.' 7 ? 
# 
_cell.angle_alpha                  90.000 
_cell.angle_alpha_esd              ? 
_cell.angle_beta                   90.000 
_cell.angle_beta_esd               ? 
_cell.angle_gamma                  90.000 
_cell.angle_gamma_esd              ? 
_cell.entry_id                     7XJ5 
_cell.details                      ? 
_cell.formula_units_Z              ? 
_cell.length_a                     61.289 
_cell.length_a_esd                 ? 
_cell.length_b                     61.289 
_cell.length_b_esd                 ? 
_cell.length_c                     83.116 
_cell.length_c_esd                 ? 
_cell.volume                       ? 
_cell.volume_esd                   ? 
_cell.Z_PDB                        8 
_cell.reciprocal_angle_alpha       ? 
_cell.reciprocal_angle_beta        ? 
_cell.reciprocal_angle_gamma       ? 
_cell.reciprocal_angle_alpha_esd   ? 
_cell.reciprocal_angle_beta_esd    ? 
_cell.reciprocal_angle_gamma_esd   ? 
_cell.reciprocal_length_a          ? 
_cell.reciprocal_length_b          ? 
_cell.reciprocal_length_c          ? 
_cell.reciprocal_length_a_esd      ? 
_cell.reciprocal_length_b_esd      ? 
_cell.reciprocal_length_c_esd      ? 
_cell.pdbx_unique_axis             ? 
# 
_symmetry.entry_id                         7XJ5 
_symmetry.cell_setting                     ? 
_symmetry.Int_Tables_number                92 
_symmetry.space_group_name_Hall            ? 
_symmetry.space_group_name_H-M             'P 41 21 2' 
_symmetry.pdbx_full_space_group_name_H-M   ? 
# 
loop_
_entity.id 
_entity.type 
_entity.src_method 
_entity.pdbx_description 
_entity.formula_weight 
_entity.pdbx_number_of_molecules 
_entity.pdbx_ec 
_entity.pdbx_mutation 
_entity.pdbx_fragment 
_entity.details 
1 polymer     man 'Reverse Transcriptase RNase H domain'                                                              16832.285 1  
3.1.26.13 ? ? ? 
2 non-polymer syn '[2-[tert-butyl-(phenylmethyl)amino]-2-oxidanylidene-ethyl] 4-bromanyl-5-nitro-furan-2-carboxylate' 439.257   1  
?         ? ? ? 
3 non-polymer syn 'MANGANESE (II) ION'                                                                                54.938    2  
?         ? ? ? 
4 non-polymer syn 'ZINC ION'                                                                                          65.409    2  
?         ? ? ? 
5 water       nat water                                                                                               18.015    34 
?         ? ? ? 
# 
_entity_poly.entity_id                      1 
_entity_poly.type                           'polypeptide(L)' 
_entity_poly.nstd_linkage                   no 
_entity_poly.nstd_monomer                   no 
_entity_poly.pdbx_seq_one_letter_code       
;GPGGSMYQLEKEPIVGAETFYVDGAANRETKLGKAGYVTNRGRQKVVTLTDTTNQKTELQAIYLALQDSGLEVNIVTDSQ
YALGIITQWIHNWKKRGWKTPVKNVDLVNQIIEQLIKKEKVYLAWVPAHKGIGGNEQVDKLVSAGIRKVLF
;
_entity_poly.pdbx_seq_one_letter_code_can   
;GPGGSMYQLEKEPIVGAETFYVDGAANRETKLGKAGYVTNRGRQKVVTLTDTTNQKTELQAIYLALQDSGLEVNIVTDSQ
YALGIITQWIHNWKKRGWKTPVKNVDLVNQIIEQLIKKEKVYLAWVPAHKGIGGNEQVDKLVSAGIRKVLF
;
_entity_poly.pdbx_strand_id                 A 
_entity_poly.pdbx_target_identifier         ? 
# 
loop_
_entity_poly_seq.entity_id 
_entity_poly_seq.num 
_entity_poly_seq.mon_id 
_entity_poly_seq.hetero 
1 1   GLY n 
1 2   PRO n 
1 3   GLY n 
1 4   GLY n 
1 5   SER n 
1 6   MET n 
1 7   TYR n 
1 8   GLN n 
1 9   LEU n 
1 10  GLU n 
1 11  LYS n 
1 12  GLU n 
1 13  PRO n 
1 14  ILE n 
1 15  VAL n 
1 16  GLY n 
1 17  ALA n 
1 18  GLU n 
1 19  THR n 
1 20  PHE n 
1 21  TYR n 
1 22  VAL n 
1 23  ASP n 
1 24  GLY n 
1 25  ALA n 
1 26  ALA n 
1 27  ASN n 
1 28  ARG n 
1 29  GLU n 
1 30  THR n 
1 31  LYS n 
1 32  LEU n 
1 33  GLY n 
1 34  LYS n 
1 35  ALA n 
1 36  GLY n 
1 37  TYR n 
1 38  VAL n 
1 39  THR n 
1 40  ASN n 
1 41  ARG n 
1 42  GLY n 
1 43  ARG n 
1 44  GLN n 
1 45  LYS n 
1 46  VAL n 
1 47  VAL n 
1 48  THR n 
1 49  LEU n 
1 50  THR n 
1 51  ASP n 
1 52  THR n 
1 53  THR n 
1 54  ASN n 
1 55  GLN n 
1 56  LYS n 
1 57  THR n 
1 58  GLU n 
1 59  LEU n 
1 60  GLN n 
1 61  ALA n 
1 62  ILE n 
1 63  TYR n 
1 64  LEU n 
1 65  ALA n 
1 66  LEU n 
1 67  GLN n 
1 68  ASP n 
1 69  SER n 
1 70  GLY n 
1 71  LEU n 
1 72  GLU n 
1 73  VAL n 
1 74  ASN n 
1 75  ILE n 
1 76  VAL n 
1 77  THR n 
1 78  ASP n 
1 79  SER n 
1 80  GLN n 
1 81  TYR n 
1 82  ALA n 
1 83  LEU n 
1 84  GLY n 
1 85  ILE n 
1 86  ILE n 
1 87  THR n 
1 88  GLN n 
1 89  TRP n 
1 90  ILE n 
1 91  HIS n 
1 92  ASN n 
1 93  TRP n 
1 94  LYS n 
1 95  LYS n 
1 96  ARG n 
1 97  GLY n 
1 98  TRP n 
1 99  LYS n 
1 100 THR n 
1 101 PRO n 
1 102 VAL n 
1 103 LYS n 
1 104 ASN n 
1 105 VAL n 
1 106 ASP n 
1 107 LEU n 
1 108 VAL n 
1 109 ASN n 
1 110 GLN n 
1 111 ILE n 
1 112 ILE n 
1 113 GLU n 
1 114 GLN n 
1 115 LEU n 
1 116 ILE n 
1 117 LYS n 
1 118 LYS n 
1 119 GLU n 
1 120 LYS n 
1 121 VAL n 
1 122 TYR n 
1 123 LEU n 
1 124 ALA n 
1 125 TRP n 
1 126 VAL n 
1 127 PRO n 
1 128 ALA n 
1 129 HIS n 
1 130 LYS n 
1 131 GLY n 
1 132 ILE n 
1 133 GLY n 
1 134 GLY n 
1 135 ASN n 
1 136 GLU n 
1 137 GLN n 
1 138 VAL n 
1 139 ASP n 
1 140 LYS n 
1 141 LEU n 
1 142 VAL n 
1 143 SER n 
1 144 ALA n 
1 145 GLY n 
1 146 ILE n 
1 147 ARG n 
1 148 LYS n 
1 149 VAL n 
1 150 LEU n 
1 151 PHE n 
# 
loop_
_entity_src_gen.entity_id 
_entity_src_gen.pdbx_src_id 
_entity_src_gen.pdbx_alt_source_flag 
_entity_src_gen.pdbx_seq_type 
_entity_src_gen.pdbx_beg_seq_num 
_entity_src_gen.pdbx_end_seq_num 
_entity_src_gen.gene_src_common_name 
_entity_src_gen.gene_src_genus 
_entity_src_gen.pdbx_gene_src_gene 
_entity_src_gen.gene_src_species 
_entity_src_gen.gene_src_strain 
_entity_src_gen.gene_src_tissue 
_entity_src_gen.gene_src_tissue_fraction 
_entity_src_gen.gene_src_details 
_entity_src_gen.pdbx_gene_src_fragment 
_entity_src_gen.pdbx_gene_src_scientific_name 
_entity_src_gen.pdbx_gene_src_ncbi_taxonomy_id 
_entity_src_gen.pdbx_gene_src_variant 
_entity_src_gen.pdbx_gene_src_cell_line 
_entity_src_gen.pdbx_gene_src_atcc 
_entity_src_gen.pdbx_gene_src_organ 
_entity_src_gen.pdbx_gene_src_organelle 
_entity_src_gen.pdbx_gene_src_cell 
_entity_src_gen.pdbx_gene_src_cellular_location 
_entity_src_gen.host_org_common_name 
_entity_src_gen.pdbx_host_org_scientific_name 
_entity_src_gen.pdbx_host_org_ncbi_taxonomy_id 
_entity_src_gen.host_org_genus 
_entity_src_gen.pdbx_host_org_gene 
_entity_src_gen.pdbx_host_org_organ 
_entity_src_gen.host_org_species 
_entity_src_gen.pdbx_host_org_tissue 
_entity_src_gen.pdbx_host_org_tissue_fraction 
_entity_src_gen.pdbx_host_org_strain 
_entity_src_gen.pdbx_host_org_variant 
_entity_src_gen.pdbx_host_org_cell_line 
_entity_src_gen.pdbx_host_org_atcc 
_entity_src_gen.pdbx_host_org_culture_collection 
_entity_src_gen.pdbx_host_org_cell 
_entity_src_gen.pdbx_host_org_organelle 
_entity_src_gen.pdbx_host_org_cellular_location 
_entity_src_gen.pdbx_host_org_vector_type 
_entity_src_gen.pdbx_host_org_vector 
_entity_src_gen.host_org_details 
_entity_src_gen.expression_system_id 
_entity_src_gen.plasmid_name 
_entity_src_gen.plasmid_details 
_entity_src_gen.pdbx_description 
1 1 sample 'Biological sequence' 1  86  ? ? ? ? ? ? ? ? ? 'Human immunodeficiency virus 1' 11676 ? ? ? ? ? ? ? ? 
'Escherichia coli' 562 ? ? ? ? ? ? 'Rosetta(DE3)pLys' ? ? ? ? ? ? ? plasmid ? ? ? 'pET50(b)' ? ? 
1 2 sample 'Biological sequence' 87 151 ? ? ? ? ? ? ? ? ? 'Human immunodeficiency virus 1' 11676 ? ? ? ? ? ? ? ? 
'Escherichia coli' 562 ? ? ? ? ? ? 'Rosetta(DE3)pLys' ? ? ? ? ? ? ? plasmid ? ? ? 'pET50(b)' ? ? 
# 
loop_
_struct_ref.id 
_struct_ref.db_name 
_struct_ref.db_code 
_struct_ref.pdbx_db_accession 
_struct_ref.pdbx_db_isoform 
_struct_ref.entity_id 
_struct_ref.pdbx_seq_one_letter_code 
_struct_ref.pdbx_align_begin 
1 UNP A0A059PIR4_9HIV1 A0A059PIR4 ? 1 YQLEKEPIVGAETFYVDGAANRETKLGKAGYVTNRGRQKVVTLTDTTNQKTELQAIYLALQDSGLEVNIVTDSQ 167 
2 UNP A0A7L9QW77_9HIV1 A0A7L9QW77 ? 1 DLVNQIIEQLIKKEKVYLAWVPAHKGIGGNEQVDKLVSAGIRKVLF                             671 
# 
loop_
_struct_ref_seq.align_id 
_struct_ref_seq.ref_id 
_struct_ref_seq.pdbx_PDB_id_code 
_struct_ref_seq.pdbx_strand_id 
_struct_ref_seq.seq_align_beg 
_struct_ref_seq.pdbx_seq_align_beg_ins_code 
_struct_ref_seq.seq_align_end 
_struct_ref_seq.pdbx_seq_align_end_ins_code 
_struct_ref_seq.pdbx_db_accession 
_struct_ref_seq.db_align_beg 
_struct_ref_seq.pdbx_db_align_beg_ins_code 
_struct_ref_seq.db_align_end 
_struct_ref_seq.pdbx_db_align_end_ins_code 
_struct_ref_seq.pdbx_auth_seq_align_beg 
_struct_ref_seq.pdbx_auth_seq_align_end 
1 1 7XJ5 A 7   ? 80  ? A0A059PIR4 167 ? 240 ? 7   80  
2 2 7XJ5 A 106 ? 151 ? A0A7L9QW77 671 ? 716 ? 106 151 
# 
loop_
_struct_ref_seq_dif.align_id 
_struct_ref_seq_dif.pdbx_pdb_id_code 
_struct_ref_seq_dif.mon_id 
_struct_ref_seq_dif.pdbx_pdb_strand_id 
_struct_ref_seq_dif.seq_num 
_struct_ref_seq_dif.pdbx_pdb_ins_code 
_struct_ref_seq_dif.pdbx_seq_db_name 
_struct_ref_seq_dif.pdbx_seq_db_accession_code 
_struct_ref_seq_dif.db_mon_id 
_struct_ref_seq_dif.pdbx_seq_db_seq_num 
_struct_ref_seq_dif.details 
_struct_ref_seq_dif.pdbx_auth_seq_num 
_struct_ref_seq_dif.pdbx_ordinal 
1 7XJ5 GLY A 1   ? UNP A0A059PIR4 ? ? 'expression tag' 1   1  
1 7XJ5 PRO A 2   ? UNP A0A059PIR4 ? ? 'expression tag' 2   2  
1 7XJ5 GLY A 3   ? UNP A0A059PIR4 ? ? 'expression tag' 3   3  
1 7XJ5 GLY A 4   ? UNP A0A059PIR4 ? ? 'expression tag' 4   4  
1 7XJ5 SER A 5   ? UNP A0A059PIR4 ? ? 'expression tag' 5   5  
1 7XJ5 MET A 6   ? UNP A0A059PIR4 ? ? 'expression tag' 6   6  
1 7XJ5 TYR A 81  ? UNP A0A059PIR4 ? ? linker           81  7  
1 7XJ5 ALA A 82  ? UNP A0A059PIR4 ? ? linker           82  8  
1 7XJ5 LEU A 83  ? UNP A0A059PIR4 ? ? linker           83  9  
1 7XJ5 GLY A 84  ? UNP A0A059PIR4 ? ? linker           84  10 
1 7XJ5 ILE A 85  ? UNP A0A059PIR4 ? ? linker           85  11 
1 7XJ5 ILE A 86  ? UNP A0A059PIR4 ? ? linker           86  12 
1 7XJ5 THR A 87  ? UNP A0A059PIR4 ? ? linker           87  13 
1 7XJ5 GLN A 88  ? UNP A0A059PIR4 ? ? linker           88  14 
1 7XJ5 TRP A 89  ? UNP A0A059PIR4 ? ? linker           89  15 
1 7XJ5 ILE A 90  ? UNP A0A059PIR4 ? ? linker           90  16 
1 7XJ5 HIS A 91  ? UNP A0A059PIR4 ? ? linker           91  17 
1 7XJ5 ASN A 92  ? UNP A0A059PIR4 ? ? linker           92  18 
1 7XJ5 TRP A 93  ? UNP A0A059PIR4 ? ? linker           93  19 
1 7XJ5 LYS A 94  ? UNP A0A059PIR4 ? ? linker           94  20 
1 7XJ5 LYS A 95  ? UNP A0A059PIR4 ? ? linker           95  21 
1 7XJ5 ARG A 96  ? UNP A0A059PIR4 ? ? linker           96  22 
1 7XJ5 GLY A 97  ? UNP A0A059PIR4 ? ? linker           97  23 
1 7XJ5 TRP A 98  ? UNP A0A059PIR4 ? ? linker           98  24 
1 7XJ5 LYS A 99  ? UNP A0A059PIR4 ? ? linker           99  25 
1 7XJ5 THR A 100 ? UNP A0A059PIR4 ? ? linker           100 26 
1 7XJ5 PRO A 101 ? UNP A0A059PIR4 ? ? linker           101 27 
1 7XJ5 VAL A 102 ? UNP A0A059PIR4 ? ? linker           102 28 
1 7XJ5 LYS A 103 ? UNP A0A059PIR4 ? ? linker           103 29 
1 7XJ5 ASN A 104 ? UNP A0A059PIR4 ? ? linker           104 30 
1 7XJ5 VAL A 105 ? UNP A0A059PIR4 ? ? linker           105 31 
# 
loop_
_chem_comp.id 
_chem_comp.type 
_chem_comp.mon_nstd_flag 
_chem_comp.name 
_chem_comp.pdbx_synonyms 
_chem_comp.formula 
_chem_comp.formula_weight 
ALA 'L-peptide linking' y ALANINE                                                                                             ? 
'C3 H7 N O2'       89.093  
ARG 'L-peptide linking' y ARGININE                                                                                            ? 
'C6 H15 N4 O2 1'   175.209 
ASN 'L-peptide linking' y ASPARAGINE                                                                                          ? 
'C4 H8 N2 O3'      132.118 
ASP 'L-peptide linking' y 'ASPARTIC ACID'                                                                                     ? 
'C4 H7 N O4'       133.103 
ECW non-polymer         . '[2-[tert-butyl-(phenylmethyl)amino]-2-oxidanylidene-ethyl] 4-bromanyl-5-nitro-furan-2-carboxylate' ? 
'C18 H19 Br N2 O6' 439.257 
GLN 'L-peptide linking' y GLUTAMINE                                                                                           ? 
'C5 H10 N2 O3'     146.144 
GLU 'L-peptide linking' y 'GLUTAMIC ACID'                                                                                     ? 
'C5 H9 N O4'       147.129 
GLY 'peptide linking'   y GLYCINE                                                                                             ? 
'C2 H5 N O2'       75.067  
HIS 'L-peptide linking' y HISTIDINE                                                                                           ? 
'C6 H10 N3 O2 1'   156.162 
HOH non-polymer         . WATER                                                                                               ? 
'H2 O'             18.015  
ILE 'L-peptide linking' y ISOLEUCINE                                                                                          ? 
'C6 H13 N O2'      131.173 
LEU 'L-peptide linking' y LEUCINE                                                                                             ? 
'C6 H13 N O2'      131.173 
LYS 'L-peptide linking' y LYSINE                                                                                              ? 
'C6 H15 N2 O2 1'   147.195 
MET 'L-peptide linking' y METHIONINE                                                                                          ? 
'C5 H11 N O2 S'    149.211 
MN  non-polymer         . 'MANGANESE (II) ION'                                                                                ? 
'Mn 2'             54.938  
PHE 'L-peptide linking' y PHENYLALANINE                                                                                       ? 
'C9 H11 N O2'      165.189 
PRO 'L-peptide linking' y PROLINE                                                                                             ? 
'C5 H9 N O2'       115.130 
SER 'L-peptide linking' y SERINE                                                                                              ? 
'C3 H7 N O3'       105.093 
THR 'L-peptide linking' y THREONINE                                                                                           ? 
'C4 H9 N O3'       119.119 
TRP 'L-peptide linking' y TRYPTOPHAN                                                                                          ? 
'C11 H12 N2 O2'    204.225 
TYR 'L-peptide linking' y TYROSINE                                                                                            ? 
'C9 H11 N O3'      181.189 
VAL 'L-peptide linking' y VALINE                                                                                              ? 
'C5 H11 N O2'      117.146 
ZN  non-polymer         . 'ZINC ION'                                                                                          ? 
'Zn 2'             65.409  
# 
_exptl.absorpt_coefficient_mu     ? 
_exptl.absorpt_correction_T_max   ? 
_exptl.absorpt_correction_T_min   ? 
_exptl.absorpt_correction_type    ? 
_exptl.absorpt_process_details    ? 
_exptl.entry_id                   7XJ5 
_exptl.crystals_number            1 
_exptl.details                    ? 
_exptl.method                     'X-RAY DIFFRACTION' 
_exptl.method_details             ? 
# 
_exptl_crystal.colour                      ? 
_exptl_crystal.density_diffrn              ? 
_exptl_crystal.density_Matthews            2.32 
_exptl_crystal.density_method              ? 
_exptl_crystal.density_percent_sol         46.95 
_exptl_crystal.description                 ? 
_exptl_crystal.F_000                       ? 
_exptl_crystal.id                          1 
_exptl_crystal.preparation                 ? 
_exptl_crystal.size_max                    ? 
_exptl_crystal.size_mid                    ? 
_exptl_crystal.size_min                    ? 
_exptl_crystal.size_rad                    ? 
_exptl_crystal.colour_lustre               ? 
_exptl_crystal.colour_modifier             ? 
_exptl_crystal.colour_primary              ? 
_exptl_crystal.density_meas                ? 
_exptl_crystal.density_meas_esd            ? 
_exptl_crystal.density_meas_gt             ? 
_exptl_crystal.density_meas_lt             ? 
_exptl_crystal.density_meas_temp           ? 
_exptl_crystal.density_meas_temp_esd       ? 
_exptl_crystal.density_meas_temp_gt        ? 
_exptl_crystal.density_meas_temp_lt        ? 
_exptl_crystal.pdbx_crystal_image_url      ? 
_exptl_crystal.pdbx_crystal_image_format   ? 
_exptl_crystal.pdbx_mosaicity              0.260 
_exptl_crystal.pdbx_mosaicity_esd          ? 
# 
_exptl_crystal_grow.apparatus       ? 
_exptl_crystal_grow.atmosphere      ? 
_exptl_crystal_grow.crystal_id      1 
_exptl_crystal_grow.details         ? 
_exptl_crystal_grow.method          'VAPOR DIFFUSION, SITTING DROP' 
_exptl_crystal_grow.method_ref      ? 
_exptl_crystal_grow.pH              6.6 
_exptl_crystal_grow.pressure        ? 
_exptl_crystal_grow.pressure_esd    ? 
_exptl_crystal_grow.seeding         ? 
_exptl_crystal_grow.seeding_ref     ? 
_exptl_crystal_grow.temp            291 
_exptl_crystal_grow.temp_details    ? 
_exptl_crystal_grow.temp_esd        ? 
_exptl_crystal_grow.time            ? 
_exptl_crystal_grow.pdbx_details    '0.1M MES, 26%(v/v) PEG 6000, 0.01M Zinc Sulfate, 0.001M MANGANESE CHLORIDE' 
_exptl_crystal_grow.pdbx_pH_range   ? 
# 
_diffrn.ambient_environment              ? 
_diffrn.ambient_temp                     100 
_diffrn.ambient_temp_details             ? 
_diffrn.ambient_temp_esd                 ? 
_diffrn.crystal_id                       1 
_diffrn.crystal_support                  ? 
_diffrn.crystal_treatment                ? 
_diffrn.details                          ? 
_diffrn.id                               1 
_diffrn.ambient_pressure                 ? 
_diffrn.ambient_pressure_esd             ? 
_diffrn.ambient_pressure_gt              ? 
_diffrn.ambient_pressure_lt              ? 
_diffrn.ambient_temp_gt                  ? 
_diffrn.ambient_temp_lt                  ? 
_diffrn.pdbx_serial_crystal_experiment   N 
# 
_diffrn_detector.details                      mirrors 
_diffrn_detector.detector                     PIXEL 
_diffrn_detector.diffrn_id                    1 
_diffrn_detector.type                         'DECTRIS PILATUS3 6M' 
_diffrn_detector.area_resol_mean              ? 
_diffrn_detector.dtime                        ? 
_diffrn_detector.pdbx_frames_total            ? 
_diffrn_detector.pdbx_collection_time_total   ? 
_diffrn_detector.pdbx_collection_date         2016-11-16 
_diffrn_detector.pdbx_frequency               ? 
# 
_diffrn_radiation.collimation                      ? 
_diffrn_radiation.diffrn_id                        1 
_diffrn_radiation.filter_edge                      ? 
_diffrn_radiation.inhomogeneity                    ? 
_diffrn_radiation.monochromator                    'Si(111)' 
_diffrn_radiation.polarisn_norm                    ? 
_diffrn_radiation.polarisn_ratio                   ? 
_diffrn_radiation.probe                            ? 
_diffrn_radiation.type                             ? 
_diffrn_radiation.xray_symbol                      ? 
_diffrn_radiation.wavelength_id                    1 
_diffrn_radiation.pdbx_monochromatic_or_laue_m_l   M 
_diffrn_radiation.pdbx_wavelength_list             ? 
_diffrn_radiation.pdbx_wavelength                  ? 
_diffrn_radiation.pdbx_diffrn_protocol             'SINGLE WAVELENGTH' 
_diffrn_radiation.pdbx_analyzer                    ? 
_diffrn_radiation.pdbx_scattering_type             x-ray 
# 
_diffrn_radiation_wavelength.id           1 
_diffrn_radiation_wavelength.wavelength   1.000 
_diffrn_radiation_wavelength.wt           1.0 
# 
_diffrn_source.current                     ? 
_diffrn_source.details                     ? 
_diffrn_source.diffrn_id                   1 
_diffrn_source.power                       ? 
_diffrn_source.size                        ? 
_diffrn_source.source                      SYNCHROTRON 
_diffrn_source.target                      ? 
_diffrn_source.type                        'PHOTON FACTORY BEAMLINE BL-1A' 
_diffrn_source.voltage                     ? 
_diffrn_source.take-off_angle              ? 
_diffrn_source.pdbx_wavelength_list        1.000 
_diffrn_source.pdbx_wavelength             ? 
_diffrn_source.pdbx_synchrotron_beamline   BL-1A 
_diffrn_source.pdbx_synchrotron_site       'Photon Factory' 
# 
_reflns.B_iso_Wilson_estimate                          23.750 
_reflns.entry_id                                       7XJ5 
_reflns.data_reduction_details                         ? 
_reflns.data_reduction_method                          ? 
_reflns.d_resolution_high                              1.750 
_reflns.d_resolution_low                               49.330 
_reflns.details                                        ? 
_reflns.limit_h_max                                    ? 
_reflns.limit_h_min                                    ? 
_reflns.limit_k_max                                    ? 
_reflns.limit_k_min                                    ? 
_reflns.limit_l_max                                    ? 
_reflns.limit_l_min                                    ? 
_reflns.number_all                                     ? 
_reflns.number_obs                                     30578 
_reflns.observed_criterion                             ? 
_reflns.observed_criterion_F_max                       ? 
_reflns.observed_criterion_F_min                       ? 
_reflns.observed_criterion_I_max                       ? 
_reflns.observed_criterion_I_min                       ? 
_reflns.observed_criterion_sigma_F                     ? 
_reflns.observed_criterion_sigma_I                     ? 
_reflns.percent_possible_obs                           100.000 
_reflns.R_free_details                                 ? 
_reflns.Rmerge_F_all                                   ? 
_reflns.Rmerge_F_obs                                   ? 
_reflns.Friedel_coverage                               ? 
_reflns.number_gt                                      ? 
_reflns.threshold_expression                           ? 
_reflns.pdbx_redundancy                                27.400 
_reflns.pdbx_Rmerge_I_obs                              0.121 
_reflns.pdbx_Rmerge_I_all                              ? 
_reflns.pdbx_Rsym_value                                ? 
_reflns.pdbx_netI_over_av_sigmaI                       ? 
_reflns.pdbx_netI_over_sigmaI                          31.600 
_reflns.pdbx_res_netI_over_av_sigmaI_2                 ? 
_reflns.pdbx_res_netI_over_sigmaI_2                    ? 
_reflns.pdbx_chi_squared                               ? 
_reflns.pdbx_scaling_rejects                           ? 
_reflns.pdbx_d_res_high_opt                            ? 
_reflns.pdbx_d_res_low_opt                             ? 
_reflns.pdbx_d_res_opt_method                          ? 
_reflns.phase_calculation_details                      ? 
_reflns.pdbx_Rrim_I_all                                0.123 
_reflns.pdbx_Rpim_I_all                                0.023 
_reflns.pdbx_d_opt                                     ? 
_reflns.pdbx_number_measured_all                       ? 
_reflns.pdbx_diffrn_id                                 1 
_reflns.pdbx_ordinal                                   1 
_reflns.pdbx_CC_half                                   1.000 
_reflns.pdbx_CC_star                                   ? 
_reflns.pdbx_R_split                                   ? 
_reflns.pdbx_aniso_diffraction_limit_axis_1_ortho[1]   ? 
_reflns.pdbx_aniso_diffraction_limit_axis_1_ortho[2]   ? 
_reflns.pdbx_aniso_diffraction_limit_axis_1_ortho[3]   ? 
_reflns.pdbx_aniso_diffraction_limit_axis_2_ortho[1]   ? 
_reflns.pdbx_aniso_diffraction_limit_axis_2_ortho[2]   ? 
_reflns.pdbx_aniso_diffraction_limit_axis_2_ortho[3]   ? 
_reflns.pdbx_aniso_diffraction_limit_axis_3_ortho[1]   ? 
_reflns.pdbx_aniso_diffraction_limit_axis_3_ortho[2]   ? 
_reflns.pdbx_aniso_diffraction_limit_axis_3_ortho[3]   ? 
_reflns.pdbx_aniso_diffraction_limit_1                 ? 
_reflns.pdbx_aniso_diffraction_limit_2                 ? 
_reflns.pdbx_aniso_diffraction_limit_3                 ? 
_reflns.pdbx_aniso_B_tensor_eigenvector_1_ortho[1]     ? 
_reflns.pdbx_aniso_B_tensor_eigenvector_1_ortho[2]     ? 
_reflns.pdbx_aniso_B_tensor_eigenvector_1_ortho[3]     ? 
_reflns.pdbx_aniso_B_tensor_eigenvector_2_ortho[1]     ? 
_reflns.pdbx_aniso_B_tensor_eigenvector_2_ortho[2]     ? 
_reflns.pdbx_aniso_B_tensor_eigenvector_2_ortho[3]     ? 
_reflns.pdbx_aniso_B_tensor_eigenvector_3_ortho[1]     ? 
_reflns.pdbx_aniso_B_tensor_eigenvector_3_ortho[2]     ? 
_reflns.pdbx_aniso_B_tensor_eigenvector_3_ortho[3]     ? 
_reflns.pdbx_aniso_B_tensor_eigenvalue_1               ? 
_reflns.pdbx_aniso_B_tensor_eigenvalue_2               ? 
_reflns.pdbx_aniso_B_tensor_eigenvalue_3               ? 
_reflns.pdbx_orthogonalization_convention              ? 
_reflns.pdbx_percent_possible_ellipsoidal              ? 
_reflns.pdbx_percent_possible_spherical                ? 
_reflns.pdbx_percent_possible_ellipsoidal_anomalous    ? 
_reflns.pdbx_percent_possible_spherical_anomalous      ? 
_reflns.pdbx_redundancy_anomalous                      ? 
_reflns.pdbx_CC_half_anomalous                         ? 
_reflns.pdbx_absDiff_over_sigma_anomalous              ? 
_reflns.pdbx_percent_possible_anomalous                ? 
_reflns.pdbx_observed_signal_threshold                 ? 
_reflns.pdbx_signal_type                               ? 
_reflns.pdbx_signal_details                            ? 
_reflns.pdbx_signal_software_id                        ? 
# 
loop_
_reflns_shell.d_res_high 
_reflns_shell.d_res_low 
_reflns_shell.meanI_over_sigI_all 
_reflns_shell.meanI_over_sigI_obs 
_reflns_shell.number_measured_all 
_reflns_shell.number_measured_obs 
_reflns_shell.number_possible 
_reflns_shell.number_unique_all 
_reflns_shell.number_unique_obs 
_reflns_shell.percent_possible_all 
_reflns_shell.percent_possible_obs 
_reflns_shell.Rmerge_F_all 
_reflns_shell.Rmerge_F_obs 
_reflns_shell.Rmerge_I_all 
_reflns_shell.Rmerge_I_obs 
_reflns_shell.meanI_over_sigI_gt 
_reflns_shell.meanI_over_uI_all 
_reflns_shell.meanI_over_uI_gt 
_reflns_shell.number_measured_gt 
_reflns_shell.number_unique_gt 
_reflns_shell.percent_possible_gt 
_reflns_shell.Rmerge_F_gt 
_reflns_shell.Rmerge_I_gt 
_reflns_shell.pdbx_redundancy 
_reflns_shell.pdbx_Rsym_value 
_reflns_shell.pdbx_chi_squared 
_reflns_shell.pdbx_netI_over_sigmaI_all 
_reflns_shell.pdbx_netI_over_sigmaI_obs 
_reflns_shell.pdbx_Rrim_I_all 
_reflns_shell.pdbx_Rpim_I_all 
_reflns_shell.pdbx_rejects 
_reflns_shell.pdbx_ordinal 
_reflns_shell.pdbx_diffrn_id 
_reflns_shell.pdbx_CC_half 
_reflns_shell.pdbx_CC_star 
_reflns_shell.pdbx_R_split 
_reflns_shell.pdbx_percent_possible_ellipsoidal 
_reflns_shell.pdbx_percent_possible_spherical 
_reflns_shell.pdbx_percent_possible_ellipsoidal_anomalous 
_reflns_shell.pdbx_percent_possible_spherical_anomalous 
_reflns_shell.pdbx_redundancy_anomalous 
_reflns_shell.pdbx_CC_half_anomalous 
_reflns_shell.pdbx_absDiff_over_sigma_anomalous 
_reflns_shell.pdbx_percent_possible_anomalous 
1.750 1.780  ? ? 18281 ? ? ? 888 99.900 ? ? ? ? 1.622 ? ? ? ? ? ? ? ? 20.600 ? ? ? 2.100  1.663 0.361 ? 1 1 0.637 ? ? ? ? ? ? ? ? 
? ? 
9.090 49.330 ? ? 2990  ? ? ? 157 98.500 ? ? ? ? 0.044 ? ? ? ? ? ? ? ? 19.000 ? ? ? 73.600 0.045 0.010 ? 2 1 0.999 ? ? ? ? ? ? ? ? 
? ? 
# 
_refine.aniso_B[1][1]                            ? 
_refine.aniso_B[1][2]                            ? 
_refine.aniso_B[1][3]                            ? 
_refine.aniso_B[2][2]                            ? 
_refine.aniso_B[2][3]                            ? 
_refine.aniso_B[3][3]                            ? 
_refine.B_iso_max                                145.990 
_refine.B_iso_mean                               30.6611 
_refine.B_iso_min                                12.170 
_refine.correlation_coeff_Fo_to_Fc               ? 
_refine.correlation_coeff_Fo_to_Fc_free          ? 
_refine.details                                  ? 
_refine.diff_density_max                         ? 
_refine.diff_density_max_esd                     ? 
_refine.diff_density_min                         ? 
_refine.diff_density_min_esd                     ? 
_refine.diff_density_rms                         ? 
_refine.diff_density_rms_esd                     ? 
_refine.entry_id                                 7XJ5 
_refine.pdbx_refine_id                           'X-RAY DIFFRACTION' 
_refine.ls_abs_structure_details                 ? 
_refine.ls_abs_structure_Flack                   ? 
_refine.ls_abs_structure_Flack_esd               ? 
_refine.ls_abs_structure_Rogers                  ? 
_refine.ls_abs_structure_Rogers_esd              ? 
_refine.ls_d_res_high                            1.7500 
_refine.ls_d_res_low                             34.4000 
_refine.ls_extinction_coef                       ? 
_refine.ls_extinction_coef_esd                   ? 
_refine.ls_extinction_expression                 ? 
_refine.ls_extinction_method                     ? 
_refine.ls_goodness_of_fit_all                   ? 
_refine.ls_goodness_of_fit_all_esd               ? 
_refine.ls_goodness_of_fit_obs                   ? 
_refine.ls_goodness_of_fit_obs_esd               ? 
_refine.ls_hydrogen_treatment                    ? 
_refine.ls_matrix_type                           ? 
_refine.ls_number_constraints                    ? 
_refine.ls_number_parameters                     ? 
_refine.ls_number_reflns_all                     ? 
_refine.ls_number_reflns_obs                     30578 
_refine.ls_number_reflns_R_free                  1536 
_refine.ls_number_reflns_R_work                  29042 
_refine.ls_number_restraints                     ? 
_refine.ls_percent_reflns_obs                    99.9700 
_refine.ls_percent_reflns_R_free                 5.0200 
_refine.ls_R_factor_all                          ? 
_refine.ls_R_factor_obs                          0.2713 
_refine.ls_R_factor_R_free                       0.2984 
_refine.ls_R_factor_R_free_error                 ? 
_refine.ls_R_factor_R_free_error_details         ? 
_refine.ls_R_factor_R_work                       0.2698 
_refine.ls_R_Fsqd_factor_obs                     ? 
_refine.ls_R_I_factor_obs                        ? 
_refine.ls_redundancy_reflns_all                 ? 
_refine.ls_redundancy_reflns_obs                 ? 
_refine.ls_restrained_S_all                      ? 
_refine.ls_restrained_S_obs                      ? 
_refine.ls_shift_over_esd_max                    ? 
_refine.ls_shift_over_esd_mean                   ? 
_refine.ls_structure_factor_coef                 ? 
_refine.ls_weighting_details                     ? 
_refine.ls_weighting_scheme                      ? 
_refine.ls_wR_factor_all                         ? 
_refine.ls_wR_factor_obs                         ? 
_refine.ls_wR_factor_R_free                      ? 
_refine.ls_wR_factor_R_work                      ? 
_refine.occupancy_max                            ? 
_refine.occupancy_min                            ? 
_refine.solvent_model_details                    'FLAT BULK SOLVENT MODEL' 
_refine.solvent_model_param_bsol                 ? 
_refine.solvent_model_param_ksol                 ? 
_refine.pdbx_R_complete                          ? 
_refine.ls_R_factor_gt                           ? 
_refine.ls_goodness_of_fit_gt                    ? 
_refine.ls_goodness_of_fit_ref                   ? 
_refine.ls_shift_over_su_max                     ? 
_refine.ls_shift_over_su_max_lt                  ? 
_refine.ls_shift_over_su_mean                    ? 
_refine.ls_shift_over_su_mean_lt                 ? 
_refine.pdbx_ls_sigma_I                          ? 
_refine.pdbx_ls_sigma_F                          1.940 
_refine.pdbx_ls_sigma_Fsqd                       ? 
_refine.pdbx_data_cutoff_high_absF               ? 
_refine.pdbx_data_cutoff_high_rms_absF           ? 
_refine.pdbx_data_cutoff_low_absF                ? 
_refine.pdbx_isotropic_thermal_model             ? 
_refine.pdbx_ls_cross_valid_method               THROUGHOUT 
_refine.pdbx_method_to_determine_struct          'MOLECULAR REPLACEMENT' 
_refine.pdbx_starting_model                      3QIN 
_refine.pdbx_stereochemistry_target_values       ML 
_refine.pdbx_R_Free_selection_details            ? 
_refine.pdbx_stereochem_target_val_spec_case     ? 
_refine.pdbx_overall_ESU_R                       ? 
_refine.pdbx_overall_ESU_R_Free                  ? 
_refine.pdbx_solvent_vdw_probe_radii             1.1100 
_refine.pdbx_solvent_ion_probe_radii             ? 
_refine.pdbx_solvent_shrinkage_radii             0.9000 
_refine.pdbx_real_space_R                        ? 
_refine.pdbx_density_correlation                 ? 
_refine.pdbx_pd_number_of_powder_patterns        ? 
_refine.pdbx_pd_number_of_points                 ? 
_refine.pdbx_pd_meas_number_of_points            ? 
_refine.pdbx_pd_proc_ls_prof_R_factor            ? 
_refine.pdbx_pd_proc_ls_prof_wR_factor           ? 
_refine.pdbx_pd_Marquardt_correlation_coeff      ? 
_refine.pdbx_pd_Fsqrd_R_factor                   ? 
_refine.pdbx_pd_ls_matrix_band_width             ? 
_refine.pdbx_overall_phase_error                 32.4800 
_refine.pdbx_overall_SU_R_free_Cruickshank_DPI   ? 
_refine.pdbx_overall_SU_R_free_Blow_DPI          ? 
_refine.pdbx_overall_SU_R_Blow_DPI               ? 
_refine.pdbx_TLS_residual_ADP_flag               ? 
_refine.pdbx_diffrn_id                           1 
_refine.overall_SU_B                             ? 
_refine.overall_SU_ML                            0.2500 
_refine.overall_SU_R_Cruickshank_DPI             ? 
_refine.overall_SU_R_free                        ? 
_refine.overall_FOM_free_R_set                   ? 
_refine.overall_FOM_work_R_set                   ? 
_refine.pdbx_average_fsc_overall                 ? 
_refine.pdbx_average_fsc_work                    ? 
_refine.pdbx_average_fsc_free                    ? 
# 
_refine_hist.pdbx_refine_id                   'X-RAY DIFFRACTION' 
_refine_hist.cycle_id                         final 
_refine_hist.details                          ? 
_refine_hist.d_res_high                       1.7500 
_refine_hist.d_res_low                        34.4000 
_refine_hist.number_atoms_solvent             34 
_refine_hist.number_atoms_total               1217 
_refine_hist.number_reflns_all                ? 
_refine_hist.number_reflns_obs                ? 
_refine_hist.number_reflns_R_free             ? 
_refine_hist.number_reflns_R_work             ? 
_refine_hist.R_factor_all                     ? 
_refine_hist.R_factor_obs                     ? 
_refine_hist.R_factor_R_free                  ? 
_refine_hist.R_factor_R_work                  ? 
_refine_hist.pdbx_number_residues_total       146 
_refine_hist.pdbx_B_iso_mean_ligand           71.23 
_refine_hist.pdbx_B_iso_mean_solvent          29.24 
_refine_hist.pdbx_number_atoms_protein        1154 
_refine_hist.pdbx_number_atoms_nucleic_acid   0 
_refine_hist.pdbx_number_atoms_ligand         29 
_refine_hist.pdbx_number_atoms_lipid          ? 
_refine_hist.pdbx_number_atoms_carb           ? 
_refine_hist.pdbx_pseudo_atom_details         ? 
# 
loop_
_refine_ls_shell.pdbx_refine_id 
_refine_ls_shell.d_res_high 
_refine_ls_shell.d_res_low 
_refine_ls_shell.number_reflns_all 
_refine_ls_shell.number_reflns_obs 
_refine_ls_shell.number_reflns_R_free 
_refine_ls_shell.number_reflns_R_work 
_refine_ls_shell.percent_reflns_obs 
_refine_ls_shell.percent_reflns_R_free 
_refine_ls_shell.R_factor_all 
_refine_ls_shell.R_factor_obs 
_refine_ls_shell.R_factor_R_free 
_refine_ls_shell.R_factor_R_free_error 
_refine_ls_shell.R_factor_R_work 
_refine_ls_shell.redundancy_reflns_all 
_refine_ls_shell.redundancy_reflns_obs 
_refine_ls_shell.wR_factor_all 
_refine_ls_shell.wR_factor_obs 
_refine_ls_shell.wR_factor_R_free 
_refine_ls_shell.wR_factor_R_work 
_refine_ls_shell.pdbx_R_complete 
_refine_ls_shell.pdbx_total_number_of_bins_used 
_refine_ls_shell.pdbx_phase_error 
_refine_ls_shell.pdbx_fsc_work 
_refine_ls_shell.pdbx_fsc_free 
'X-RAY DIFFRACTION' 1.7500 1.8000  2794 . 142 2652 100.0000 . . . 0.3735 0.0000 0.3598 . . . . . . . 11 . . . 
'X-RAY DIFFRACTION' 1.8000 1.8700  2758 . 138 2620 100.0000 . . . 0.3991 0.0000 0.3298 . . . . . . . 11 . . . 
'X-RAY DIFFRACTION' 1.8700 1.9400  2766 . 137 2629 100.0000 . . . 0.3861 0.0000 0.3145 . . . . . . . 11 . . . 
'X-RAY DIFFRACTION' 1.9400 2.0300  2808 . 138 2670 100.0000 . . . 0.2868 0.0000 0.2875 . . . . . . . 11 . . . 
'X-RAY DIFFRACTION' 2.0300 2.1400  2768 . 141 2627 100.0000 . . . 0.3055 0.0000 0.2791 . . . . . . . 11 . . . 
'X-RAY DIFFRACTION' 2.1400 2.2700  2786 . 134 2652 100.0000 . . . 0.3185 0.0000 0.2884 . . . . . . . 11 . . . 
'X-RAY DIFFRACTION' 2.2700 2.4500  2800 . 139 2661 100.0000 . . . 0.3057 0.0000 0.2925 . . . . . . . 11 . . . 
'X-RAY DIFFRACTION' 2.4500 2.7000  2745 . 138 2607 100.0000 . . . 0.3410 0.0000 0.2781 . . . . . . . 11 . . . 
'X-RAY DIFFRACTION' 2.7000 3.0900  2798 . 143 2655 100.0000 . . . 0.2982 0.0000 0.2804 . . . . . . . 11 . . . 
'X-RAY DIFFRACTION' 3.0900 3.8900  2772 . 143 2629 100.0000 . . . 0.2541 0.0000 0.2400 . . . . . . . 11 . . . 
'X-RAY DIFFRACTION' 3.8900 34.4000 2783 . 143 2640 100.0000 . . . 0.2779 0.0000 0.2411 . . . . . . . 11 . . . 
# 
_struct.entry_id                     7XJ5 
_struct.title                        
;Crystal structure of engineered HIV-1 Reverse Transcriptase RNase H domain complexed with nitrofuran methoxy(methoxycarbonyl)phenyl ester
;
_struct.pdbx_model_details           ? 
_struct.pdbx_formula_weight          ? 
_struct.pdbx_formula_weight_method   ? 
_struct.pdbx_model_type_details      ? 
_struct.pdbx_CASP_flag               N 
# 
_struct_keywords.entry_id        7XJ5 
_struct_keywords.text            'ribonuclease, VIRAL PROTEIN' 
_struct_keywords.pdbx_keywords   'VIRAL PROTEIN' 
# 
loop_
_struct_asym.id 
_struct_asym.pdbx_blank_PDB_chainid_flag 
_struct_asym.pdbx_modified 
_struct_asym.entity_id 
_struct_asym.details 
A N N 1 ? 
B N N 2 ? 
C N N 3 ? 
D N N 3 ? 
E N N 4 ? 
F N N 4 ? 
G N N 5 ? 
# 
loop_
_struct_conf.conf_type_id 
_struct_conf.id 
_struct_conf.pdbx_PDB_helix_id 
_struct_conf.beg_label_comp_id 
_struct_conf.beg_label_asym_id 
_struct_conf.beg_label_seq_id 
_struct_conf.pdbx_beg_PDB_ins_code 
_struct_conf.end_label_comp_id 
_struct_conf.end_label_asym_id 
_struct_conf.end_label_seq_id 
_struct_conf.pdbx_end_PDB_ins_code 
_struct_conf.beg_auth_comp_id 
_struct_conf.beg_auth_asym_id 
_struct_conf.beg_auth_seq_id 
_struct_conf.end_auth_comp_id 
_struct_conf.end_auth_asym_id 
_struct_conf.end_auth_seq_id 
_struct_conf.pdbx_PDB_helix_class 
_struct_conf.details 
_struct_conf.pdbx_PDB_helix_length 
HELX_P HELX_P1 AA1 THR A 53  ? SER A 69  ? THR A 53  SER A 69  1 ? 17 
HELX_P HELX_P2 AA2 SER A 79  ? ASN A 92  ? SER A 79  ASN A 92  1 ? 14 
HELX_P HELX_P3 AA3 ASN A 104 ? ILE A 116 ? ASN A 104 ILE A 116 1 ? 13 
HELX_P HELX_P4 AA4 GLY A 133 ? ALA A 144 ? GLY A 133 ALA A 144 1 ? 12 
# 
_struct_conf_type.id          HELX_P 
_struct_conf_type.criteria    ? 
_struct_conf_type.reference   ? 
# 
loop_
_struct_conn.id 
_struct_conn.conn_type_id 
_struct_conn.pdbx_leaving_atom_flag 
_struct_conn.pdbx_PDB_id 
_struct_conn.ptnr1_label_asym_id 
_struct_conn.ptnr1_label_comp_id 
_struct_conn.ptnr1_label_seq_id 
_struct_conn.ptnr1_label_atom_id 
_struct_conn.pdbx_ptnr1_label_alt_id 
_struct_conn.pdbx_ptnr1_PDB_ins_code 
_struct_conn.pdbx_ptnr1_standard_comp_id 
_struct_conn.ptnr1_symmetry 
_struct_conn.ptnr2_label_asym_id 
_struct_conn.ptnr2_label_comp_id 
_struct_conn.ptnr2_label_seq_id 
_struct_conn.ptnr2_label_atom_id 
_struct_conn.pdbx_ptnr2_label_alt_id 
_struct_conn.pdbx_ptnr2_PDB_ins_code 
_struct_conn.ptnr1_auth_asym_id 
_struct_conn.ptnr1_auth_comp_id 
_struct_conn.ptnr1_auth_seq_id 
_struct_conn.ptnr2_auth_asym_id 
_struct_conn.ptnr2_auth_comp_id 
_struct_conn.ptnr2_auth_seq_id 
_struct_conn.ptnr2_symmetry 
_struct_conn.pdbx_ptnr3_label_atom_id 
_struct_conn.pdbx_ptnr3_label_seq_id 
_struct_conn.pdbx_ptnr3_label_comp_id 
_struct_conn.pdbx_ptnr3_label_asym_id 
_struct_conn.pdbx_ptnr3_label_alt_id 
_struct_conn.pdbx_ptnr3_PDB_ins_code 
_struct_conn.details 
_struct_conn.pdbx_dist_value 
_struct_conn.pdbx_value_order 
_struct_conn.pdbx_role 
metalc1  metalc ? ? A ASP 23  OD1 ? ? ? 1_555 C MN  . MN ? ? A ASP 23  A MN  202 1_555 ? ? ? ? ? ? ? 1.834 ? ? 
metalc2  metalc ? ? A ASP 23  OD2 ? ? ? 1_555 D MN  . MN ? ? A ASP 23  A MN  203 1_555 ? ? ? ? ? ? ? 1.861 ? ? 
metalc3  metalc ? ? A ASP 51  OD1 ? ? ? 1_555 E ZN  . ZN ? ? A ASP 51  A ZN  204 1_555 ? ? ? ? ? ? ? 2.054 ? ? 
metalc4  metalc ? ? A ASP 51  OD2 ? ? ? 1_555 E ZN  . ZN ? ? A ASP 51  A ZN  204 1_555 ? ? ? ? ? ? ? 2.587 ? ? 
metalc5  metalc ? ? A GLU 58  OE2 ? ? ? 1_555 C MN  . MN ? ? A GLU 58  A MN  202 1_555 ? ? ? ? ? ? ? 2.254 ? ? 
metalc6  metalc ? ? A GLU 72  OE2 ? ? ? 1_555 F ZN  . ZN ? ? A GLU 72  A ZN  205 1_555 ? ? ? ? ? ? ? 1.827 ? ? 
metalc7  metalc ? ? A ASP 78  OD1 ? ? ? 1_555 C MN  . MN ? ? A ASP 78  A MN  202 1_555 ? ? ? ? ? ? ? 2.367 ? ? 
metalc8  metalc ? ? A ASP 78  OD2 ? ? ? 1_555 D MN  . MN ? ? A ASP 78  A MN  203 1_555 ? ? ? ? ? ? ? 2.323 ? ? 
metalc9  metalc ? ? A HIS 91  ND1 ? ? ? 1_555 F ZN  . ZN ? ? A HIS 91  A ZN  205 4_454 ? ? ? ? ? ? ? 2.285 ? ? 
metalc10 metalc ? ? A GLU 119 OE1 ? ? ? 1_555 F ZN  . ZN ? ? A GLU 119 A ZN  205 1_555 ? ? ? ? ? ? ? 1.850 ? ? 
metalc11 metalc ? ? A HIS 129 NE2 ? ? ? 1_555 E ZN  . ZN ? ? A HIS 129 A ZN  204 5_555 ? ? ? ? ? ? ? 2.143 ? ? 
metalc12 metalc ? ? A GLU 136 OE1 ? ? ? 1_555 E ZN  . ZN ? ? A GLU 136 A ZN  204 5_555 ? ? ? ? ? ? ? 2.039 ? ? 
metalc13 metalc ? ? A ASP 139 OD1 ? ? ? 1_555 D MN  . MN ? ? A ASP 139 A MN  203 1_555 ? ? ? ? ? ? ? 2.677 ? ? 
metalc14 metalc ? ? B ECW .   OAH ? ? ? 1_555 C MN  . MN ? ? A ECW 201 A MN  202 1_555 ? ? ? ? ? ? ? 2.226 ? ? 
metalc15 metalc ? ? B ECW .   OAK ? ? ? 1_555 D MN  . MN ? ? A ECW 201 A MN  203 1_555 ? ? ? ? ? ? ? 1.919 ? ? 
metalc16 metalc ? ? E ZN  .   ZN  ? ? ? 1_555 G HOH . O  ? ? A ZN  204 A HOH 326 1_555 ? ? ? ? ? ? ? 2.096 ? ? 
# 
_struct_conn_type.id          metalc 
_struct_conn_type.criteria    ? 
_struct_conn_type.reference   ? 
# 
_struct_sheet.id               AA1 
_struct_sheet.type             ? 
_struct_sheet.number_strands   5 
_struct_sheet.details          ? 
# 
loop_
_struct_sheet_order.sheet_id 
_struct_sheet_order.range_id_1 
_struct_sheet_order.range_id_2 
_struct_sheet_order.offset 
_struct_sheet_order.sense 
AA1 1 2 ? anti-parallel 
AA1 2 3 ? anti-parallel 
AA1 3 4 ? parallel      
AA1 4 5 ? parallel      
# 
loop_
_struct_sheet_range.sheet_id 
_struct_sheet_range.id 
_struct_sheet_range.beg_label_comp_id 
_struct_sheet_range.beg_label_asym_id 
_struct_sheet_range.beg_label_seq_id 
_struct_sheet_range.pdbx_beg_PDB_ins_code 
_struct_sheet_range.end_label_comp_id 
_struct_sheet_range.end_label_asym_id 
_struct_sheet_range.end_label_seq_id 
_struct_sheet_range.pdbx_end_PDB_ins_code 
_struct_sheet_range.beg_auth_comp_id 
_struct_sheet_range.beg_auth_asym_id 
_struct_sheet_range.beg_auth_seq_id 
_struct_sheet_range.end_auth_comp_id 
_struct_sheet_range.end_auth_asym_id 
_struct_sheet_range.end_auth_seq_id 
AA1 1 GLN A 44  ? LEU A 49  ? GLN A 44  LEU A 49  
AA1 2 GLY A 33  ? THR A 39  ? GLY A 33  THR A 39  
AA1 3 THR A 19  ? ALA A 26  ? THR A 19  ALA A 26  
AA1 4 GLU A 72  ? THR A 77  ? GLU A 72  THR A 77  
AA1 5 LYS A 120 ? TRP A 125 ? LYS A 120 TRP A 125 
# 
loop_
_pdbx_struct_sheet_hbond.sheet_id 
_pdbx_struct_sheet_hbond.range_id_1 
_pdbx_struct_sheet_hbond.range_id_2 
_pdbx_struct_sheet_hbond.range_1_label_atom_id 
_pdbx_struct_sheet_hbond.range_1_label_comp_id 
_pdbx_struct_sheet_hbond.range_1_label_asym_id 
_pdbx_struct_sheet_hbond.range_1_label_seq_id 
_pdbx_struct_sheet_hbond.range_1_PDB_ins_code 
_pdbx_struct_sheet_hbond.range_1_auth_atom_id 
_pdbx_struct_sheet_hbond.range_1_auth_comp_id 
_pdbx_struct_sheet_hbond.range_1_auth_asym_id 
_pdbx_struct_sheet_hbond.range_1_auth_seq_id 
_pdbx_struct_sheet_hbond.range_2_label_atom_id 
_pdbx_struct_sheet_hbond.range_2_label_comp_id 
_pdbx_struct_sheet_hbond.range_2_label_asym_id 
_pdbx_struct_sheet_hbond.range_2_label_seq_id 
_pdbx_struct_sheet_hbond.range_2_PDB_ins_code 
_pdbx_struct_sheet_hbond.range_2_auth_atom_id 
_pdbx_struct_sheet_hbond.range_2_auth_comp_id 
_pdbx_struct_sheet_hbond.range_2_auth_asym_id 
_pdbx_struct_sheet_hbond.range_2_auth_seq_id 
AA1 1 2 O VAL A 47 ? O VAL A 47 N ALA A 35  ? N ALA A 35  
AA1 2 3 O VAL A 38 ? O VAL A 38 N TYR A 21  ? N TYR A 21  
AA1 3 4 N PHE A 20 ? N PHE A 20 O ASN A 74  ? O ASN A 74  
AA1 4 5 N ILE A 75 ? N ILE A 75 O TYR A 122 ? O TYR A 122 
# 
_atom_sites.entry_id                    7XJ5 
_atom_sites.Cartn_transf_matrix[1][1]   ? 
_atom_sites.Cartn_transf_matrix[1][2]   ? 
_atom_sites.Cartn_transf_matrix[1][3]   ? 
_atom_sites.Cartn_transf_matrix[2][1]   ? 
_atom_sites.Cartn_transf_matrix[2][2]   ? 
_atom_sites.Cartn_transf_matrix[2][3]   ? 
_atom_sites.Cartn_transf_matrix[3][1]   ? 
_atom_sites.Cartn_transf_matrix[3][2]   ? 
_atom_sites.Cartn_transf_matrix[3][3]   ? 
_atom_sites.Cartn_transf_vector[1]      ? 
_atom_sites.Cartn_transf_vector[2]      ? 
_atom_sites.Cartn_transf_vector[3]      ? 
_atom_sites.fract_transf_matrix[1][1]   0.01215157 
_atom_sites.fract_transf_matrix[1][2]   0.00187209 
_atom_sites.fract_transf_matrix[1][3]   -0.01072597 
_atom_sites.fract_transf_matrix[2][1]   0.00952715 
_atom_sites.fract_transf_matrix[2][2]   0.00595302 
_atom_sites.fract_transf_matrix[2][3]   0.01183244 
_atom_sites.fract_transf_matrix[3][1]   0.00388678 
_atom_sites.fract_transf_matrix[3][2]   -0.01111624 
_atom_sites.fract_transf_matrix[3][3]   0.00246317 
_atom_sites.fract_transf_vector[1]      0.146417 
_atom_sites.fract_transf_vector[2]      0.229834 
_atom_sites.fract_transf_vector[3]      0.182778 
_atom_sites.solution_primary            ? 
_atom_sites.solution_secondary          ? 
_atom_sites.solution_hydrogens          ? 
_atom_sites.special_details             ? 
# 
loop_
_atom_type.symbol 
BR 
C  
MN 
N  
O  
S  
ZN 
# 
loop_
_atom_site.group_PDB 
_atom_site.id 
_atom_site.type_symbol 
_atom_site.label_atom_id 
_atom_site.label_alt_id 
_atom_site.label_comp_id 
_atom_site.label_asym_id 
_atom_site.label_entity_id 
_atom_site.label_seq_id 
_atom_site.pdbx_PDB_ins_code 
_atom_site.Cartn_x 
_atom_site.Cartn_y 
_atom_site.Cartn_z 
_atom_site.occupancy 
_atom_site.B_iso_or_equiv 
_atom_site.pdbx_formal_charge 
_atom_site.auth_seq_id 
_atom_site.auth_comp_id 
_atom_site.auth_asym_id 
_atom_site.auth_atom_id 
_atom_site.pdbx_PDB_model_num 
ATOM   1    N  N   . GLY A 1 4   ? -2.999  -0.861  17.546  1.00 46.45  ? 4   GLY A N   1 
ATOM   2    C  CA  . GLY A 1 4   ? -4.316  -0.639  18.116  1.00 53.28  ? 4   GLY A CA  1 
ATOM   3    C  C   . GLY A 1 4   ? -4.776  -1.766  19.014  1.00 64.42  ? 4   GLY A C   1 
ATOM   4    O  O   . GLY A 1 4   ? -4.486  -1.790  20.205  1.00 71.55  ? 4   GLY A O   1 
ATOM   5    N  N   . SER A 1 5   ? -5.503  -2.712  18.432  1.00 58.84  ? 5   SER A N   1 
ATOM   6    C  CA  . SER A 1 5   ? -5.979  -3.863  19.182  1.00 62.54  ? 5   SER A CA  1 
ATOM   7    C  C   . SER A 1 5   ? -5.650  -5.195  18.514  1.00 65.12  ? 5   SER A C   1 
ATOM   8    O  O   . SER A 1 5   ? -4.892  -5.985  19.087  1.00 70.83  ? 5   SER A O   1 
ATOM   9    C  CB  . SER A 1 5   ? -7.476  -3.704  19.437  1.00 65.48  ? 5   SER A CB  1 
ATOM   10   O  OG  . SER A 1 5   ? -7.868  -4.332  20.646  1.00 69.09  ? 5   SER A OG  1 
ATOM   11   N  N   . MET A 1 6   ? -6.173  -5.455  17.312  1.00 66.70  ? 6   MET A N   1 
ATOM   12   C  CA  . MET A 1 6   ? -5.847  -6.729  16.672  1.00 68.47  ? 6   MET A CA  1 
ATOM   13   C  C   . MET A 1 6   ? -4.408  -6.786  16.206  1.00 59.43  ? 6   MET A C   1 
ATOM   14   O  O   . MET A 1 6   ? -3.948  -7.852  15.776  1.00 57.41  ? 6   MET A O   1 
ATOM   15   C  CB  . MET A 1 6   ? -6.714  -7.007  15.448  1.00 64.66  ? 6   MET A CB  1 
ATOM   16   C  CG  . MET A 1 6   ? -6.814  -5.866  14.466  1.00 58.56  ? 6   MET A CG  1 
ATOM   17   S  SD  . MET A 1 6   ? -8.297  -5.980  13.472  1.00 67.60  ? 6   MET A SD  1 
ATOM   18   C  CE  . MET A 1 6   ? -7.925  -7.347  12.386  1.00 57.86  ? 6   MET A CE  1 
ATOM   19   N  N   . TYR A 1 7   ? -3.693  -5.664  16.246  1.00 57.39  ? 7   TYR A N   1 
ATOM   20   C  CA  . TYR A 1 7   ? -2.341  -5.547  15.722  1.00 50.13  ? 7   TYR A CA  1 
ATOM   21   C  C   . TYR A 1 7   ? -1.789  -4.204  16.158  1.00 50.89  ? 7   TYR A C   1 
ATOM   22   O  O   . TYR A 1 7   ? -2.544  -3.262  16.413  1.00 44.82  ? 7   TYR A O   1 
ATOM   23   C  CB  . TYR A 1 7   ? -2.322  -5.663  14.192  1.00 46.03  ? 7   TYR A CB  1 
ATOM   24   C  CG  . TYR A 1 7   ? -0.997  -6.114  13.626  1.00 41.34  ? 7   TYR A CG  1 
ATOM   25   C  CD1 . TYR A 1 7   ? -0.681  -7.463  13.541  1.00 43.07  ? 7   TYR A CD1 1 
ATOM   26   C  CD2 . TYR A 1 7   ? -0.062  -5.190  13.179  1.00 40.19  ? 7   TYR A CD2 1 
ATOM   27   C  CE1 . TYR A 1 7   ? 0.531   -7.880  13.025  1.00 41.47  ? 7   TYR A CE1 1 
ATOM   28   C  CE2 . TYR A 1 7   ? 1.150   -5.595  12.662  1.00 37.93  ? 7   TYR A CE2 1 
ATOM   29   C  CZ  . TYR A 1 7   ? 1.442   -6.941  12.587  1.00 37.23  ? 7   TYR A CZ  1 
ATOM   30   O  OH  . TYR A 1 7   ? 2.651   -7.343  12.073  1.00 32.21  ? 7   TYR A OH  1 
ATOM   31   N  N   . GLN A 1 8   ? -0.468  -4.131  16.256  1.00 40.23  ? 8   GLN A N   1 
ATOM   32   C  CA  . GLN A 1 8   ? 0.230   -2.869  16.466  1.00 39.09  ? 8   GLN A CA  1 
ATOM   33   C  C   . GLN A 1 8   ? 1.200   -2.687  15.312  1.00 35.34  ? 8   GLN A C   1 
ATOM   34   O  O   . GLN A 1 8   ? 2.174   -3.437  15.192  1.00 40.51  ? 8   GLN A O   1 
ATOM   35   C  CB  . GLN A 1 8   ? 0.967   -2.843  17.804  1.00 45.84  ? 8   GLN A CB  1 
ATOM   36   C  CG  . GLN A 1 8   ? 0.147   -2.303  18.960  1.00 54.28  ? 8   GLN A CG  1 
ATOM   37   C  CD  . GLN A 1 8   ? 0.316   -3.127  20.217  1.00 63.10  ? 8   GLN A CD  1 
ATOM   38   O  OE1 . GLN A 1 8   ? 0.020   -4.321  20.236  1.00 58.52  ? 8   GLN A OE1 1 
ATOM   39   N  NE2 . GLN A 1 8   ? 0.804   -2.493  21.278  1.00 69.64  ? 8   GLN A NE2 1 
ATOM   40   N  N   . LEU A 1 9   ? 0.926   -1.711  14.453  1.00 31.80  ? 9   LEU A N   1 
ATOM   41   C  CA  . LEU A 1 9   ? 1.933   -1.306  13.488  1.00 28.02  ? 9   LEU A CA  1 
ATOM   42   C  C   . LEU A 1 9   ? 3.139   -0.746  14.232  1.00 29.66  ? 9   LEU A C   1 
ATOM   43   O  O   . LEU A 1 9   ? 3.025   -0.249  15.356  1.00 24.60  ? 9   LEU A O   1 
ATOM   44   C  CB  . LEU A 1 9   ? 1.366   -0.270  12.518  1.00 26.18  ? 9   LEU A CB  1 
ATOM   45   C  CG  . LEU A 1 9   ? 0.192   -0.745  11.655  1.00 31.24  ? 9   LEU A CG  1 
ATOM   46   C  CD1 . LEU A 1 9   ? -0.453  0.425   10.921  1.00 31.02  ? 9   LEU A CD1 1 
ATOM   47   C  CD2 . LEU A 1 9   ? 0.633   -1.822  10.680  1.00 30.54  ? 9   LEU A CD2 1 
ATOM   48   N  N   . GLU A 1 10  ? 4.308   -0.853  13.610  1.00 24.65  ? 10  GLU A N   1 
ATOM   49   C  CA  . GLU A 1 10  ? 5.521   -0.363  14.247  1.00 22.02  ? 10  GLU A CA  1 
ATOM   50   C  C   . GLU A 1 10  ? 5.529   1.161   14.277  1.00 26.75  ? 10  GLU A C   1 
ATOM   51   O  O   . GLU A 1 10  ? 4.925   1.823   13.435  1.00 25.26  ? 10  GLU A O   1 
ATOM   52   C  CB  . GLU A 1 10  ? 6.758   -0.875  13.515  1.00 26.37  ? 10  GLU A CB  1 
ATOM   53   C  CG  . GLU A 1 10  ? 6.895   -2.385  13.520  1.00 25.73  ? 10  GLU A CG  1 
ATOM   54   C  CD  . GLU A 1 10  ? 7.068   -2.943  14.919  1.00 25.55  ? 10  GLU A CD  1 
ATOM   55   O  OE1 . GLU A 1 10  ? 7.963   -2.463  15.649  1.00 28.55  ? 10  GLU A OE1 1 
ATOM   56   O  OE2 . GLU A 1 10  ? 6.311   -3.865  15.286  1.00 32.18  ? 10  GLU A OE2 1 
ATOM   57   N  N   . LYS A 1 11  ? 6.228   1.721   15.262  1.00 22.64  ? 11  LYS A N   1 
ATOM   58   C  CA  . LYS A 1 11  ? 6.296   3.167   15.417  1.00 28.76  ? 11  LYS A CA  1 
ATOM   59   C  C   . LYS A 1 11  ? 7.413   3.817   14.589  1.00 28.82  ? 11  LYS A C   1 
ATOM   60   O  O   . LYS A 1 11  ? 7.428   5.060   14.480  1.00 30.39  ? 11  LYS A O   1 
ATOM   61   C  CB  . LYS A 1 11  ? 6.437   3.506   16.916  1.00 29.19  ? 11  LYS A CB  1 
ATOM   62   C  CG  . LYS A 1 11  ? 5.167   3.266   17.751  1.00 32.23  ? 11  LYS A CG  1 
ATOM   63   C  CD  . LYS A 1 11  ? 3.910   3.744   17.018  1.00 36.03  ? 11  LYS A CD  1 
ATOM   64   C  CE  . LYS A 1 11  ? 2.737   3.953   17.976  1.00 46.23  ? 11  LYS A CE  1 
ATOM   65   N  NZ  . LYS A 1 11  ? 1.902   5.137   17.604  1.00 51.18  ? 11  LYS A NZ  1 
ATOM   66   N  N   . GLU A 1 12  ? 8.416   3.004   14.257  1.00 29.23  ? 12  GLU A N   1 
ATOM   67   C  CA  . GLU A 1 12  ? 9.604   3.431   13.496  1.00 26.50  ? 12  GLU A CA  1 
ATOM   68   C  C   . GLU A 1 12  ? 9.959   2.313   12.500  1.00 21.48  ? 12  GLU A C   1 
ATOM   69   O  O   . GLU A 1 12  ? 9.548   1.185   12.747  1.00 23.07  ? 12  GLU A O   1 
ATOM   70   C  CB  . GLU A 1 12  ? 10.765  3.635   14.467  1.00 32.99  ? 12  GLU A CB  1 
ATOM   71   C  CG  . GLU A 1 12  ? 10.969  2.511   15.461  1.00 36.26  ? 12  GLU A CG  1 
ATOM   72   C  CD  . GLU A 1 12  ? 10.312  2.716   16.814  1.00 45.06  ? 12  GLU A CD  1 
ATOM   73   O  OE1 . GLU A 1 12  ? 10.089  1.715   17.501  1.00 44.70  ? 12  GLU A OE1 1 
ATOM   74   O  OE2 . GLU A 1 12  ? 10.028  3.867   17.169  1.00 39.19  ? 12  GLU A OE2 1 
ATOM   75   N  N   . PRO A 1 13  ? 10.716  2.555   11.407  1.00 21.22  ? 13  PRO A N   1 
ATOM   76   C  CA  . PRO A 1 13  ? 11.054  1.455   10.491  1.00 22.35  ? 13  PRO A CA  1 
ATOM   77   C  C   . PRO A 1 13  ? 11.755  0.326   11.223  1.00 24.49  ? 13  PRO A C   1 
ATOM   78   O  O   . PRO A 1 13  ? 12.500  0.531   12.185  1.00 22.31  ? 13  PRO A O   1 
ATOM   79   C  CB  . PRO A 1 13  ? 11.962  2.150   9.475   1.00 21.54  ? 13  PRO A CB  1 
ATOM   80   C  CG  . PRO A 1 13  ? 11.581  3.609   9.569   1.00 19.56  ? 13  PRO A CG  1 
ATOM   81   C  CD  . PRO A 1 13  ? 11.295  3.830   10.997  1.00 19.18  ? 13  PRO A CD  1 
ATOM   82   N  N   . ILE A 1 14  ? 11.465  -0.883  10.766  1.00 21.94  ? 14  ILE A N   1 
ATOM   83   C  CA  . ILE A 1 14  ? 12.095  -2.095  11.274  1.00 23.37  ? 14  ILE A CA  1 
ATOM   84   C  C   . ILE A 1 14  ? 13.514  -2.154  10.722  1.00 21.15  ? 14  ILE A C   1 
ATOM   85   O  O   . ILE A 1 14  ? 13.714  -2.335  9.519   1.00 23.52  ? 14  ILE A O   1 
ATOM   86   C  CB  . ILE A 1 14  ? 11.296  -3.342  10.883  1.00 22.39  ? 14  ILE A CB  1 
ATOM   87   C  CG1 . ILE A 1 14  ? 9.848   -3.204  11.362  1.00 21.33  ? 14  ILE A CG1 1 
ATOM   88   C  CG2 . ILE A 1 14  ? 11.964  -4.595  11.427  1.00 23.94  ? 14  ILE A CG2 1 
ATOM   89   C  CD1 . ILE A 1 14  ? 8.840   -3.979  10.526  1.00 20.84  ? 14  ILE A CD1 1 
ATOM   90   N  N   . VAL A 1 15  ? 14.505  -1.995  11.599  1.00 19.65  ? 15  VAL A N   1 
ATOM   91   C  CA  . VAL A 1 15  ? 15.893  -1.988  11.159  1.00 22.63  ? 15  VAL A CA  1 
ATOM   92   C  C   . VAL A 1 15  ? 16.260  -3.367  10.629  1.00 21.21  ? 15  VAL A C   1 
ATOM   93   O  O   . VAL A 1 15  ? 15.942  -4.393  11.245  1.00 25.52  ? 15  VAL A O   1 
ATOM   94   C  CB  . VAL A 1 15  ? 16.820  -1.557  12.305  1.00 19.07  ? 15  VAL A CB  1 
ATOM   95   C  CG1 . VAL A 1 15  ? 18.251  -1.486  11.818  1.00 21.99  ? 15  VAL A CG1 1 
ATOM   96   C  CG2 . VAL A 1 15  ? 16.385  -0.210  12.856  1.00 26.44  ? 15  VAL A CG2 1 
ATOM   97   N  N   . GLY A 1 16  ? 16.918  -3.397  9.471   1.00 26.47  ? 16  GLY A N   1 
ATOM   98   C  CA  . GLY A 1 16  ? 17.327  -4.627  8.838   1.00 22.20  ? 16  GLY A CA  1 
ATOM   99   C  C   . GLY A 1 16  ? 16.363  -5.177  7.806   1.00 24.47  ? 16  GLY A C   1 
ATOM   100  O  O   . GLY A 1 16  ? 16.792  -5.928  6.923   1.00 25.31  ? 16  GLY A O   1 
ATOM   101  N  N   . ALA A 1 17  ? 15.078  -4.834  7.887   1.00 20.33  ? 17  ALA A N   1 
ATOM   102  C  CA  . ALA A 1 17  ? 14.061  -5.479  7.067   1.00 19.96  ? 17  ALA A CA  1 
ATOM   103  C  C   . ALA A 1 17  ? 13.950  -4.811  5.702   1.00 27.49  ? 17  ALA A C   1 
ATOM   104  O  O   . ALA A 1 17  ? 14.176  -3.607  5.556   1.00 20.83  ? 17  ALA A O   1 
ATOM   105  C  CB  . ALA A 1 17  ? 12.703  -5.455  7.767   1.00 23.57  ? 17  ALA A CB  1 
ATOM   106  N  N   . GLU A 1 18  ? 13.598  -5.616  4.699   1.00 20.09  ? 18  GLU A N   1 
ATOM   107  C  CA  . GLU A 1 18  ? 13.416  -5.102  3.347   1.00 23.18  ? 18  GLU A CA  1 
ATOM   108  C  C   . GLU A 1 18  ? 12.319  -4.042  3.324   1.00 19.00  ? 18  GLU A C   1 
ATOM   109  O  O   . GLU A 1 18  ? 11.310  -4.152  4.026   1.00 19.90  ? 18  GLU A O   1 
ATOM   110  C  CB  . GLU A 1 18  ? 13.067  -6.247  2.392   1.00 21.67  ? 18  GLU A CB  1 
ATOM   111  C  CG  . GLU A 1 18  ? 13.132  -5.876  0.917   1.00 19.81  ? 18  GLU A CG  1 
ATOM   112  C  CD  . GLU A 1 18  ? 12.934  -7.071  -0.010  1.00 25.34  ? 18  GLU A CD  1 
ATOM   113  O  OE1 . GLU A 1 18  ? 12.682  -8.191  0.484   1.00 28.16  ? 18  GLU A OE1 1 
ATOM   114  O  OE2 . GLU A 1 18  ? 13.037  -6.886  -1.239  1.00 23.45  ? 18  GLU A OE2 1 
ATOM   115  N  N   . THR A 1 19  ? 12.524  -3.007  2.511   1.00 22.93  ? 19  THR A N   1 
ATOM   116  C  CA  . THR A 1 19  ? 11.589  -1.893  2.388   1.00 17.34  ? 19  THR A CA  1 
ATOM   117  C  C   . THR A 1 19  ? 10.933  -1.908  1.016   1.00 15.04  ? 19  THR A C   1 
ATOM   118  O  O   . THR A 1 19  ? 11.623  -1.903  -0.007  1.00 19.13  ? 19  THR A O   1 
ATOM   119  C  CB  . THR A 1 19  ? 12.291  -0.551  2.595   1.00 19.68  ? 19  THR A CB  1 
ATOM   120  O  OG1 . THR A 1 19  ? 12.751  -0.452  3.945   1.00 20.83  ? 19  THR A OG1 1 
ATOM   121  C  CG2 . THR A 1 19  ? 11.337  0.605   2.300   1.00 22.35  ? 19  THR A CG2 1 
ATOM   122  N  N   . PHE A 1 20  ? 9.605   -1.893  1.002   1.00 17.42  ? 20  PHE A N   1 
ATOM   123  C  CA  . PHE A 1 20  ? 8.824   -1.875  -0.229  1.00 17.69  ? 20  PHE A CA  1 
ATOM   124  C  C   . PHE A 1 20  ? 8.279   -0.466  -0.431  1.00 13.84  ? 20  PHE A C   1 
ATOM   125  O  O   . PHE A 1 20  ? 7.445   0.000   0.351   1.00 17.66  ? 20  PHE A O   1 
ATOM   126  C  CB  . PHE A 1 20  ? 7.686   -2.894  -0.167  1.00 16.91  ? 20  PHE A CB  1 
ATOM   127  C  CG  . PHE A 1 20  ? 8.140   -4.330  -0.227  1.00 16.78  ? 20  PHE A CG  1 
ATOM   128  C  CD1 . PHE A 1 20  ? 8.895   -4.884  0.798   1.00 17.81  ? 20  PHE A CD1 1 
ATOM   129  C  CD2 . PHE A 1 20  ? 7.789   -5.133  -1.300  1.00 22.10  ? 20  PHE A CD2 1 
ATOM   130  C  CE1 . PHE A 1 20  ? 9.306   -6.208  0.741   1.00 18.51  ? 20  PHE A CE1 1 
ATOM   131  C  CE2 . PHE A 1 20  ? 8.198   -6.454  -1.360  1.00 20.29  ? 20  PHE A CE2 1 
ATOM   132  C  CZ  . PHE A 1 20  ? 8.955   -6.992  -0.341  1.00 19.75  ? 20  PHE A CZ  1 
ATOM   133  N  N   . TYR A 1 21  ? 8.755   0.215   -1.470  1.00 18.78  ? 21  TYR A N   1 
ATOM   134  C  CA  . TYR A 1 21  ? 8.153   1.467   -1.914  1.00 18.79  ? 21  TYR A CA  1 
ATOM   135  C  C   . TYR A 1 21  ? 7.006   1.111   -2.852  1.00 15.98  ? 21  TYR A C   1 
ATOM   136  O  O   . TYR A 1 21  ? 7.239   0.670   -3.981  1.00 22.56  ? 21  TYR A O   1 
ATOM   137  C  CB  . TYR A 1 21  ? 9.175   2.358   -2.616  1.00 19.76  ? 21  TYR A CB  1 
ATOM   138  C  CG  . TYR A 1 21  ? 10.344  2.777   -1.754  1.00 18.78  ? 21  TYR A CG  1 
ATOM   139  C  CD1 . TYR A 1 21  ? 11.478  1.981   -1.657  1.00 21.50  ? 21  TYR A CD1 1 
ATOM   140  C  CD2 . TYR A 1 21  ? 10.317  3.973   -1.047  1.00 22.40  ? 21  TYR A CD2 1 
ATOM   141  C  CE1 . TYR A 1 21  ? 12.550  2.360   -0.874  1.00 23.61  ? 21  TYR A CE1 1 
ATOM   142  C  CE2 . TYR A 1 21  ? 11.386  4.363   -0.263  1.00 24.95  ? 21  TYR A CE2 1 
ATOM   143  C  CZ  . TYR A 1 21  ? 12.500  3.551   -0.178  1.00 24.23  ? 21  TYR A CZ  1 
ATOM   144  O  OH  . TYR A 1 21  ? 13.569  3.934   0.605   1.00 22.12  ? 21  TYR A OH  1 
ATOM   145  N  N   . VAL A 1 22  ? 5.776   1.297   -2.388  1.00 17.38  ? 22  VAL A N   1 
ATOM   146  C  CA  . VAL A 1 22  ? 4.591   0.876   -3.131  1.00 16.72  ? 22  VAL A CA  1 
ATOM   147  C  C   . VAL A 1 22  ? 3.958   2.089   -3.792  1.00 18.08  ? 22  VAL A C   1 
ATOM   148  O  O   . VAL A 1 22  ? 4.070   3.220   -3.303  1.00 18.95  ? 22  VAL A O   1 
ATOM   149  C  CB  . VAL A 1 22  ? 3.580   0.158   -2.213  1.00 16.18  ? 22  VAL A CB  1 
ATOM   150  C  CG1 . VAL A 1 22  ? 4.205   -1.082  -1.609  1.00 16.90  ? 22  VAL A CG1 1 
ATOM   151  C  CG2 . VAL A 1 22  ? 3.082   1.096   -1.118  1.00 18.94  ? 22  VAL A CG2 1 
ATOM   152  N  N   . ASP A 1 23  ? 3.286   1.860   -4.921  1.00 16.58  ? 23  ASP A N   1 
ATOM   153  C  CA  . ASP A 1 23  ? 2.513   2.925   -5.549  1.00 17.64  ? 23  ASP A CA  1 
ATOM   154  C  C   . ASP A 1 23  ? 1.489   2.333   -6.502  1.00 22.22  ? 23  ASP A C   1 
ATOM   155  O  O   . ASP A 1 23  ? 1.644   1.218   -7.010  1.00 18.40  ? 23  ASP A O   1 
ATOM   156  C  CB  . ASP A 1 23  ? 3.406   3.917   -6.299  1.00 15.56  ? 23  ASP A CB  1 
ATOM   157  C  CG  . ASP A 1 23  ? 2.824   5.304   -6.316  1.00 22.33  ? 23  ASP A CG  1 
ATOM   158  O  OD1 . ASP A 1 23  ? 1.724   5.471   -5.769  1.00 19.63  ? 23  ASP A OD1 1 
ATOM   159  O  OD2 . ASP A 1 23  ? 3.452   6.206   -6.891  1.00 24.04  ? 23  ASP A OD2 1 
ATOM   160  N  N   . GLY A 1 24  ? 0.447   3.112   -6.742  1.00 17.83  ? 24  GLY A N   1 
ATOM   161  C  CA  . GLY A 1 24  ? -0.548  2.765   -7.737  1.00 20.54  ? 24  GLY A CA  1 
ATOM   162  C  C   . GLY A 1 24  ? -1.011  4.010   -8.462  1.00 23.65  ? 24  GLY A C   1 
ATOM   163  O  O   . GLY A 1 24  ? -1.051  5.103   -7.900  1.00 22.50  ? 24  GLY A O   1 
ATOM   164  N  N   . ALA A 1 25  ? -1.352  3.831   -9.731  1.00 19.27  ? 25  ALA A N   1 
ATOM   165  C  CA  . ALA A 1 25  ? -1.858  4.926   -10.546 1.00 20.71  ? 25  ALA A CA  1 
ATOM   166  C  C   . ALA A 1 25  ? -3.033  4.418   -11.359 1.00 20.53  ? 25  ALA A C   1 
ATOM   167  O  O   . ALA A 1 25  ? -2.983  3.309   -11.891 1.00 18.85  ? 25  ALA A O   1 
ATOM   168  C  CB  . ALA A 1 25  ? -0.780  5.472   -11.485 1.00 23.07  ? 25  ALA A CB  1 
ATOM   169  N  N   . ALA A 1 26  ? -4.082  5.231   -11.462 1.00 22.93  ? 26  ALA A N   1 
ATOM   170  C  CA  . ALA A 1 26  ? -5.227  4.865   -12.281 1.00 18.32  ? 26  ALA A CA  1 
ATOM   171  C  C   . ALA A 1 26  ? -5.676  6.067   -13.095 1.00 20.99  ? 26  ALA A C   1 
ATOM   172  O  O   . ALA A 1 26  ? -5.421  7.220   -12.740 1.00 23.62  ? 26  ALA A O   1 
ATOM   173  C  CB  . ALA A 1 26  ? -6.384  4.331   -11.433 1.00 18.38  ? 26  ALA A CB  1 
ATOM   174  N  N   . ASN A 1 27  ? -6.344  5.780   -14.207 1.00 19.27  ? 27  ASN A N   1 
ATOM   175  C  CA  . ASN A 1 27  ? -6.933  6.807   -15.050 1.00 18.50  ? 27  ASN A CA  1 
ATOM   176  C  C   . ASN A 1 27  ? -8.448  6.681   -14.981 1.00 19.26  ? 27  ASN A C   1 
ATOM   177  O  O   . ASN A 1 27  ? -8.995  5.597   -15.200 1.00 21.93  ? 27  ASN A O   1 
ATOM   178  C  CB  . ASN A 1 27  ? -6.433  6.687   -16.491 1.00 21.74  ? 27  ASN A CB  1 
ATOM   179  C  CG  . ASN A 1 27  ? -7.198  7.574   -17.443 1.00 23.12  ? 27  ASN A CG  1 
ATOM   180  O  OD1 . ASN A 1 27  ? -8.080  7.110   -18.160 1.00 23.31  ? 27  ASN A OD1 1 
ATOM   181  N  ND2 . ASN A 1 27  ? -6.870  8.861   -17.449 1.00 19.79  ? 27  ASN A ND2 1 
ATOM   182  N  N   . ARG A 1 28  ? -9.120  7.789   -14.659 1.00 16.97  ? 28  ARG A N   1 
ATOM   183  C  CA  . ARG A 1 28  ? -10.553 7.735   -14.400 1.00 19.93  ? 28  ARG A CA  1 
ATOM   184  C  C   . ARG A 1 28  ? -11.351 7.545   -15.681 1.00 20.48  ? 28  ARG A C   1 
ATOM   185  O  O   . ARG A 1 28  ? -12.430 6.940   -15.656 1.00 21.99  ? 28  ARG A O   1 
ATOM   186  C  CB  . ARG A 1 28  ? -10.999 9.010   -13.689 1.00 29.75  ? 28  ARG A CB  1 
ATOM   187  C  CG  . ARG A 1 28  ? -10.209 9.322   -12.434 1.00 35.39  ? 28  ARG A CG  1 
ATOM   188  C  CD  . ARG A 1 28  ? -10.512 10.723  -11.945 1.00 39.00  ? 28  ARG A CD  1 
ATOM   189  N  NE  . ARG A 1 28  ? -11.832 10.807  -11.335 1.00 40.79  ? 28  ARG A NE  1 
ATOM   190  C  CZ  . ARG A 1 28  ? -12.045 10.991  -10.039 1.00 51.46  ? 28  ARG A CZ  1 
ATOM   191  N  NH1 . ARG A 1 28  ? -11.042 11.119  -9.186  1.00 53.72  ? 28  ARG A NH1 1 
ATOM   192  N  NH2 . ARG A 1 28  ? -13.295 11.048  -9.589  1.00 52.71  ? 28  ARG A NH2 1 
ATOM   193  N  N   . GLU A 1 29  ? -10.841 8.062   -16.800 1.00 24.21  ? 29  GLU A N   1 
ATOM   194  C  CA  . GLU A 1 29  ? -11.565 7.991   -18.064 1.00 23.27  ? 29  GLU A CA  1 
ATOM   195  C  C   . GLU A 1 29  ? -11.686 6.560   -18.566 1.00 22.83  ? 29  GLU A C   1 
ATOM   196  O  O   . GLU A 1 29  ? -12.701 6.202   -19.175 1.00 19.95  ? 29  GLU A O   1 
ATOM   197  C  CB  . GLU A 1 29  ? -10.867 8.860   -19.109 1.00 19.91  ? 29  GLU A CB  1 
ATOM   198  C  CG  . GLU A 1 29  ? -11.102 10.359  -18.947 1.00 26.64  ? 29  GLU A CG  1 
ATOM   199  C  CD  . GLU A 1 29  ? -10.322 10.963  -17.791 1.00 27.14  ? 29  GLU A CD  1 
ATOM   200  O  OE1 . GLU A 1 29  ? -9.384  10.307  -17.288 1.00 24.26  ? 29  GLU A OE1 1 
ATOM   201  O  OE2 . GLU A 1 29  ? -10.644 12.103  -17.391 1.00 25.42  ? 29  GLU A OE2 1 
ATOM   202  N  N   . THR A 1 30  ? -10.670 5.731   -18.322 1.00 19.80  ? 30  THR A N   1 
ATOM   203  C  CA  . THR A 1 30  ? -10.648 4.351   -18.782 1.00 19.58  ? 30  THR A CA  1 
ATOM   204  C  C   . THR A 1 30  ? -10.711 3.331   -17.655 1.00 23.33  ? 30  THR A C   1 
ATOM   205  O  O   . THR A 1 30  ? -10.895 2.141   -17.936 1.00 21.84  ? 30  THR A O   1 
ATOM   206  C  CB  . THR A 1 30  ? -9.381  4.085   -19.610 1.00 21.21  ? 30  THR A CB  1 
ATOM   207  O  OG1 . THR A 1 30  ? -8.226  4.239   -18.774 1.00 20.72  ? 30  THR A OG1 1 
ATOM   208  C  CG2 . THR A 1 30  ? -9.287  5.057   -20.783 1.00 18.35  ? 30  THR A CG2 1 
ATOM   209  N  N   . LYS A 1 31  ? -10.554 3.758   -16.399 1.00 20.41  ? 31  LYS A N   1 
ATOM   210  C  CA  . LYS A 1 31  ? -10.469 2.868   -15.241 1.00 17.79  ? 31  LYS A CA  1 
ATOM   211  C  C   . LYS A 1 31  ? -9.314  1.877   -15.362 1.00 19.64  ? 31  LYS A C   1 
ATOM   212  O  O   . LYS A 1 31  ? -9.298  0.845   -14.683 1.00 22.10  ? 31  LYS A O   1 
ATOM   213  C  CB  . LYS A 1 31  ? -11.794 2.134   -15.003 1.00 19.22  ? 31  LYS A CB  1 
ATOM   214  C  CG  . LYS A 1 31  ? -12.965 3.076   -14.737 1.00 24.01  ? 31  LYS A CG  1 
ATOM   215  C  CD  . LYS A 1 31  ? -14.232 2.311   -14.374 1.00 33.87  ? 31  LYS A CD  1 
ATOM   216  C  CE  . LYS A 1 31  ? -14.605 2.464   -12.903 1.00 38.50  ? 31  LYS A CE  1 
ATOM   217  N  NZ  . LYS A 1 31  ? -13.551 1.966   -11.972 1.00 37.48  ? 31  LYS A NZ  1 
ATOM   218  N  N   . LEU A 1 32  ? -8.342  2.183   -16.217 1.00 18.96  ? 32  LEU A N   1 
ATOM   219  C  CA  . LEU A 1 32  ? -7.123  1.402   -16.293 1.00 16.98  ? 32  LEU A CA  1 
ATOM   220  C  C   . LEU A 1 32  ? -6.137  1.894   -15.246 1.00 17.56  ? 32  LEU A C   1 
ATOM   221  O  O   . LEU A 1 32  ? -6.089  3.083   -14.924 1.00 19.45  ? 32  LEU A O   1 
ATOM   222  C  CB  . LEU A 1 32  ? -6.491  1.516   -17.675 1.00 20.43  ? 32  LEU A CB  1 
ATOM   223  C  CG  . LEU A 1 32  ? -7.376  1.028   -18.815 1.00 22.62  ? 32  LEU A CG  1 
ATOM   224  C  CD1 . LEU A 1 32  ? -6.683  1.251   -20.154 1.00 24.42  ? 32  LEU A CD1 1 
ATOM   225  C  CD2 . LEU A 1 32  ? -7.716  -0.431  -18.595 1.00 26.10  ? 32  LEU A CD2 1 
ATOM   226  N  N   . GLY A 1 33  ? -5.343  0.972   -14.720 1.00 17.97  ? 33  GLY A N   1 
ATOM   227  C  CA  . GLY A 1 33  ? -4.378  1.362   -13.711 1.00 17.61  ? 33  GLY A CA  1 
ATOM   228  C  C   . GLY A 1 33  ? -3.226  0.389   -13.629 1.00 20.89  ? 33  GLY A C   1 
ATOM   229  O  O   . GLY A 1 33  ? -3.205  -0.653  -14.287 1.00 20.07  ? 33  GLY A O   1 
ATOM   230  N  N   . LYS A 1 34  ? -2.246  0.763   -12.806 1.00 23.81  ? 34  LYS A N   1 
ATOM   231  C  CA  . LYS A 1 34  ? -1.140  -0.114  -12.455 1.00 20.94  ? 34  LYS A CA  1 
ATOM   232  C  C   . LYS A 1 34  ? -0.877  0.000   -10.962 1.00 19.87  ? 34  LYS A C   1 
ATOM   233  O  O   . LYS A 1 34  ? -1.141  1.035   -10.343 1.00 17.12  ? 34  LYS A O   1 
ATOM   234  C  CB  . LYS A 1 34  ? 0.148   0.216   -13.230 1.00 23.33  ? 34  LYS A CB  1 
ATOM   235  C  CG  . LYS A 1 34  ? 0.054   0.061   -14.745 1.00 19.62  ? 34  LYS A CG  1 
ATOM   236  C  CD  . LYS A 1 34  ? 1.334   0.545   -15.422 1.00 22.28  ? 34  LYS A CD  1 
ATOM   237  C  CE  . LYS A 1 34  ? 1.464   -0.009  -16.838 1.00 27.51  ? 34  LYS A CE  1 
ATOM   238  N  NZ  . LYS A 1 34  ? 2.648   0.545   -17.554 1.00 23.27  ? 34  LYS A NZ  1 
ATOM   239  N  N   . ALA A 1 35  ? -0.357  -1.080  -10.390 1.00 19.04  ? 35  ALA A N   1 
ATOM   240  C  CA  . ALA A 1 35  ? 0.043   -1.117  -8.992  1.00 22.33  ? 35  ALA A CA  1 
ATOM   241  C  C   . ALA A 1 35  ? 1.314   -1.941  -8.889  1.00 23.27  ? 35  ALA A C   1 
ATOM   242  O  O   . ALA A 1 35  ? 1.531   -2.864  -9.675  1.00 26.16  ? 35  ALA A O   1 
ATOM   243  C  CB  . ALA A 1 35  ? -1.054  -1.714  -8.102  1.00 19.32  ? 35  ALA A CB  1 
ATOM   244  N  N   . GLY A 1 36  ? 2.165   -1.601  -7.927  1.00 20.86  ? 36  GLY A N   1 
ATOM   245  C  CA  . GLY A 1 36  ? 3.379   -2.376  -7.769  1.00 17.05  ? 36  GLY A CA  1 
ATOM   246  C  C   . GLY A 1 36  ? 4.313   -1.770  -6.741  1.00 20.15  ? 36  GLY A C   1 
ATOM   247  O  O   . GLY A 1 36  ? 3.915   -0.930  -5.934  1.00 18.01  ? 36  GLY A O   1 
ATOM   248  N  N   . TYR A 1 37  ? 5.561   -2.226  -6.789  1.00 19.15  ? 37  TYR A N   1 
ATOM   249  C  CA  . TYR A 1 37  ? 6.548   -1.841  -5.796  1.00 20.17  ? 37  TYR A CA  1 
ATOM   250  C  C   . TYR A 1 37  ? 7.944   -1.947  -6.387  1.00 23.37  ? 37  TYR A C   1 
ATOM   251  O  O   . TYR A 1 37  ? 8.182   -2.671  -7.359  1.00 23.88  ? 37  TYR A O   1 
ATOM   252  C  CB  . TYR A 1 37  ? 6.425   -2.708  -4.526  1.00 19.91  ? 37  TYR A CB  1 
ATOM   253  C  CG  . TYR A 1 37  ? 6.630   -4.206  -4.717  1.00 19.50  ? 37  TYR A CG  1 
ATOM   254  C  CD1 . TYR A 1 37  ? 7.886   -4.731  -5.001  1.00 19.26  ? 37  TYR A CD1 1 
ATOM   255  C  CD2 . TYR A 1 37  ? 5.568   -5.094  -4.586  1.00 24.39  ? 37  TYR A CD2 1 
ATOM   256  C  CE1 . TYR A 1 37  ? 8.076   -6.089  -5.172  1.00 22.31  ? 37  TYR A CE1 1 
ATOM   257  C  CE2 . TYR A 1 37  ? 5.751   -6.464  -4.750  1.00 22.03  ? 37  TYR A CE2 1 
ATOM   258  C  CZ  . TYR A 1 37  ? 7.010   -6.951  -5.043  1.00 26.29  ? 37  TYR A CZ  1 
ATOM   259  O  OH  . TYR A 1 37  ? 7.214   -8.302  -5.210  1.00 25.51  ? 37  TYR A OH  1 
ATOM   260  N  N   . VAL A 1 38  ? 8.862   -1.187  -5.796  1.00 22.91  ? 38  VAL A N   1 
ATOM   261  C  CA  . VAL A 1 38  ? 10.294  -1.422  -5.903  1.00 27.47  ? 38  VAL A CA  1 
ATOM   262  C  C   . VAL A 1 38  ? 10.823  -1.518  -4.480  1.00 22.71  ? 38  VAL A C   1 
ATOM   263  O  O   . VAL A 1 38  ? 10.310  -0.860  -3.569  1.00 20.08  ? 38  VAL A O   1 
ATOM   264  C  CB  . VAL A 1 38  ? 11.026  -0.314  -6.696  1.00 27.14  ? 38  VAL A CB  1 
ATOM   265  C  CG1 . VAL A 1 38  ? 10.596  -0.326  -8.155  1.00 21.75  ? 38  VAL A CG1 1 
ATOM   266  C  CG2 . VAL A 1 38  ? 10.780  1.052   -6.071  1.00 24.80  ? 38  VAL A CG2 1 
ATOM   267  N  N   . THR A 1 39  ? 11.833  -2.358  -4.273  1.00 25.44  ? 39  THR A N   1 
ATOM   268  C  CA  . THR A 1 39  ? 12.375  -2.542  -2.933  1.00 19.60  ? 39  THR A CA  1 
ATOM   269  C  C   . THR A 1 39  ? 13.853  -2.181  -2.901  1.00 21.11  ? 39  THR A C   1 
ATOM   270  O  O   . THR A 1 39  ? 14.505  -2.025  -3.936  1.00 22.53  ? 39  THR A O   1 
ATOM   271  C  CB  . THR A 1 39  ? 12.175  -3.977  -2.422  1.00 21.45  ? 39  THR A CB  1 
ATOM   272  O  OG1 . THR A 1 39  ? 13.253  -4.814  -2.863  1.00 23.42  ? 39  THR A OG1 1 
ATOM   273  C  CG2 . THR A 1 39  ? 10.847  -4.547  -2.900  1.00 17.05  ? 39  THR A CG2 1 
ATOM   274  N  N   . ASN A 1 40  ? 14.378  -2.042  -1.682  1.00 19.29  ? 40  ASN A N   1 
ATOM   275  C  CA  . ASN A 1 40  ? 15.786  -1.713  -1.496  1.00 23.92  ? 40  ASN A CA  1 
ATOM   276  C  C   . ASN A 1 40  ? 16.685  -2.942  -1.532  1.00 27.62  ? 40  ASN A C   1 
ATOM   277  O  O   . ASN A 1 40  ? 17.888  -2.822  -1.277  1.00 28.86  ? 40  ASN A O   1 
ATOM   278  C  CB  . ASN A 1 40  ? 15.994  -0.934  -0.190  1.00 24.61  ? 40  ASN A CB  1 
ATOM   279  C  CG  . ASN A 1 40  ? 15.687  -1.754  1.053   1.00 25.35  ? 40  ASN A CG  1 
ATOM   280  O  OD1 . ASN A 1 40  ? 14.990  -2.763  0.996   1.00 21.20  ? 40  ASN A OD1 1 
ATOM   281  N  ND2 . ASN A 1 40  ? 16.215  -1.315  2.190   1.00 26.54  ? 40  ASN A ND2 1 
ATOM   282  N  N   . ARG A 1 41  ? 16.135  -4.115  -1.840  1.00 25.95  ? 41  ARG A N   1 
ATOM   283  C  CA  . ARG A 1 41  ? 16.939  -5.288  -2.158  1.00 22.25  ? 41  ARG A CA  1 
ATOM   284  C  C   . ARG A 1 41  ? 16.855  -5.644  -3.637  1.00 29.49  ? 41  ARG A C   1 
ATOM   285  O  O   . ARG A 1 41  ? 17.208  -6.761  -4.027  1.00 33.04  ? 41  ARG A O   1 
ATOM   286  C  CB  . ARG A 1 41  ? 16.526  -6.469  -1.282  1.00 31.59  ? 41  ARG A CB  1 
ATOM   287  C  CG  . ARG A 1 41  ? 16.802  -6.194  0.177   1.00 30.50  ? 41  ARG A CG  1 
ATOM   288  C  CD  . ARG A 1 41  ? 16.748  -7.421  1.056   1.00 34.63  ? 41  ARG A CD  1 
ATOM   289  N  NE  . ARG A 1 41  ? 16.987  -7.027  2.438   1.00 34.03  ? 41  ARG A NE  1 
ATOM   290  C  CZ  . ARG A 1 41  ? 16.754  -7.787  3.498   1.00 37.09  ? 41  ARG A CZ  1 
ATOM   291  N  NH1 . ARG A 1 41  ? 16.288  -9.018  3.376   1.00 34.15  ? 41  ARG A NH1 1 
ATOM   292  N  NH2 . ARG A 1 41  ? 16.994  -7.298  4.712   1.00 36.04  ? 41  ARG A NH2 1 
ATOM   293  N  N   . GLY A 1 42  ? 16.398  -4.712  -4.467  1.00 28.13  ? 42  GLY A N   1 
ATOM   294  C  CA  . GLY A 1 42  ? 16.406  -4.917  -5.899  1.00 31.21  ? 42  GLY A CA  1 
ATOM   295  C  C   . GLY A 1 42  ? 15.244  -5.705  -6.454  1.00 32.27  ? 42  GLY A C   1 
ATOM   296  O  O   . GLY A 1 42  ? 15.339  -6.212  -7.575  1.00 34.44  ? 42  GLY A O   1 
ATOM   297  N  N   . ARG A 1 43  ? 14.155  -5.838  -5.706  1.00 24.55  ? 43  ARG A N   1 
ATOM   298  C  CA  . ARG A 1 43  ? 12.936  -6.429  -6.235  1.00 26.09  ? 43  ARG A CA  1 
ATOM   299  C  C   . ARG A 1 43  ? 12.077  -5.362  -6.883  1.00 23.70  ? 43  ARG A C   1 
ATOM   300  O  O   . ARG A 1 43  ? 12.131  -4.188  -6.515  1.00 27.27  ? 43  ARG A O   1 
ATOM   301  C  CB  . ARG A 1 43  ? 12.121  -7.111  -5.139  1.00 25.62  ? 43  ARG A CB  1 
ATOM   302  C  CG  . ARG A 1 43  ? 12.775  -8.304  -4.567  1.00 31.63  ? 43  ARG A CG  1 
ATOM   303  C  CD  . ARG A 1 43  ? 11.772  -9.284  -4.006  1.00 37.26  ? 43  ARG A CD  1 
ATOM   304  N  NE  . ARG A 1 43  ? 11.767  -9.280  -2.549  1.00 31.91  ? 43  ARG A NE  1 
ATOM   305  C  CZ  . ARG A 1 43  ? 11.063  -10.124 -1.809  1.00 31.15  ? 43  ARG A CZ  1 
ATOM   306  N  NH1 . ARG A 1 43  ? 10.275  -11.033 -2.360  1.00 36.58  ? 43  ARG A NH1 1 
ATOM   307  N  NH2 . ARG A 1 43  ? 11.164  -10.065 -0.486  1.00 31.12  ? 43  ARG A NH2 1 
ATOM   308  N  N   . GLN A 1 44  ? 11.263  -5.787  -7.844  1.00 25.92  ? 44  GLN A N   1 
ATOM   309  C  CA  . GLN A 1 44  ? 10.230  -4.903  -8.352  1.00 24.71  ? 44  GLN A CA  1 
ATOM   310  C  C   . GLN A 1 44  ? 9.155   -5.734  -9.029  1.00 28.00  ? 44  GLN A C   1 
ATOM   311  O  O   . GLN A 1 44  ? 9.403   -6.849  -9.501  1.00 26.74  ? 44  GLN A O   1 
ATOM   312  C  CB  . GLN A 1 44  ? 10.797  -3.843  -9.305  1.00 31.14  ? 44  GLN A CB  1 
ATOM   313  C  CG  . GLN A 1 44  ? 11.180  -4.322  -10.689 1.00 38.90  ? 44  GLN A CG  1 
ATOM   314  C  CD  . GLN A 1 44  ? 11.096  -3.203  -11.714 1.00 40.43  ? 44  GLN A CD  1 
ATOM   315  O  OE1 . GLN A 1 44  ? 11.805  -2.198  -11.614 1.00 34.86  ? 44  GLN A OE1 1 
ATOM   316  N  NE2 . GLN A 1 44  ? 10.224  -3.368  -12.703 1.00 37.97  ? 44  GLN A NE2 1 
ATOM   317  N  N   . LYS A 1 45  ? 7.951   -5.177  -9.042  1.00 27.39  ? 45  LYS A N   1 
ATOM   318  C  CA  . LYS A 1 45  ? 6.790   -5.816  -9.634  1.00 22.94  ? 45  LYS A CA  1 
ATOM   319  C  C   . LYS A 1 45  ? 5.822   -4.716  -10.026 1.00 28.41  ? 45  LYS A C   1 
ATOM   320  O  O   . LYS A 1 45  ? 5.629   -3.761  -9.274  1.00 21.52  ? 45  LYS A O   1 
ATOM   321  C  CB  . LYS A 1 45  ? 6.124   -6.794  -8.659  1.00 23.58  ? 45  LYS A CB  1 
ATOM   322  C  CG  . LYS A 1 45  ? 4.746   -7.279  -9.091  1.00 25.05  ? 45  LYS A CG  1 
ATOM   323  C  CD  . LYS A 1 45  ? 4.235   -8.363  -8.159  1.00 23.54  ? 45  LYS A CD  1 
ATOM   324  C  CE  . LYS A 1 45  ? 4.988   -9.669  -8.373  1.00 27.00  ? 45  LYS A CE  1 
ATOM   325  N  NZ  . LYS A 1 45  ? 4.606   -10.717 -7.387  1.00 29.00  ? 45  LYS A NZ  1 
ATOM   326  N  N   . VAL A 1 46  ? 5.256   -4.836  -11.221 1.00 23.72  ? 46  VAL A N   1 
ATOM   327  C  CA  . VAL A 1 46  ? 4.180   -3.969  -11.685 1.00 25.70  ? 46  VAL A CA  1 
ATOM   328  C  C   . VAL A 1 46  ? 3.091   -4.867  -12.244 1.00 29.77  ? 46  VAL A C   1 
ATOM   329  O  O   . VAL A 1 46  ? 3.373   -5.765  -13.043 1.00 25.68  ? 46  VAL A O   1 
ATOM   330  C  CB  . VAL A 1 46  ? 4.651   -2.969  -12.759 1.00 25.02  ? 46  VAL A CB  1 
ATOM   331  C  CG1 . VAL A 1 46  ? 3.549   -1.963  -13.058 1.00 23.50  ? 46  VAL A CG1 1 
ATOM   332  C  CG2 . VAL A 1 46  ? 5.925   -2.258  -12.328 1.00 32.30  ? 46  VAL A CG2 1 
ATOM   333  N  N   . VAL A 1 47  ? 1.856   -4.647  -11.809 1.00 23.61  ? 47  VAL A N   1 
ATOM   334  C  CA  . VAL A 1 47  ? 0.710   -5.349  -12.369 1.00 25.55  ? 47  VAL A CA  1 
ATOM   335  C  C   . VAL A 1 47  ? -0.199  -4.313  -13.013 1.00 28.86  ? 47  VAL A C   1 
ATOM   336  O  O   . VAL A 1 47  ? -0.356  -3.201  -12.498 1.00 23.97  ? 47  VAL A O   1 
ATOM   337  C  CB  . VAL A 1 47  ? -0.048  -6.186  -11.313 1.00 21.65  ? 47  VAL A CB  1 
ATOM   338  C  CG1 . VAL A 1 47  ? 0.891   -7.199  -10.651 1.00 21.54  ? 47  VAL A CG1 1 
ATOM   339  C  CG2 . VAL A 1 47  ? -0.707  -5.300  -10.267 1.00 28.42  ? 47  VAL A CG2 1 
ATOM   340  N  N   . THR A 1 48  ? -0.758  -4.658  -14.163 1.00 27.70  ? 48  THR A N   1 
ATOM   341  C  CA  . THR A 1 48  ? -1.740  -3.801  -14.800 1.00 26.05  ? 48  THR A CA  1 
ATOM   342  C  C   . THR A 1 48  ? -3.129  -4.273  -14.399 1.00 24.17  ? 48  THR A C   1 
ATOM   343  O  O   . THR A 1 48  ? -3.364  -5.470  -14.198 1.00 25.59  ? 48  THR A O   1 
ATOM   344  C  CB  . THR A 1 48  ? -1.577  -3.801  -16.321 1.00 25.45  ? 48  THR A CB  1 
ATOM   345  O  OG1 . THR A 1 48  ? -0.232  -3.435  -16.646 1.00 25.68  ? 48  THR A OG1 1 
ATOM   346  C  CG2 . THR A 1 48  ? -2.521  -2.795  -16.966 1.00 29.30  ? 48  THR A CG2 1 
ATOM   347  N  N   . LEU A 1 49  ? -4.040  -3.316  -14.254 1.00 21.85  ? 49  LEU A N   1 
ATOM   348  C  CA  . LEU A 1 49  ? -5.352  -3.554  -13.684 1.00 19.92  ? 49  LEU A CA  1 
ATOM   349  C  C   . LEU A 1 49  ? -6.411  -2.895  -14.555 1.00 17.90  ? 49  LEU A C   1 
ATOM   350  O  O   . LEU A 1 49  ? -6.158  -1.884  -15.217 1.00 19.23  ? 49  LEU A O   1 
ATOM   351  C  CB  . LEU A 1 49  ? -5.428  -3.004  -12.251 1.00 25.67  ? 49  LEU A CB  1 
ATOM   352  C  CG  . LEU A 1 49  ? -4.512  -3.698  -11.239 1.00 25.24  ? 49  LEU A CG  1 
ATOM   353  C  CD1 . LEU A 1 49  ? -4.283  -2.824  -10.017 1.00 27.16  ? 49  LEU A CD1 1 
ATOM   354  C  CD2 . LEU A 1 49  ? -5.101  -5.035  -10.837 1.00 27.96  ? 49  LEU A CD2 1 
ATOM   355  N  N   . THR A 1 50  ? -7.597  -3.488  -14.567 1.00 19.92  ? 50  THR A N   1 
ATOM   356  C  CA  . THR A 1 50  ? -8.749  -2.889  -15.214 1.00 20.34  ? 50  THR A CA  1 
ATOM   357  C  C   . THR A 1 50  ? -9.816  -2.623  -14.166 1.00 22.70  ? 50  THR A C   1 
ATOM   358  O  O   . THR A 1 50  ? -9.802  -3.204  -13.076 1.00 21.44  ? 50  THR A O   1 
ATOM   359  C  CB  . THR A 1 50  ? -9.320  -3.788  -16.320 1.00 21.26  ? 50  THR A CB  1 
ATOM   360  O  OG1 . THR A 1 50  ? -9.709  -5.042  -15.752 1.00 21.31  ? 50  THR A OG1 1 
ATOM   361  C  CG2 . THR A 1 50  ? -8.284  -4.030  -17.414 1.00 20.50  ? 50  THR A CG2 1 
ATOM   362  N  N   . ASP A 1 51  ? -10.745 -1.729  -14.509 1.00 23.00  ? 51  ASP A N   1 
ATOM   363  C  CA  . ASP A 1 51  ? -11.922 -1.470  -13.685 1.00 24.87  ? 51  ASP A CA  1 
ATOM   364  C  C   . ASP A 1 51  ? -11.531 -1.004  -12.283 1.00 21.14  ? 51  ASP A C   1 
ATOM   365  O  O   . ASP A 1 51  ? -12.128 -1.412  -11.287 1.00 25.36  ? 51  ASP A O   1 
ATOM   366  C  CB  . ASP A 1 51  ? -12.811 -2.714  -13.612 1.00 23.61  ? 51  ASP A CB  1 
ATOM   367  C  CG  . ASP A 1 51  ? -12.963 -3.391  -14.960 1.00 22.67  ? 51  ASP A CG  1 
ATOM   368  O  OD1 . ASP A 1 51  ? -13.565 -2.773  -15.856 1.00 21.14  ? 51  ASP A OD1 1 
ATOM   369  O  OD2 . ASP A 1 51  ? -12.460 -4.523  -15.123 1.00 24.28  ? 51  ASP A OD2 1 
ATOM   370  N  N   . THR A 1 52  ? -10.528 -0.139  -12.201 1.00 20.43  ? 52  THR A N   1 
ATOM   371  C  CA  . THR A 1 52  ? -9.944  0.245   -10.925 1.00 19.49  ? 52  THR A CA  1 
ATOM   372  C  C   . THR A 1 52  ? -9.977  1.764   -10.752 1.00 21.64  ? 52  THR A C   1 
ATOM   373  O  O   . THR A 1 52  ? -10.429 2.512   -11.622 1.00 19.92  ? 52  THR A O   1 
ATOM   374  C  CB  . THR A 1 52  ? -8.513  -0.296  -10.807 1.00 16.03  ? 52  THR A CB  1 
ATOM   375  O  OG1 . THR A 1 52  ? -8.064  -0.189  -9.449  1.00 21.38  ? 52  THR A OG1 1 
ATOM   376  C  CG2 . THR A 1 52  ? -7.572  0.464   -11.730 1.00 22.46  ? 52  THR A CG2 1 
ATOM   377  N  N   . THR A 1 53  ? -9.514  2.210   -9.587  1.00 24.66  ? 53  THR A N   1 
ATOM   378  C  CA  . THR A 1 53  ? -9.434  3.616   -9.217  1.00 22.78  ? 53  THR A CA  1 
ATOM   379  C  C   . THR A 1 53  ? -8.071  3.872   -8.596  1.00 25.63  ? 53  THR A C   1 
ATOM   380  O  O   . THR A 1 53  ? -7.346  2.939   -8.240  1.00 21.68  ? 53  THR A O   1 
ATOM   381  C  CB  . THR A 1 53  ? -10.540 4.008   -8.228  1.00 28.29  ? 53  THR A CB  1 
ATOM   382  O  OG1 . THR A 1 53  ? -10.310 3.351   -6.972  1.00 22.72  ? 53  THR A OG1 1 
ATOM   383  C  CG2 . THR A 1 53  ? -11.909 3.597   -8.757  1.00 27.13  ? 53  THR A CG2 1 
ATOM   384  N  N   . ASN A 1 54  ? -7.709  5.150   -8.465  1.00 20.36  ? 54  ASN A N   1 
ATOM   385  C  CA  . ASN A 1 54  ? -6.420  5.478   -7.859  1.00 21.80  ? 54  ASN A CA  1 
ATOM   386  C  C   . ASN A 1 54  ? -6.317  4.915   -6.449  1.00 27.31  ? 54  ASN A C   1 
ATOM   387  O  O   . ASN A 1 54  ? -5.300  4.320   -6.081  1.00 23.23  ? 54  ASN A O   1 
ATOM   388  C  CB  . ASN A 1 54  ? -6.195  6.989   -7.850  1.00 27.80  ? 54  ASN A CB  1 
ATOM   389  C  CG  . ASN A 1 54  ? -5.733  7.512   -9.188  1.00 33.70  ? 54  ASN A CG  1 
ATOM   390  O  OD1 . ASN A 1 54  ? -4.545  7.427   -9.524  1.00 25.47  ? 54  ASN A OD1 1 
ATOM   391  N  ND2 . ASN A 1 54  ? -6.660  8.068   -9.958  1.00 38.72  ? 54  ASN A ND2 1 
ATOM   392  N  N   . GLN A 1 55  ? -7.369  5.082   -5.649  1.00 22.42  ? 55  GLN A N   1 
ATOM   393  C  CA  . GLN A 1 55  ? -7.335  4.558   -4.289  1.00 25.41  ? 55  GLN A CA  1 
ATOM   394  C  C   . GLN A 1 55  ? -7.246  3.036   -4.280  1.00 22.76  ? 55  GLN A C   1 
ATOM   395  O  O   . GLN A 1 55  ? -6.553  2.454   -3.437  1.00 20.85  ? 55  GLN A O   1 
ATOM   396  C  CB  . GLN A 1 55  ? -8.554  5.052   -3.516  1.00 28.47  ? 55  GLN A CB  1 
ATOM   397  C  CG  . GLN A 1 55  ? -8.594  6.568   -3.415  1.00 23.13  ? 55  GLN A CG  1 
ATOM   398  C  CD  . GLN A 1 55  ? -9.549  7.058   -2.358  1.00 31.87  ? 55  GLN A CD  1 
ATOM   399  O  OE1 . GLN A 1 55  ? -10.614 6.486   -2.165  1.00 31.41  ? 55  GLN A OE1 1 
ATOM   400  N  NE2 . GLN A 1 55  ? -9.171  8.125   -1.661  1.00 32.28  ? 55  GLN A NE2 1 
ATOM   401  N  N   . LYS A 1 56  ? -7.926  2.371   -5.216  1.00 22.30  ? 56  LYS A N   1 
ATOM   402  C  CA  . LYS A 1 56  ? -7.813  0.917   -5.293  1.00 26.15  ? 56  LYS A CA  1 
ATOM   403  C  C   . LYS A 1 56  ? -6.401  0.484   -5.675  1.00 21.09  ? 56  LYS A C   1 
ATOM   404  O  O   . LYS A 1 56  ? -5.902  -0.524  -5.163  1.00 20.01  ? 56  LYS A O   1 
ATOM   405  C  CB  . LYS A 1 56  ? -8.828  0.352   -6.286  1.00 21.82  ? 56  LYS A CB  1 
ATOM   406  C  CG  . LYS A 1 56  ? -10.119 -0.123  -5.651  1.00 27.91  ? 56  LYS A CG  1 
ATOM   407  C  CD  . LYS A 1 56  ? -11.024 -0.783  -6.678  1.00 26.72  ? 56  LYS A CD  1 
ATOM   408  C  CE  . LYS A 1 56  ? -12.456 -0.301  -6.549  1.00 36.76  ? 56  LYS A CE  1 
ATOM   409  N  NZ  . LYS A 1 56  ? -13.219 -1.111  -5.561  1.00 40.99  ? 56  LYS A NZ  1 
ATOM   410  N  N   . THR A 1 57  ? -5.745  1.219   -6.578  1.00 15.75  ? 57  THR A N   1 
ATOM   411  C  CA  . THR A 1 57  ? -4.403  0.819   -6.992  1.00 18.33  ? 57  THR A CA  1 
ATOM   412  C  C   . THR A 1 57  ? -3.397  1.013   -5.865  1.00 21.75  ? 57  THR A C   1 
ATOM   413  O  O   . THR A 1 57  ? -2.465  0.213   -5.719  1.00 21.13  ? 57  THR A O   1 
ATOM   414  C  CB  . THR A 1 57  ? -3.955  1.591   -8.233  1.00 16.53  ? 57  THR A CB  1 
ATOM   415  O  OG1 . THR A 1 57  ? -3.991  2.999   -7.973  1.00 21.00  ? 57  THR A OG1 1 
ATOM   416  C  CG2 . THR A 1 57  ? -4.840  1.258   -9.432  1.00 18.50  ? 57  THR A CG2 1 
ATOM   417  N  N   . GLU A 1 58  ? -3.561  2.073   -5.068  1.00 21.79  ? 58  GLU A N   1 
ATOM   418  C  CA  . GLU A 1 58  ? -2.688  2.275   -3.914  1.00 17.40  ? 58  GLU A CA  1 
ATOM   419  C  C   . GLU A 1 58  ? -2.827  1.132   -2.926  1.00 18.83  ? 58  GLU A C   1 
ATOM   420  O  O   . GLU A 1 58  ? -1.835  0.654   -2.364  1.00 18.23  ? 58  GLU A O   1 
ATOM   421  C  CB  . GLU A 1 58  ? -3.024  3.597   -3.224  1.00 19.13  ? 58  GLU A CB  1 
ATOM   422  C  CG  . GLU A 1 58  ? -2.936  4.803   -4.116  1.00 17.76  ? 58  GLU A CG  1 
ATOM   423  C  CD  . GLU A 1 58  ? -1.518  5.186   -4.481  1.00 24.83  ? 58  GLU A CD  1 
ATOM   424  O  OE1 . GLU A 1 58  ? -0.554  4.693   -3.855  1.00 20.17  ? 58  GLU A OE1 1 
ATOM   425  O  OE2 . GLU A 1 58  ? -1.371  5.976   -5.430  1.00 31.97  ? 58  GLU A OE2 1 
ATOM   426  N  N   . LEU A 1 59  ? -4.063  0.690   -2.688  1.00 18.78  ? 59  LEU A N   1 
ATOM   427  C  CA  . LEU A 1 59  ? -4.295  -0.429  -1.786  1.00 18.00  ? 59  LEU A CA  1 
ATOM   428  C  C   . LEU A 1 59  ? -3.776  -1.730  -2.385  1.00 19.11  ? 59  LEU A C   1 
ATOM   429  O  O   . LEU A 1 59  ? -3.196  -2.560  -1.675  1.00 19.30  ? 59  LEU A O   1 
ATOM   430  C  CB  . LEU A 1 59  ? -5.785  -0.543  -1.476  1.00 19.81  ? 59  LEU A CB  1 
ATOM   431  C  CG  . LEU A 1 59  ? -6.390  0.498   -0.531  1.00 21.02  ? 59  LEU A CG  1 
ATOM   432  C  CD1 . LEU A 1 59  ? -7.903  0.412   -0.573  1.00 22.85  ? 59  LEU A CD1 1 
ATOM   433  C  CD2 . LEU A 1 59  ? -5.877  0.311   0.886   1.00 20.92  ? 59  LEU A CD2 1 
ATOM   434  N  N   . GLN A 1 60  ? -3.975  -1.922  -3.690  1.00 21.82  ? 60  GLN A N   1 
ATOM   435  C  CA  . GLN A 1 60  ? -3.484  -3.134  -4.340  1.00 21.27  ? 60  GLN A CA  1 
ATOM   436  C  C   . GLN A 1 60  ? -1.968  -3.237  -4.247  1.00 22.49  ? 60  GLN A C   1 
ATOM   437  O  O   . GLN A 1 60  ? -1.423  -4.336  -4.092  1.00 20.99  ? 60  GLN A O   1 
ATOM   438  C  CB  . GLN A 1 60  ? -3.943  -3.169  -5.796  1.00 23.44  ? 60  GLN A CB  1 
ATOM   439  C  CG  . GLN A 1 60  ? -5.146  -4.066  -6.031  1.00 33.20  ? 60  GLN A CG  1 
ATOM   440  C  CD  . GLN A 1 60  ? -4.837  -5.526  -5.751  1.00 35.25  ? 60  GLN A CD  1 
ATOM   441  O  OE1 . GLN A 1 60  ? -5.591  -6.211  -5.063  1.00 43.34  ? 60  GLN A OE1 1 
ATOM   442  N  NE2 . GLN A 1 60  ? -3.717  -6.007  -6.279  1.00 39.16  ? 60  GLN A NE2 1 
ATOM   443  N  N   . ALA A 1 61  ? -1.271  -2.103  -4.327  1.00 18.12  ? 61  ALA A N   1 
ATOM   444  C  CA  . ALA A 1 61  ? 0.184   -2.117  -4.213  1.00 15.06  ? 61  ALA A CA  1 
ATOM   445  C  C   . ALA A 1 61  ? 0.624   -2.539  -2.819  1.00 18.50  ? 61  ALA A C   1 
ATOM   446  O  O   . ALA A 1 61  ? 1.605   -3.276  -2.667  1.00 18.22  ? 61  ALA A O   1 
ATOM   447  C  CB  . ALA A 1 61  ? 0.749   -0.742  -4.558  1.00 16.52  ? 61  ALA A CB  1 
ATOM   448  N  N   . ILE A 1 62  ? -0.089  -2.076  -1.788  1.00 19.80  ? 62  ILE A N   1 
ATOM   449  C  CA  . ILE A 1 62  ? 0.191   -2.523  -0.430  1.00 20.22  ? 62  ILE A CA  1 
ATOM   450  C  C   . ILE A 1 62  ? -0.051  -4.018  -0.307  1.00 18.41  ? 62  ILE A C   1 
ATOM   451  O  O   . ILE A 1 62  ? 0.717   -4.737  0.344   1.00 16.80  ? 62  ILE A O   1 
ATOM   452  C  CB  . ILE A 1 62  ? -0.660  -1.728  0.577   1.00 19.11  ? 62  ILE A CB  1 
ATOM   453  C  CG1 . ILE A 1 62  ? -0.215  -0.266  0.594   1.00 17.42  ? 62  ILE A CG1 1 
ATOM   454  C  CG2 . ILE A 1 62  ? -0.568  -2.347  1.969   1.00 23.54  ? 62  ILE A CG2 1 
ATOM   455  C  CD1 . ILE A 1 62  ? -1.076  0.621   1.444   1.00 18.17  ? 62  ILE A CD1 1 
ATOM   456  N  N   . TYR A 1 63  ? -1.117  -4.512  -0.939  1.00 19.59  ? 63  TYR A N   1 
ATOM   457  C  CA  . TYR A 1 63  ? -1.414  -5.937  -0.889  1.00 22.14  ? 63  TYR A CA  1 
ATOM   458  C  C   . TYR A 1 63  ? -0.277  -6.755  -1.488  1.00 17.94  ? 63  TYR A C   1 
ATOM   459  O  O   . TYR A 1 63  ? 0.111   -7.792  -0.936  1.00 20.99  ? 63  TYR A O   1 
ATOM   460  C  CB  . TYR A 1 63  ? -2.724  -6.225  -1.621  1.00 23.04  ? 63  TYR A CB  1 
ATOM   461  C  CG  . TYR A 1 63  ? -3.097  -7.688  -1.598  1.00 24.48  ? 63  TYR A CG  1 
ATOM   462  C  CD1 . TYR A 1 63  ? -3.818  -8.221  -0.539  1.00 24.42  ? 63  TYR A CD1 1 
ATOM   463  C  CD2 . TYR A 1 63  ? -2.710  -8.542  -2.626  1.00 32.05  ? 63  TYR A CD2 1 
ATOM   464  C  CE1 . TYR A 1 63  ? -4.151  -9.558  -0.506  1.00 32.93  ? 63  TYR A CE1 1 
ATOM   465  C  CE2 . TYR A 1 63  ? -3.035  -9.883  -2.600  1.00 27.64  ? 63  TYR A CE2 1 
ATOM   466  C  CZ  . TYR A 1 63  ? -3.757  -10.385 -1.539  1.00 35.37  ? 63  TYR A CZ  1 
ATOM   467  O  OH  . TYR A 1 63  ? -4.090  -11.720 -1.510  1.00 35.96  ? 63  TYR A OH  1 
ATOM   468  N  N   . LEU A 1 64  ? 0.259   -6.308  -2.627  1.00 19.65  ? 64  LEU A N   1 
ATOM   469  C  CA  . LEU A 1 64  ? 1.362   -7.018  -3.266  1.00 20.79  ? 64  LEU A CA  1 
ATOM   470  C  C   . LEU A 1 64  ? 2.597   -7.024  -2.380  1.00 22.30  ? 64  LEU A C   1 
ATOM   471  O  O   . LEU A 1 64  ? 3.295   -8.040  -2.277  1.00 19.57  ? 64  LEU A O   1 
ATOM   472  C  CB  . LEU A 1 64  ? 1.682   -6.377  -4.614  1.00 20.98  ? 64  LEU A CB  1 
ATOM   473  C  CG  . LEU A 1 64  ? 0.643   -6.566  -5.716  1.00 21.89  ? 64  LEU A CG  1 
ATOM   474  C  CD1 . LEU A 1 64  ? 1.048   -5.779  -6.948  1.00 21.67  ? 64  LEU A CD1 1 
ATOM   475  C  CD2 . LEU A 1 64  ? 0.487   -8.042  -6.044  1.00 23.04  ? 64  LEU A CD2 1 
ATOM   476  N  N   . ALA A 1 65  ? 2.887   -5.890  -1.739  1.00 22.05  ? 65  ALA A N   1 
ATOM   477  C  CA  . ALA A 1 65  ? 4.031   -5.818  -0.837  1.00 18.71  ? 65  ALA A CA  1 
ATOM   478  C  C   . ALA A 1 65  ? 3.889   -6.807  0.309   1.00 19.38  ? 65  ALA A C   1 
ATOM   479  O  O   . ALA A 1 65  ? 4.857   -7.475  0.684   1.00 19.28  ? 65  ALA A O   1 
ATOM   480  C  CB  . ALA A 1 65  ? 4.187   -4.398  -0.301  1.00 17.89  ? 65  ALA A CB  1 
ATOM   481  N  N   . LEU A 1 66  ? 2.686   -6.913  0.878   1.00 19.27  ? 66  LEU A N   1 
ATOM   482  C  CA  . LEU A 1 66  ? 2.451   -7.871  1.950   1.00 17.28  ? 66  LEU A CA  1 
ATOM   483  C  C   . LEU A 1 66  ? 2.553   -9.298  1.435   1.00 21.85  ? 66  LEU A C   1 
ATOM   484  O  O   . LEU A 1 66  ? 3.076   -10.183 2.123   1.00 23.55  ? 66  LEU A O   1 
ATOM   485  C  CB  . LEU A 1 66  ? 1.080   -7.623  2.570   1.00 17.13  ? 66  LEU A CB  1 
ATOM   486  C  CG  . LEU A 1 66  ? 0.991   -6.300  3.323   1.00 17.78  ? 66  LEU A CG  1 
ATOM   487  C  CD1 . LEU A 1 66  ? -0.458  -5.959  3.641   1.00 19.06  ? 66  LEU A CD1 1 
ATOM   488  C  CD2 . LEU A 1 66  ? 1.838   -6.371  4.579   1.00 22.08  ? 66  LEU A CD2 1 
ATOM   489  N  N   . GLN A 1 67  ? 2.062   -9.530  0.217   1.00 22.45  ? 67  GLN A N   1 
ATOM   490  C  CA  . GLN A 1 67  ? 2.094   -10.861 -0.376  1.00 21.24  ? 67  GLN A CA  1 
ATOM   491  C  C   . GLN A 1 67  ? 3.518   -11.346 -0.601  1.00 21.27  ? 67  GLN A C   1 
ATOM   492  O  O   . GLN A 1 67  ? 3.827   -12.518 -0.355  1.00 28.09  ? 67  GLN A O   1 
ATOM   493  C  CB  . GLN A 1 67  ? 1.323   -10.838 -1.691  1.00 22.99  ? 67  GLN A CB  1 
ATOM   494  C  CG  . GLN A 1 67  ? 1.357   -12.122 -2.479  1.00 24.38  ? 67  GLN A CG  1 
ATOM   495  C  CD  . GLN A 1 67  ? 0.712   -11.949 -3.832  1.00 27.57  ? 67  GLN A CD  1 
ATOM   496  O  OE1 . GLN A 1 67  ? -0.494  -12.125 -3.980  1.00 27.43  ? 67  GLN A OE1 1 
ATOM   497  N  NE2 . GLN A 1 67  ? 1.512   -11.572 -4.828  1.00 21.56  ? 67  GLN A NE2 1 
ATOM   498  N  N   . ASP A 1 68  ? 4.400   -10.467 -1.074  1.00 20.11  ? 68  ASP A N   1 
ATOM   499  C  CA  . ASP A 1 68  ? 5.721   -10.878 -1.532  1.00 21.06  ? 68  ASP A CA  1 
ATOM   500  C  C   . ASP A 1 68  ? 6.823   -10.675 -0.498  1.00 27.69  ? 68  ASP A C   1 
ATOM   501  O  O   . ASP A 1 68  ? 7.989   -10.941 -0.806  1.00 25.35  ? 68  ASP A O   1 
ATOM   502  C  CB  . ASP A 1 68  ? 6.094   -10.126 -2.813  1.00 20.04  ? 68  ASP A CB  1 
ATOM   503  C  CG  . ASP A 1 68  ? 5.157   -10.430 -3.966  1.00 24.79  ? 68  ASP A CG  1 
ATOM   504  O  OD1 . ASP A 1 68  ? 4.354   -11.380 -3.851  1.00 24.11  ? 68  ASP A OD1 1 
ATOM   505  O  OD2 . ASP A 1 68  ? 5.235   -9.721  -4.991  1.00 21.94  ? 68  ASP A OD2 1 
ATOM   506  N  N   . SER A 1 69  ? 6.498   -10.222 0.707   1.00 21.02  ? 69  SER A N   1 
ATOM   507  C  CA  . SER A 1 69  ? 7.513   -9.916  1.705   1.00 23.89  ? 69  SER A CA  1 
ATOM   508  C  C   . SER A 1 69  ? 7.603   -11.008 2.764   1.00 26.95  ? 69  SER A C   1 
ATOM   509  O  O   . SER A 1 69  ? 6.733   -11.871 2.893   1.00 29.72  ? 69  SER A O   1 
ATOM   510  C  CB  . SER A 1 69  ? 7.221   -8.571  2.371   1.00 23.33  ? 69  SER A CB  1 
ATOM   511  O  OG  . SER A 1 69  ? 5.886   -8.519  2.835   1.00 21.72  ? 69  SER A OG  1 
ATOM   512  N  N   . GLY A 1 70  ? 8.685   -10.948 3.537   1.00 23.97  ? 70  GLY A N   1 
ATOM   513  C  CA  . GLY A 1 70  ? 8.859   -11.808 4.686   1.00 28.02  ? 70  GLY A CA  1 
ATOM   514  C  C   . GLY A 1 70  ? 8.011   -11.366 5.866   1.00 27.68  ? 70  GLY A C   1 
ATOM   515  O  O   . GLY A 1 70  ? 7.092   -10.552 5.756   1.00 23.98  ? 70  GLY A O   1 
ATOM   516  N  N   . LEU A 1 71  ? 8.354   -11.917 7.033   1.00 22.56  ? 71  LEU A N   1 
ATOM   517  C  CA  . LEU A 1 71  ? 7.549   -11.724 8.231   1.00 20.39  ? 71  LEU A CA  1 
ATOM   518  C  C   . LEU A 1 71  ? 7.662   -10.317 8.804   1.00 21.12  ? 71  LEU A C   1 
ATOM   519  O  O   . LEU A 1 71  ? 6.774   -9.889  9.548   1.00 21.34  ? 71  LEU A O   1 
ATOM   520  C  CB  . LEU A 1 71  ? 7.956   -12.748 9.289   1.00 23.28  ? 71  LEU A CB  1 
ATOM   521  C  CG  . LEU A 1 71  ? 7.573   -14.194 8.966   1.00 27.93  ? 71  LEU A CG  1 
ATOM   522  C  CD1 . LEU A 1 71  ? 8.356   -15.149 9.842   1.00 32.00  ? 71  LEU A CD1 1 
ATOM   523  C  CD2 . LEU A 1 71  ? 6.079   -14.405 9.139   1.00 33.63  ? 71  LEU A CD2 1 
ATOM   524  N  N   . GLU A 1 72  ? 8.738   -9.602  8.494   1.00 21.87  ? 72  GLU A N   1 
ATOM   525  C  CA  . GLU A 1 72  ? 8.935   -8.224  8.919   1.00 21.66  ? 72  GLU A CA  1 
ATOM   526  C  C   . GLU A 1 72  ? 9.088   -7.381  7.663   1.00 20.01  ? 72  GLU A C   1 
ATOM   527  O  O   . GLU A 1 72  ? 9.875   -7.730  6.777   1.00 20.58  ? 72  GLU A O   1 
ATOM   528  C  CB  . GLU A 1 72  ? 10.178  -8.105  9.809   1.00 22.35  ? 72  GLU A CB  1 
ATOM   529  C  CG  . GLU A 1 72  ? 10.323  -9.241  10.827  1.00 21.56  ? 72  GLU A CG  1 
ATOM   530  C  CD  . GLU A 1 72  ? 11.132  -10.412 10.279  1.00 23.42  ? 72  GLU A CD  1 
ATOM   531  O  OE1 . GLU A 1 72  ? 11.373  -10.450 9.049   1.00 19.32  ? 72  GLU A OE1 1 
ATOM   532  O  OE2 . GLU A 1 72  ? 11.533  -11.293 11.067  1.00 34.40  ? 72  GLU A OE2 1 
ATOM   533  N  N   . VAL A 1 73  ? 8.334   -6.288  7.563   1.00 19.54  ? 73  VAL A N   1 
ATOM   534  C  CA  . VAL A 1 73  ? 8.328   -5.536  6.312   1.00 17.00  ? 73  VAL A CA  1 
ATOM   535  C  C   . VAL A 1 73  ? 8.109   -4.053  6.594   1.00 18.78  ? 73  VAL A C   1 
ATOM   536  O  O   . VAL A 1 73  ? 7.260   -3.672  7.406   1.00 18.15  ? 73  VAL A O   1 
ATOM   537  C  CB  . VAL A 1 73  ? 7.272   -6.098  5.334   1.00 20.86  ? 73  VAL A CB  1 
ATOM   538  C  CG1 . VAL A 1 73  ? 5.863   -5.990  5.912   1.00 23.99  ? 73  VAL A CG1 1 
ATOM   539  C  CG2 . VAL A 1 73  ? 7.371   -5.396  3.987   1.00 20.89  ? 73  VAL A CG2 1 
ATOM   540  N  N   . ASN A 1 74  ? 8.901   -3.221  5.921   1.00 18.96  ? 74  ASN A N   1 
ATOM   541  C  CA  . ASN A 1 74  ? 8.702   -1.778  5.877   1.00 14.45  ? 74  ASN A CA  1 
ATOM   542  C  C   . ASN A 1 74  ? 7.999   -1.426  4.577   1.00 17.37  ? 74  ASN A C   1 
ATOM   543  O  O   . ASN A 1 74  ? 8.457   -1.818  3.498   1.00 17.61  ? 74  ASN A O   1 
ATOM   544  C  CB  . ASN A 1 74  ? 10.033  -1.027  5.947   1.00 17.43  ? 74  ASN A CB  1 
ATOM   545  C  CG  . ASN A 1 74  ? 10.768  -1.242  7.254   1.00 19.19  ? 74  ASN A CG  1 
ATOM   546  O  OD1 . ASN A 1 74  ? 10.179  -1.187  8.333   1.00 21.58  ? 74  ASN A OD1 1 
ATOM   547  N  ND2 . ASN A 1 74  ? 12.071  -1.478  7.161   1.00 20.15  ? 74  ASN A ND2 1 
ATOM   548  N  N   . ILE A 1 75  ? 6.903   -0.678  4.669   1.00 16.59  ? 75  ILE A N   1 
ATOM   549  C  CA  . ILE A 1 75  ? 6.161   -0.237  3.493   1.00 14.19  ? 75  ILE A CA  1 
ATOM   550  C  C   . ILE A 1 75  ? 6.064   1.281   3.520   1.00 17.32  ? 75  ILE A C   1 
ATOM   551  O  O   . ILE A 1 75  ? 5.642   1.862   4.526   1.00 18.94  ? 75  ILE A O   1 
ATOM   552  C  CB  . ILE A 1 75  ? 4.764   -0.877  3.418   1.00 15.65  ? 75  ILE A CB  1 
ATOM   553  C  CG1 . ILE A 1 75  ? 4.878   -2.401  3.354   1.00 17.36  ? 75  ILE A CG1 1 
ATOM   554  C  CG2 . ILE A 1 75  ? 4.010   -0.350  2.201   1.00 18.16  ? 75  ILE A CG2 1 
ATOM   555  C  CD1 . ILE A 1 75  ? 3.542   -3.125  3.359   1.00 18.73  ? 75  ILE A CD1 1 
ATOM   556  N  N   . VAL A 1 76  ? 6.452   1.912   2.414   1.00 15.99  ? 76  VAL A N   1 
ATOM   557  C  CA  . VAL A 1 76  ? 6.390   3.360   2.239   1.00 17.32  ? 76  VAL A CA  1 
ATOM   558  C  C   . VAL A 1 76  ? 5.365   3.652   1.149   1.00 16.18  ? 76  VAL A C   1 
ATOM   559  O  O   . VAL A 1 76  ? 5.565   3.297   -0.019  1.00 17.39  ? 76  VAL A O   1 
ATOM   560  C  CB  . VAL A 1 76  ? 7.761   3.946   1.880   1.00 19.35  ? 76  VAL A CB  1 
ATOM   561  C  CG1 . VAL A 1 76  ? 7.640   5.429   1.532   1.00 19.40  ? 76  VAL A CG1 1 
ATOM   562  C  CG2 . VAL A 1 76  ? 8.741   3.735   3.021   1.00 19.42  ? 76  VAL A CG2 1 
ATOM   563  N  N   . THR A 1 77  ? 4.271   4.307   1.523   1.00 17.55  ? 77  THR A N   1 
ATOM   564  C  CA  . THR A 1 77  ? 3.226   4.679   0.581   1.00 16.95  ? 77  THR A CA  1 
ATOM   565  C  C   . THR A 1 77  ? 3.129   6.198   0.535   1.00 20.92  ? 77  THR A C   1 
ATOM   566  O  O   . THR A 1 77  ? 3.525   6.894   1.471   1.00 21.05  ? 77  THR A O   1 
ATOM   567  C  CB  . THR A 1 77  ? 1.874   4.059   0.978   1.00 19.91  ? 77  THR A CB  1 
ATOM   568  O  OG1 . THR A 1 77  ? 0.865   4.437   0.032   1.00 18.69  ? 77  THR A OG1 1 
ATOM   569  C  CG2 . THR A 1 77  ? 1.456   4.518   2.369   1.00 20.62  ? 77  THR A CG2 1 
ATOM   570  N  N   . ASP A 1 78  ? 2.624   6.721   -0.579  1.00 20.48  ? 78  ASP A N   1 
ATOM   571  C  CA  . ASP A 1 78  ? 2.305   8.141   -0.655  1.00 17.29  ? 78  ASP A CA  1 
ATOM   572  C  C   . ASP A 1 78  ? 0.801   8.380   -0.623  1.00 19.77  ? 78  ASP A C   1 
ATOM   573  O  O   . ASP A 1 78  ? 0.348   9.488   -0.926  1.00 21.54  ? 78  ASP A O   1 
ATOM   574  C  CB  . ASP A 1 78  ? 2.948   8.781   -1.894  1.00 16.72  ? 78  ASP A CB  1 
ATOM   575  C  CG  . ASP A 1 78  ? 2.483   8.155   -3.178  1.00 24.35  ? 78  ASP A CG  1 
ATOM   576  O  OD1 . ASP A 1 78  ? 1.336   7.717   -3.213  1.00 21.83  ? 78  ASP A OD1 1 
ATOM   577  O  OD2 . ASP A 1 78  ? 3.243   8.097   -4.155  1.00 19.05  ? 78  ASP A OD2 1 
ATOM   578  N  N   . SER A 1 79  ? 0.021   7.362   -0.271  1.00 15.90  ? 79  SER A N   1 
ATOM   579  C  CA  . SER A 1 79  ? -1.433  7.468   -0.210  1.00 20.61  ? 79  SER A CA  1 
ATOM   580  C  C   . SER A 1 79  ? -1.860  7.644   1.244   1.00 22.09  ? 79  SER A C   1 
ATOM   581  O  O   . SER A 1 79  ? -1.809  6.696   2.031   1.00 19.85  ? 79  SER A O   1 
ATOM   582  C  CB  . SER A 1 79  ? -2.081  6.230   -0.828  1.00 22.06  ? 79  SER A CB  1 
ATOM   583  O  OG  . SER A 1 79  ? -3.488  6.255   -0.683  1.00 17.32  ? 79  SER A OG  1 
ATOM   584  N  N   . GLN A 1 80  ? -2.281  8.863   1.605   1.00 19.85  ? 80  GLN A N   1 
ATOM   585  C  CA  . GLN A 1 80  ? -2.811  9.064   2.952   1.00 17.86  ? 80  GLN A CA  1 
ATOM   586  C  C   . GLN A 1 80  ? -4.057  8.221   3.178   1.00 19.07  ? 80  GLN A C   1 
ATOM   587  O  O   . GLN A 1 80  ? -4.263  7.691   4.277   1.00 22.84  ? 80  GLN A O   1 
ATOM   588  C  CB  . GLN A 1 80  ? -3.116  10.542  3.203   1.00 26.11  ? 80  GLN A CB  1 
ATOM   589  C  CG  . GLN A 1 80  ? -2.181  11.511  2.517   1.00 26.60  ? 80  GLN A CG  1 
ATOM   590  C  CD  . GLN A 1 80  ? -2.307  12.918  3.067   1.00 34.37  ? 80  GLN A CD  1 
ATOM   591  O  OE1 . GLN A 1 80  ? -3.373  13.524  3.014   1.00 42.64  ? 80  GLN A OE1 1 
ATOM   592  N  NE2 . GLN A 1 80  ? -1.218  13.443  3.596   1.00 33.42  ? 80  GLN A NE2 1 
ATOM   593  N  N   . TYR A 1 81  ? -4.901  8.086   2.151   1.00 17.72  ? 81  TYR A N   1 
ATOM   594  C  CA  . TYR A 1 81  ? -6.095  7.258   2.273   1.00 16.88  ? 81  TYR A CA  1 
ATOM   595  C  C   . TYR A 1 81  ? -5.738  5.820   2.624   1.00 19.37  ? 81  TYR A C   1 
ATOM   596  O  O   . TYR A 1 81  ? -6.300  5.239   3.560   1.00 23.03  ? 81  TYR A O   1 
ATOM   597  C  CB  . TYR A 1 81  ? -6.906  7.289   0.980   1.00 19.20  ? 81  TYR A CB  1 
ATOM   598  C  CG  . TYR A 1 81  ? -7.916  6.166   0.921   1.00 21.09  ? 81  TYR A CG  1 
ATOM   599  C  CD1 . TYR A 1 81  ? -9.079  6.213   1.677   1.00 24.89  ? 81  TYR A CD1 1 
ATOM   600  C  CD2 . TYR A 1 81  ? -7.682  5.033   0.147   1.00 26.89  ? 81  TYR A CD2 1 
ATOM   601  C  CE1 . TYR A 1 81  ? -9.997  5.177   1.642   1.00 29.19  ? 81  TYR A CE1 1 
ATOM   602  C  CE2 . TYR A 1 81  ? -8.589  3.997   0.109   1.00 23.27  ? 81  TYR A CE2 1 
ATOM   603  C  CZ  . TYR A 1 81  ? -9.745  4.073   0.856   1.00 30.96  ? 81  TYR A CZ  1 
ATOM   604  O  OH  . TYR A 1 81  ? -10.649 3.036   0.811   1.00 31.82  ? 81  TYR A OH  1 
ATOM   605  N  N   . ALA A 1 82  ? -4.824  5.221   1.858   1.00 19.14  ? 82  ALA A N   1 
ATOM   606  C  CA  . ALA A 1 82  ? -4.437  3.837   2.108   1.00 20.14  ? 82  ALA A CA  1 
ATOM   607  C  C   . ALA A 1 82  ? -3.945  3.659   3.537   1.00 21.39  ? 82  ALA A C   1 
ATOM   608  O  O   . ALA A 1 82  ? -4.365  2.734   4.239   1.00 22.28  ? 82  ALA A O   1 
ATOM   609  C  CB  . ALA A 1 82  ? -3.368  3.404   1.108   1.00 19.34  ? 82  ALA A CB  1 
ATOM   610  N  N   . LEU A 1 83  ? -3.065  4.554   3.994   1.00 21.16  ? 83  LEU A N   1 
ATOM   611  C  CA  . LEU A 1 83  ? -2.552  4.454   5.357   1.00 22.38  ? 83  LEU A CA  1 
ATOM   612  C  C   . LEU A 1 83  ? -3.658  4.659   6.381   1.00 22.53  ? 83  LEU A C   1 
ATOM   613  O  O   . LEU A 1 83  ? -3.723  3.946   7.389   1.00 21.63  ? 83  LEU A O   1 
ATOM   614  C  CB  . LEU A 1 83  ? -1.433  5.473   5.573   1.00 21.05  ? 83  LEU A CB  1 
ATOM   615  C  CG  . LEU A 1 83  ? -0.991  5.662   7.026   1.00 24.40  ? 83  LEU A CG  1 
ATOM   616  C  CD1 . LEU A 1 83  ? -0.146  4.488   7.491   1.00 27.98  ? 83  LEU A CD1 1 
ATOM   617  C  CD2 . LEU A 1 83  ? -0.236  6.970   7.203   1.00 25.02  ? 83  LEU A CD2 1 
ATOM   618  N  N   . GLY A 1 84  ? -4.545  5.624   6.134   1.00 18.06  ? 84  GLY A N   1 
ATOM   619  C  CA  . GLY A 1 84  ? -5.585  5.921   7.104   1.00 19.82  ? 84  GLY A CA  1 
ATOM   620  C  C   . GLY A 1 84  ? -6.581  4.787   7.257   1.00 20.56  ? 84  GLY A C   1 
ATOM   621  O  O   . GLY A 1 84  ? -6.904  4.378   8.377   1.00 23.41  ? 84  GLY A O   1 
ATOM   622  N  N   . ILE A 1 85  ? -7.069  4.251   6.138   1.00 20.57  ? 85  ILE A N   1 
ATOM   623  C  CA  . ILE A 1 85  ? -8.130  3.254   6.229   1.00 19.04  ? 85  ILE A CA  1 
ATOM   624  C  C   . ILE A 1 85  ? -7.598  1.950   6.819   1.00 23.56  ? 85  ILE A C   1 
ATOM   625  O  O   . ILE A 1 85  ? -8.323  1.243   7.531   1.00 18.86  ? 85  ILE A O   1 
ATOM   626  C  CB  . ILE A 1 85  ? -8.793  3.052   4.853   1.00 21.72  ? 85  ILE A CB  1 
ATOM   627  C  CG1 . ILE A 1 85  ? -10.100 2.272   5.003   1.00 32.42  ? 85  ILE A CG1 1 
ATOM   628  C  CG2 . ILE A 1 85  ? -7.851  2.353   3.874   1.00 22.60  ? 85  ILE A CG2 1 
ATOM   629  C  CD1 . ILE A 1 85  ? -11.206 3.072   5.657   1.00 27.97  ? 85  ILE A CD1 1 
ATOM   630  N  N   . ILE A 1 86  ? -6.329  1.625   6.568   1.00 20.12  ? 86  ILE A N   1 
ATOM   631  C  CA  . ILE A 1 86  ? -5.737  0.423   7.149   1.00 16.24  ? 86  ILE A CA  1 
ATOM   632  C  C   . ILE A 1 86  ? -5.504  0.616   8.642   1.00 22.55  ? 86  ILE A C   1 
ATOM   633  O  O   . ILE A 1 86  ? -5.840  -0.250  9.458   1.00 25.51  ? 86  ILE A O   1 
ATOM   634  C  CB  . ILE A 1 86  ? -4.433  0.064   6.413   1.00 18.23  ? 86  ILE A CB  1 
ATOM   635  C  CG1 . ILE A 1 86  ? -4.735  -0.446  5.002   1.00 20.67  ? 86  ILE A CG1 1 
ATOM   636  C  CG2 . ILE A 1 86  ? -3.630  -0.960  7.203   1.00 23.65  ? 86  ILE A CG2 1 
ATOM   637  C  CD1 . ILE A 1 86  ? -3.548  -0.370  4.053   1.00 17.22  ? 86  ILE A CD1 1 
ATOM   638  N  N   . THR A 1 87  ? -4.933  1.762   9.025   1.00 20.77  ? 87  THR A N   1 
ATOM   639  C  CA  . THR A 1 87  ? -4.665  2.019   10.437  1.00 21.57  ? 87  THR A CA  1 
ATOM   640  C  C   . THR A 1 87  ? -5.958  2.120   11.240  1.00 23.12  ? 87  THR A C   1 
ATOM   641  O  O   . THR A 1 87  ? -6.040  1.607   12.364  1.00 23.62  ? 87  THR A O   1 
ATOM   642  C  CB  . THR A 1 87  ? -3.836  3.295   10.595  1.00 25.24  ? 87  THR A CB  1 
ATOM   643  O  OG1 . THR A 1 87  ? -2.607  3.161   9.869   1.00 23.80  ? 87  THR A OG1 1 
ATOM   644  C  CG2 . THR A 1 87  ? -3.520  3.548   12.061  1.00 28.04  ? 87  THR A CG2 1 
ATOM   645  N  N   . GLN A 1 88  ? -6.981  2.772   10.680  1.00 24.74  ? 88  GLN A N   1 
ATOM   646  C  CA  . GLN A 1 88  ? -8.261  2.863   11.375  1.00 24.40  ? 88  GLN A CA  1 
ATOM   647  C  C   . GLN A 1 88  ? -8.895  1.488   11.550  1.00 27.50  ? 88  GLN A C   1 
ATOM   648  O  O   . GLN A 1 88  ? -9.446  1.185   12.616  1.00 26.16  ? 88  GLN A O   1 
ATOM   649  C  CB  . GLN A 1 88  ? -9.205  3.792   10.619  1.00 27.94  ? 88  GLN A CB  1 
ATOM   650  C  CG  . GLN A 1 88  ? -8.856  5.261   10.773  1.00 23.37  ? 88  GLN A CG  1 
ATOM   651  C  CD  . GLN A 1 88  ? -9.124  6.037   9.510   1.00 24.76  ? 88  GLN A CD  1 
ATOM   652  O  OE1 . GLN A 1 88  ? -10.029 5.697   8.753   1.00 25.66  ? 88  GLN A OE1 1 
ATOM   653  N  NE2 . GLN A 1 88  ? -8.337  7.082   9.270   1.00 24.59  ? 88  GLN A NE2 1 
ATOM   654  N  N   . TRP A 1 89  ? -8.833  0.645   10.514  1.00 25.49  ? 89  TRP A N   1 
ATOM   655  C  CA  . TRP A 1 89  ? -9.338  -0.721  10.637  1.00 29.77  ? 89  TRP A CA  1 
ATOM   656  C  C   . TRP A 1 89  ? -8.654  -1.455  11.784  1.00 29.57  ? 89  TRP A C   1 
ATOM   657  O  O   . TRP A 1 89  ? -9.311  -2.134  12.582  1.00 28.44  ? 89  TRP A O   1 
ATOM   658  C  CB  . TRP A 1 89  ? -9.134  -1.475  9.320   1.00 30.24  ? 89  TRP A CB  1 
ATOM   659  C  CG  . TRP A 1 89  ? -10.040 -2.666  9.114   1.00 32.23  ? 89  TRP A CG  1 
ATOM   660  C  CD1 . TRP A 1 89  ? -10.064 -3.816  9.848   1.00 36.52  ? 89  TRP A CD1 1 
ATOM   661  C  CD2 . TRP A 1 89  ? -11.028 -2.827  8.085   1.00 35.02  ? 89  TRP A CD2 1 
ATOM   662  N  NE1 . TRP A 1 89  ? -11.013 -4.679  9.348   1.00 41.69  ? 89  TRP A NE1 1 
ATOM   663  C  CE2 . TRP A 1 89  ? -11.618 -4.094  8.265   1.00 36.69  ? 89  TRP A CE2 1 
ATOM   664  C  CE3 . TRP A 1 89  ? -11.477 -2.019  7.038   1.00 38.49  ? 89  TRP A CE3 1 
ATOM   665  C  CZ2 . TRP A 1 89  ? -12.630 -4.572  7.435   1.00 42.12  ? 89  TRP A CZ2 1 
ATOM   666  C  CZ3 . TRP A 1 89  ? -12.478 -2.499  6.210   1.00 37.21  ? 89  TRP A CZ3 1 
ATOM   667  C  CH2 . TRP A 1 89  ? -13.046 -3.760  6.416   1.00 36.74  ? 89  TRP A CH2 1 
ATOM   668  N  N   . ILE A 1 90  ? -7.333  -1.311  11.893  1.00 27.74  ? 90  ILE A N   1 
ATOM   669  C  CA  . ILE A 1 90  ? -6.597  -1.973  12.965  1.00 25.68  ? 90  ILE A CA  1 
ATOM   670  C  C   . ILE A 1 90  ? -6.966  -1.383  14.322  1.00 36.88  ? 90  ILE A C   1 
ATOM   671  O  O   . ILE A 1 90  ? -7.130  -2.117  15.304  1.00 30.77  ? 90  ILE A O   1 
ATOM   672  C  CB  . ILE A 1 90  ? -5.084  -1.891  12.695  1.00 30.61  ? 90  ILE A CB  1 
ATOM   673  C  CG1 . ILE A 1 90  ? -4.713  -2.795  11.518  1.00 30.19  ? 90  ILE A CG1 1 
ATOM   674  C  CG2 . ILE A 1 90  ? -4.291  -2.263  13.935  1.00 35.44  ? 90  ILE A CG2 1 
ATOM   675  C  CD1 . ILE A 1 90  ? -3.241  -2.793  11.192  1.00 32.96  ? 90  ILE A CD1 1 
ATOM   676  N  N   . HIS A 1 91  ? -7.126  -0.060  14.401  1.00 27.31  ? 91  HIS A N   1 
ATOM   677  C  CA  . HIS A 1 91  ? -7.371  0.548   15.704  1.00 29.39  ? 91  HIS A CA  1 
ATOM   678  C  C   . HIS A 1 91  ? -8.796  0.325   16.210  1.00 26.55  ? 91  HIS A C   1 
ATOM   679  O  O   . HIS A 1 91  ? -9.026  0.427   17.422  1.00 33.83  ? 91  HIS A O   1 
ATOM   680  C  CB  . HIS A 1 91  ? -7.063  2.052   15.671  1.00 32.72  ? 91  HIS A CB  1 
ATOM   681  C  CG  . HIS A 1 91  ? -5.601  2.375   15.587  1.00 40.62  ? 91  HIS A CG  1 
ATOM   682  N  ND1 . HIS A 1 91  ? -5.122  3.665   15.644  1.00 35.47  ? 91  HIS A ND1 1 
ATOM   683  C  CD2 . HIS A 1 91  ? -4.513  1.581   15.434  1.00 54.04  ? 91  HIS A CD2 1 
ATOM   684  C  CE1 . HIS A 1 91  ? -3.807  3.656   15.540  1.00 36.95  ? 91  HIS A CE1 1 
ATOM   685  N  NE2 . HIS A 1 91  ? -3.412  2.401   15.412  1.00 41.52  ? 91  HIS A NE2 1 
ATOM   686  N  N   . ASN A 1 92  ? -9.753  0.011   15.336  1.00 20.33  ? 92  ASN A N   1 
ATOM   687  C  CA  . ASN A 1 92  ? -11.163 -0.006  15.725  1.00 36.47  ? 92  ASN A CA  1 
ATOM   688  C  C   . ASN A 1 92  ? -11.850 -1.358  15.585  1.00 46.60  ? 92  ASN A C   1 
ATOM   689  O  O   . ASN A 1 92  ? -13.085 -1.406  15.614  1.00 50.95  ? 92  ASN A O   1 
ATOM   690  C  CB  . ASN A 1 92  ? -11.954 1.013   14.911  1.00 34.40  ? 92  ASN A CB  1 
ATOM   691  C  CG  . ASN A 1 92  ? -11.588 2.437   15.250  1.00 30.93  ? 92  ASN A CG  1 
ATOM   692  O  OD1 . ASN A 1 92  ? -12.078 3.001   16.230  1.00 24.41  ? 92  ASN A OD1 1 
ATOM   693  N  ND2 . ASN A 1 92  ? -10.732 3.035   14.430  1.00 29.95  ? 92  ASN A ND2 1 
ATOM   694  N  N   . TRP A 1 93  ? -11.114 -2.450  15.426  1.00 45.30  ? 93  TRP A N   1 
ATOM   695  C  CA  . TRP A 1 93  ? -11.811 -3.707  15.236  1.00 62.38  ? 93  TRP A CA  1 
ATOM   696  C  C   . TRP A 1 93  ? -12.479 -4.134  16.523  1.00 65.51  ? 93  TRP A C   1 
ATOM   697  O  O   . TRP A 1 93  ? -12.084 -3.713  17.612  1.00 67.81  ? 93  TRP A O   1 
ATOM   698  C  CB  . TRP A 1 93  ? -10.860 -4.791  14.779  1.00 64.38  ? 93  TRP A CB  1 
ATOM   699  C  CG  . TRP A 1 93  ? -11.543 -5.934  14.114  1.00 70.39  ? 93  TRP A CG  1 
ATOM   700  C  CD1 . TRP A 1 93  ? -11.424 -7.257  14.429  1.00 65.79  ? 93  TRP A CD1 1 
ATOM   701  C  CD2 . TRP A 1 93  ? -12.478 -5.860  13.033  1.00 72.37  ? 93  TRP A CD2 1 
ATOM   702  N  NE1 . TRP A 1 93  ? -12.216 -8.011  13.599  1.00 72.75  ? 93  TRP A NE1 1 
ATOM   703  C  CE2 . TRP A 1 93  ? -12.875 -7.175  12.735  1.00 71.86  ? 93  TRP A CE2 1 
ATOM   704  C  CE3 . TRP A 1 93  ? -13.015 -4.807  12.284  1.00 65.91  ? 93  TRP A CE3 1 
ATOM   705  C  CZ2 . TRP A 1 93  ? -13.777 -7.466  11.721  1.00 70.50  ? 93  TRP A CZ2 1 
ATOM   706  C  CZ3 . TRP A 1 93  ? -13.915 -5.098  11.281  1.00 63.15  ? 93  TRP A CZ3 1 
ATOM   707  C  CH2 . TRP A 1 93  ? -14.289 -6.417  11.008  1.00 66.65  ? 93  TRP A CH2 1 
ATOM   708  N  N   . LYS A 1 94  ? -13.487 -5.005  16.380  1.00 69.13  ? 94  LYS A N   1 
ATOM   709  C  CA  . LYS A 1 94  ? -14.312 -5.533  17.466  1.00 70.85  ? 94  LYS A CA  1 
ATOM   710  C  C   . LYS A 1 94  ? -14.548 -4.527  18.591  1.00 69.95  ? 94  LYS A C   1 
ATOM   711  O  O   . LYS A 1 94  ? -14.637 -4.895  19.766  1.00 78.28  ? 94  LYS A O   1 
ATOM   712  C  CB  . LYS A 1 94  ? -13.746 -6.871  18.009  1.00 78.55  ? 94  LYS A CB  1 
ATOM   713  C  CG  . LYS A 1 94  ? -12.534 -6.866  18.987  1.00 83.24  ? 94  LYS A CG  1 
ATOM   714  C  CD  . LYS A 1 94  ? -11.263 -6.269  18.469  1.00 78.61  ? 94  LYS A CD  1 
ATOM   715  C  CE  . LYS A 1 94  ? -10.039 -6.672  19.156  1.00 70.70  ? 94  LYS A CE  1 
ATOM   716  N  NZ  . LYS A 1 94  ? -8.887  -6.050  18.543  1.00 69.71  ? 94  LYS A NZ  1 
ATOM   717  N  N   . LYS A 1 95  ? -14.686 -3.252  18.227  1.00 69.59  ? 95  LYS A N   1 
ATOM   718  C  CA  . LYS A 1 95  ? -14.918 -2.170  19.174  1.00 74.75  ? 95  LYS A CA  1 
ATOM   719  C  C   . LYS A 1 95  ? -16.137 -1.363  18.754  1.00 71.94  ? 95  LYS A C   1 
ATOM   720  O  O   . LYS A 1 95  ? -16.383 -1.164  17.561  1.00 67.34  ? 95  LYS A O   1 
ATOM   721  C  CB  . LYS A 1 95  ? -13.701 -1.234  19.276  1.00 69.59  ? 95  LYS A CB  1 
ATOM   722  C  CG  . LYS A 1 95  ? -12.441 -1.872  19.838  1.00 61.01  ? 95  LYS A CG  1 
ATOM   723  C  CD  . LYS A 1 95  ? -11.207 -1.105  19.384  1.00 55.56  ? 95  LYS A CD  1 
ATOM   724  C  CE  . LYS A 1 95  ? -10.033 -1.320  20.323  1.00 57.83  ? 95  LYS A CE  1 
ATOM   725  N  NZ  . LYS A 1 95  ? -8.896  -0.411  19.998  1.00 54.74  ? 95  LYS A NZ  1 
ATOM   726  N  N   . ARG A 1 96  ? -16.888 -0.895  19.750  1.00 77.17  ? 96  ARG A N   1 
ATOM   727  C  CA  . ARG A 1 96  ? -18.047 -0.032  19.546  1.00 72.28  ? 96  ARG A CA  1 
ATOM   728  C  C   . ARG A 1 96  ? -17.695 1.206   18.729  1.00 67.03  ? 96  ARG A C   1 
ATOM   729  O  O   . ARG A 1 96  ? -16.536 1.631   18.696  1.00 67.50  ? 96  ARG A O   1 
ATOM   730  C  CB  . ARG A 1 96  ? -18.646 0.383   20.897  1.00 73.21  ? 96  ARG A CB  1 
ATOM   731  C  CG  . ARG A 1 96  ? -17.893 1.500   21.631  1.00 72.67  ? 96  ARG A CG  1 
ATOM   732  C  CD  . ARG A 1 96  ? -16.478 1.094   22.038  1.00 70.01  ? 96  ARG A CD  1 
ATOM   733  N  NE  . ARG A 1 96  ? -15.586 2.239   22.175  1.00 74.36  ? 96  ARG A NE  1 
ATOM   734  C  CZ  . ARG A 1 96  ? -14.719 2.631   21.251  1.00 72.91  ? 96  ARG A CZ  1 
ATOM   735  N  NH1 . ARG A 1 96  ? -14.605 1.997   20.095  1.00 73.57  ? 96  ARG A NH1 1 
ATOM   736  N  NH2 . ARG A 1 96  ? -13.947 3.687   21.492  1.00 62.20  ? 96  ARG A NH2 1 
ATOM   737  N  N   . GLY A 1 97  ? -18.694 1.790   18.069  1.00 55.44  ? 97  GLY A N   1 
ATOM   738  C  CA  . GLY A 1 97  ? -18.490 2.961   17.243  1.00 46.46  ? 97  GLY A CA  1 
ATOM   739  C  C   . GLY A 1 97  ? -17.952 2.690   15.857  1.00 45.81  ? 97  GLY A C   1 
ATOM   740  O  O   . GLY A 1 97  ? -17.797 3.637   15.076  1.00 49.46  ? 97  GLY A O   1 
ATOM   741  N  N   . TRP A 1 98  ? -17.675 1.433   15.517  1.00 55.38  ? 98  TRP A N   1 
ATOM   742  C  CA  . TRP A 1 98  ? -17.035 1.078   14.256  1.00 57.05  ? 98  TRP A CA  1 
ATOM   743  C  C   . TRP A 1 98  ? -18.091 0.648   13.244  1.00 50.86  ? 98  TRP A C   1 
ATOM   744  O  O   . TRP A 1 98  ? -18.743 -0.386  13.414  1.00 48.83  ? 98  TRP A O   1 
ATOM   745  C  CB  . TRP A 1 98  ? -16.002 -0.027  14.464  1.00 60.91  ? 98  TRP A CB  1 
ATOM   746  C  CG  . TRP A 1 98  ? -15.277 -0.457  13.210  1.00 59.73  ? 98  TRP A CG  1 
ATOM   747  C  CD1 . TRP A 1 98  ? -15.238 -1.716  12.677  1.00 60.60  ? 98  TRP A CD1 1 
ATOM   748  C  CD2 . TRP A 1 98  ? -14.483 0.366   12.342  1.00 53.64  ? 98  TRP A CD2 1 
ATOM   749  N  NE1 . TRP A 1 98  ? -14.474 -1.726  11.536  1.00 58.57  ? 98  TRP A NE1 1 
ATOM   750  C  CE2 . TRP A 1 98  ? -13.999 -0.461  11.308  1.00 53.32  ? 98  TRP A CE2 1 
ATOM   751  C  CE3 . TRP A 1 98  ? -14.135 1.721   12.339  1.00 47.75  ? 98  TRP A CE3 1 
ATOM   752  C  CZ2 . TRP A 1 98  ? -13.188 0.022   10.283  1.00 42.40  ? 98  TRP A CZ2 1 
ATOM   753  C  CZ3 . TRP A 1 98  ? -13.328 2.198   11.322  1.00 42.91  ? 98  TRP A CZ3 1 
ATOM   754  C  CH2 . TRP A 1 98  ? -12.864 1.350   10.307  1.00 43.03  ? 98  TRP A CH2 1 
ATOM   755  N  N   . LYS A 1 99  ? -18.262 1.454   12.203  1.00 49.80  ? 99  LYS A N   1 
ATOM   756  C  CA  . LYS A 1 99  ? -18.899 1.030   10.967  1.00 46.82  ? 99  LYS A CA  1 
ATOM   757  C  C   . LYS A 1 99  ? -17.814 0.890   9.912   1.00 48.93  ? 99  LYS A C   1 
ATOM   758  O  O   . LYS A 1 99  ? -16.972 1.782   9.763   1.00 44.62  ? 99  LYS A O   1 
ATOM   759  C  CB  . LYS A 1 99  ? -19.969 2.022   10.508  1.00 42.87  ? 99  LYS A CB  1 
ATOM   760  C  CG  . LYS A 1 99  ? -21.025 1.405   9.593   1.00 44.13  ? 99  LYS A CG  1 
ATOM   761  C  CD  . LYS A 1 99  ? -22.296 2.223   9.604   1.00 43.45  ? 99  LYS A CD  1 
ATOM   762  C  CE  . LYS A 1 99  ? -23.339 1.634   10.548  1.00 47.79  ? 99  LYS A CE  1 
ATOM   763  N  NZ  . LYS A 1 99  ? -24.666 1.446   9.896   1.00 45.62  ? 99  LYS A NZ  1 
ATOM   764  N  N   . THR A 1 100 ? -17.817 -0.233  9.205   1.00 51.16  ? 100 THR A N   1 
ATOM   765  C  CA  . THR A 1 100 ? -16.804 -0.476  8.198   1.00 46.26  ? 100 THR A CA  1 
ATOM   766  C  C   . THR A 1 100 ? -17.054 0.412   6.978   1.00 44.24  ? 100 THR A C   1 
ATOM   767  O  O   . THR A 1 100 ? -18.180 0.856   6.745   1.00 44.37  ? 100 THR A O   1 
ATOM   768  C  CB  . THR A 1 100 ? -16.793 -1.955  7.815   1.00 52.80  ? 100 THR A CB  1 
ATOM   769  O  OG1 . THR A 1 100 ? -18.132 -2.463  7.827   1.00 60.72  ? 100 THR A OG1 1 
ATOM   770  C  CG2 . THR A 1 100 ? -15.952 -2.744  8.807   1.00 47.26  ? 100 THR A CG2 1 
ATOM   771  N  N   . PRO A 1 101 ? -16.012 0.708   6.201   1.00 43.88  ? 101 PRO A N   1 
ATOM   772  C  CA  . PRO A 1 101 ? -16.173 1.661   5.095   1.00 42.74  ? 101 PRO A CA  1 
ATOM   773  C  C   . PRO A 1 101 ? -17.104 1.139   4.011   1.00 42.07  ? 101 PRO A C   1 
ATOM   774  O  O   . PRO A 1 101 ? -17.268 -0.066  3.822   1.00 45.77  ? 101 PRO A O   1 
ATOM   775  C  CB  . PRO A 1 101 ? -14.749 1.839   4.558   1.00 39.07  ? 101 PRO A CB  1 
ATOM   776  C  CG  . PRO A 1 101 ? -13.977 0.686   5.062   1.00 36.18  ? 101 PRO A CG  1 
ATOM   777  C  CD  . PRO A 1 101 ? -14.624 0.230   6.328   1.00 42.99  ? 101 PRO A CD  1 
ATOM   778  N  N   . VAL A 1 102 ? -17.704 2.080   3.283   1.00 44.55  ? 102 VAL A N   1 
ATOM   779  C  CA  . VAL A 1 102 ? -18.683 1.756   2.251   1.00 48.17  ? 102 VAL A CA  1 
ATOM   780  C  C   . VAL A 1 102 ? -18.011 1.681   0.882   1.00 46.19  ? 102 VAL A C   1 
ATOM   781  O  O   . VAL A 1 102 ? -18.684 1.524   -0.141  1.00 49.80  ? 102 VAL A O   1 
ATOM   782  C  CB  . VAL A 1 102 ? -19.833 2.778   2.236   1.00 52.89  ? 102 VAL A CB  1 
ATOM   783  C  CG1 . VAL A 1 102 ? -20.728 2.589   3.445   1.00 49.04  ? 102 VAL A CG1 1 
ATOM   784  C  CG2 . VAL A 1 102 ? -19.273 4.204   2.210   1.00 45.38  ? 102 VAL A CG2 1 
ATOM   785  N  N   . LYS A 1 103 ? -16.683 1.786   0.857   1.00 30.21  ? 103 LYS A N   1 
ATOM   786  C  CA  . LYS A 1 103 ? -15.938 1.647   -0.388  1.00 32.32  ? 103 LYS A CA  1 
ATOM   787  C  C   . LYS A 1 103 ? -14.669 0.842   -0.148  1.00 29.47  ? 103 LYS A C   1 
ATOM   788  O  O   . LYS A 1 103 ? -14.063 0.926   0.923   1.00 30.48  ? 103 LYS A O   1 
ATOM   789  C  CB  . LYS A 1 103 ? -15.590 3.016   -1.001  1.00 30.73  ? 103 LYS A CB  1 
ATOM   790  C  CG  . LYS A 1 103 ? -14.534 3.800   -0.244  1.00 40.91  ? 103 LYS A CG  1 
ATOM   791  C  CD  . LYS A 1 103 ? -14.279 5.158   -0.879  1.00 37.95  ? 103 LYS A CD  1 
ATOM   792  C  CE  . LYS A 1 103 ? -12.946 5.718   -0.425  1.00 31.29  ? 103 LYS A CE  1 
ATOM   793  N  NZ  . LYS A 1 103 ? -12.935 7.206   -0.324  1.00 40.04  ? 103 LYS A NZ  1 
ATOM   794  N  N   . ASN A 1 104 ? -14.291 0.041   -1.151  1.00 28.46  ? 104 ASN A N   1 
ATOM   795  C  CA  . ASN A 1 104 ? -13.050 -0.740  -1.144  1.00 27.50  ? 104 ASN A CA  1 
ATOM   796  C  C   . ASN A 1 104 ? -12.997 -1.731  0.016   1.00 28.19  ? 104 ASN A C   1 
ATOM   797  O  O   . ASN A 1 104 ? -11.915 -2.130  0.455   1.00 29.45  ? 104 ASN A O   1 
ATOM   798  C  CB  . ASN A 1 104 ? -11.821 0.174   -1.112  1.00 29.70  ? 104 ASN A CB  1 
ATOM   799  C  CG  . ASN A 1 104 ? -11.731 1.066   -2.331  1.00 25.55  ? 104 ASN A CG  1 
ATOM   800  O  OD1 . ASN A 1 104 ? -12.117 0.670   -3.428  1.00 33.74  ? 104 ASN A OD1 1 
ATOM   801  N  ND2 . ASN A 1 104 ? -11.221 2.278   -2.146  1.00 24.25  ? 104 ASN A ND2 1 
ATOM   802  N  N   . VAL A 1 105 ? -14.158 -2.160  0.515   1.00 27.99  ? 105 VAL A N   1 
ATOM   803  C  CA  . VAL A 1 105 ? -14.170 -2.944  1.746   1.00 26.69  ? 105 VAL A CA  1 
ATOM   804  C  C   . VAL A 1 105 ? -13.566 -4.328  1.520   1.00 29.25  ? 105 VAL A C   1 
ATOM   805  O  O   . VAL A 1 105 ? -12.847 -4.849  2.382   1.00 32.56  ? 105 VAL A O   1 
ATOM   806  C  CB  . VAL A 1 105 ? -15.597 -3.015  2.326   1.00 31.22  ? 105 VAL A CB  1 
ATOM   807  C  CG1 . VAL A 1 105 ? -16.543 -3.746  1.383   1.00 31.39  ? 105 VAL A CG1 1 
ATOM   808  C  CG2 . VAL A 1 105 ? -15.576 -3.671  3.698   1.00 33.40  ? 105 VAL A CG2 1 
ATOM   809  N  N   . ASP A 1 106 ? -13.816 -4.936  0.356   1.00 24.59  ? 106 ASP A N   1 
ATOM   810  C  CA  . ASP A 1 106 ? -13.284 -6.272  0.099   1.00 29.74  ? 106 ASP A CA  1 
ATOM   811  C  C   . ASP A 1 106 ? -11.763 -6.252  0.001   1.00 29.10  ? 106 ASP A C   1 
ATOM   812  O  O   . ASP A 1 106 ? -11.086 -7.123  0.561   1.00 28.65  ? 106 ASP A O   1 
ATOM   813  C  CB  . ASP A 1 106 ? -13.892 -6.846  -1.182  1.00 33.93  ? 106 ASP A CB  1 
ATOM   814  C  CG  . ASP A 1 106 ? -15.331 -7.290  -0.996  1.00 39.42  ? 106 ASP A CG  1 
ATOM   815  O  OD1 . ASP A 1 106 ? -15.763 -7.434  0.166   1.00 40.40  ? 106 ASP A OD1 1 
ATOM   816  O  OD2 . ASP A 1 106 ? -16.026 -7.503  -2.012  1.00 44.42  ? 106 ASP A OD2 1 
ATOM   817  N  N   . LEU A 1 107 ? -11.211 -5.263  -0.704  1.00 30.32  ? 107 LEU A N   1 
ATOM   818  C  CA  . LEU A 1 107 ? -9.763  -5.166  -0.860  1.00 23.11  ? 107 LEU A CA  1 
ATOM   819  C  C   . LEU A 1 107 ? -9.080  -4.881  0.472   1.00 25.28  ? 107 LEU A C   1 
ATOM   820  O  O   . LEU A 1 107 ? -8.022  -5.447  0.767   1.00 27.43  ? 107 LEU A O   1 
ATOM   821  C  CB  . LEU A 1 107 ? -9.430  -4.081  -1.885  1.00 29.14  ? 107 LEU A CB  1 
ATOM   822  C  CG  . LEU A 1 107 ? -7.972  -3.821  -2.271  1.00 22.90  ? 107 LEU A CG  1 
ATOM   823  C  CD1 . LEU A 1 107 ? -7.242  -5.116  -2.591  1.00 26.78  ? 107 LEU A CD1 1 
ATOM   824  C  CD2 . LEU A 1 107 ? -7.910  -2.857  -3.455  1.00 27.82  ? 107 LEU A CD2 1 
ATOM   825  N  N   . VAL A 1 108 ? -9.667  -4.003  1.289   1.00 25.24  ? 108 VAL A N   1 
ATOM   826  C  CA  . VAL A 1 108 ? -9.065  -3.706  2.583   1.00 26.81  ? 108 VAL A CA  1 
ATOM   827  C  C   . VAL A 1 108 ? -9.132  -4.929  3.492   1.00 28.42  ? 108 VAL A C   1 
ATOM   828  O  O   . VAL A 1 108 ? -8.213  -5.172  4.284   1.00 27.28  ? 108 VAL A O   1 
ATOM   829  C  CB  . VAL A 1 108 ? -9.740  -2.473  3.216   1.00 22.66  ? 108 VAL A CB  1 
ATOM   830  C  CG1 . VAL A 1 108 ? -9.170  -2.203  4.590   1.00 24.64  ? 108 VAL A CG1 1 
ATOM   831  C  CG2 . VAL A 1 108 ? -9.549  -1.258  2.324   1.00 22.30  ? 108 VAL A CG2 1 
ATOM   832  N  N   . ASN A 1 109 ? -10.192 -5.734  3.377   1.00 26.78  ? 109 ASN A N   1 
ATOM   833  C  CA  . ASN A 1 109 ? -10.255 -6.976  4.141   1.00 26.64  ? 109 ASN A CA  1 
ATOM   834  C  C   . ASN A 1 109 ? -9.161  -7.944  3.708   1.00 30.26  ? 109 ASN A C   1 
ATOM   835  O  O   . ASN A 1 109 ? -8.563  -8.631  4.545   1.00 30.07  ? 109 ASN A O   1 
ATOM   836  C  CB  . ASN A 1 109 ? -11.630 -7.623  3.992   1.00 34.61  ? 109 ASN A CB  1 
ATOM   837  C  CG  . ASN A 1 109 ? -12.473 -7.486  5.240   1.00 38.93  ? 109 ASN A CG  1 
ATOM   838  O  OD1 . ASN A 1 109 ? -12.096 -7.961  6.313   1.00 41.60  ? 109 ASN A OD1 1 
ATOM   839  N  ND2 . ASN A 1 109 ? -13.623 -6.834  5.110   1.00 46.86  ? 109 ASN A ND2 1 
ATOM   840  N  N   . GLN A 1 110 ? -8.883  -8.009  2.404   1.00 29.89  ? 110 GLN A N   1 
ATOM   841  C  CA  . GLN A 1 110 ? -7.794  -8.855  1.926   1.00 33.00  ? 110 GLN A CA  1 
ATOM   842  C  C   . GLN A 1 110 ? -6.453  -8.385  2.476   1.00 30.22  ? 110 GLN A C   1 
ATOM   843  O  O   . GLN A 1 110 ? -5.594  -9.202  2.825   1.00 27.00  ? 110 GLN A O   1 
ATOM   844  C  CB  . GLN A 1 110 ? -7.770  -8.869  0.396   1.00 37.47  ? 110 GLN A CB  1 
ATOM   845  C  CG  . GLN A 1 110 ? -8.820  -9.765  -0.239  1.00 37.61  ? 110 GLN A CG  1 
ATOM   846  C  CD  . GLN A 1 110 ? -8.857  -11.149 0.379   1.00 52.88  ? 110 GLN A CD  1 
ATOM   847  O  OE1 . GLN A 1 110 ? -9.890  -11.590 0.879   1.00 63.55  ? 110 GLN A OE1 1 
ATOM   848  N  NE2 . GLN A 1 110 ? -7.725  -11.844 0.347   1.00 51.52  ? 110 GLN A NE2 1 
ATOM   849  N  N   . ILE A 1 111 ? -6.258  -7.069  2.560   1.00 28.95  ? 111 ILE A N   1 
ATOM   850  C  CA  . ILE A 1 111 ? -5.011  -6.537  3.105   1.00 28.14  ? 111 ILE A CA  1 
ATOM   851  C  C   . ILE A 1 111 ? -4.887  -6.884  4.583   1.00 26.22  ? 111 ILE A C   1 
ATOM   852  O  O   . ILE A 1 111 ? -3.833  -7.337  5.045   1.00 25.27  ? 111 ILE A O   1 
ATOM   853  C  CB  . ILE A 1 111 ? -4.926  -5.018  2.869   1.00 20.05  ? 111 ILE A CB  1 
ATOM   854  C  CG1 . ILE A 1 111 ? -4.751  -4.723  1.379   1.00 16.13  ? 111 ILE A CG1 1 
ATOM   855  C  CG2 . ILE A 1 111 ? -3.787  -4.410  3.683   1.00 18.91  ? 111 ILE A CG2 1 
ATOM   856  C  CD1 . ILE A 1 111 ? -5.050  -3.291  0.997   1.00 22.43  ? 111 ILE A CD1 1 
ATOM   857  N  N   . ILE A 1 112 ? -5.967  -6.688  5.345   1.00 22.78  ? 112 ILE A N   1 
ATOM   858  C  CA  . ILE A 1 112 ? -5.929  -6.962  6.777   1.00 25.11  ? 112 ILE A CA  1 
ATOM   859  C  C   . ILE A 1 112 ? -5.615  -8.430  7.032   1.00 29.58  ? 112 ILE A C   1 
ATOM   860  O  O   . ILE A 1 112 ? -4.846  -8.764  7.942   1.00 27.17  ? 112 ILE A O   1 
ATOM   861  C  CB  . ILE A 1 112 ? -7.252  -6.537  7.443   1.00 26.39  ? 112 ILE A CB  1 
ATOM   862  C  CG1 . ILE A 1 112 ? -7.421  -5.016  7.394   1.00 31.67  ? 112 ILE A CG1 1 
ATOM   863  C  CG2 . ILE A 1 112 ? -7.310  -7.032  8.880   1.00 33.22  ? 112 ILE A CG2 1 
ATOM   864  C  CD1 . ILE A 1 112 ? -6.346  -4.248  8.141   1.00 31.43  ? 112 ILE A CD1 1 
ATOM   865  N  N   . GLU A 1 113 ? -6.180  -9.330  6.222   1.00 28.40  ? 113 GLU A N   1 
ATOM   866  C  CA  . GLU A 1 113 ? -5.899  -10.747 6.429   1.00 29.51  ? 113 GLU A CA  1 
ATOM   867  C  C   . GLU A 1 113 ? -4.428  -11.057 6.166   1.00 31.32  ? 113 GLU A C   1 
ATOM   868  O  O   . GLU A 1 113 ? -3.829  -11.876 6.873   1.00 32.05  ? 113 GLU A O   1 
ATOM   869  C  CB  . GLU A 1 113 ? -6.833  -11.612 5.570   1.00 34.23  ? 113 GLU A CB  1 
ATOM   870  C  CG  . GLU A 1 113 ? -6.401  -11.915 4.137   1.00 44.67  ? 113 GLU A CG  1 
ATOM   871  C  CD  . GLU A 1 113 ? -7.289  -12.967 3.479   1.00 47.99  ? 113 GLU A CD  1 
ATOM   872  O  OE1 . GLU A 1 113 ? -8.150  -13.538 4.182   1.00 44.47  ? 113 GLU A OE1 1 
ATOM   873  O  OE2 . GLU A 1 113 ? -7.130  -13.223 2.265   1.00 49.81  ? 113 GLU A OE2 1 
ATOM   874  N  N   . GLN A 1 114 ? -3.815  -10.383 5.186   1.00 28.70  ? 114 GLN A N   1 
ATOM   875  C  CA  . GLN A 1 114 ? -2.374  -10.519 4.985   1.00 28.10  ? 114 GLN A CA  1 
ATOM   876  C  C   . GLN A 1 114 ? -1.600  -9.937  6.161   1.00 31.57  ? 114 GLN A C   1 
ATOM   877  O  O   . GLN A 1 114 ? -0.623  -10.536 6.629   1.00 24.74  ? 114 GLN A O   1 
ATOM   878  C  CB  . GLN A 1 114 ? -1.955  -9.822  3.688   1.00 30.50  ? 114 GLN A CB  1 
ATOM   879  C  CG  . GLN A 1 114 ? -2.382  -10.515 2.402   1.00 31.65  ? 114 GLN A CG  1 
ATOM   880  C  CD  . GLN A 1 114 ? -1.934  -11.963 2.326   1.00 44.17  ? 114 GLN A CD  1 
ATOM   881  O  OE1 . GLN A 1 114 ? -0.825  -12.306 2.739   1.00 39.63  ? 114 GLN A OE1 1 
ATOM   882  N  NE2 . GLN A 1 114 ? -2.795  -12.819 1.787   1.00 42.71  ? 114 GLN A NE2 1 
ATOM   883  N  N   . LEU A 1 115 ? -2.032  -8.771  6.652   1.00 23.22  ? 115 LEU A N   1 
ATOM   884  C  CA  . LEU A 1 115 ? -1.315  -8.058  7.708   1.00 24.82  ? 115 LEU A CA  1 
ATOM   885  C  C   . LEU A 1 115 ? -1.179  -8.899  8.973   1.00 30.33  ? 115 LEU A C   1 
ATOM   886  O  O   . LEU A 1 115 ? -0.081  -9.024  9.530   1.00 32.41  ? 115 LEU A O   1 
ATOM   887  C  CB  . LEU A 1 115 ? -2.035  -6.741  8.012   1.00 30.49  ? 115 LEU A CB  1 
ATOM   888  C  CG  . LEU A 1 115 ? -1.282  -5.415  8.148   1.00 36.20  ? 115 LEU A CG  1 
ATOM   889  C  CD1 . LEU A 1 115 ? -0.187  -5.276  7.126   1.00 32.29  ? 115 LEU A CD1 1 
ATOM   890  C  CD2 . LEU A 1 115 ? -2.261  -4.259  8.018   1.00 33.28  ? 115 LEU A CD2 1 
ATOM   891  N  N   . ILE A 1 116 ? -2.282  -9.478  9.454   1.00 31.09  ? 116 ILE A N   1 
ATOM   892  C  CA  . ILE A 1 116 ? -2.233  -10.215 10.710  1.00 33.74  ? 116 ILE A CA  1 
ATOM   893  C  C   . ILE A 1 116 ? -1.391  -11.483 10.606  1.00 34.20  ? 116 ILE A C   1 
ATOM   894  O  O   . ILE A 1 116 ? -1.049  -12.075 11.635  1.00 36.39  ? 116 ILE A O   1 
ATOM   895  C  CB  . ILE A 1 116 ? -3.671  -10.500 11.210  1.00 34.71  ? 116 ILE A CB  1 
ATOM   896  C  CG1 . ILE A 1 116 ? -4.356  -11.646 10.454  1.00 38.59  ? 116 ILE A CG1 1 
ATOM   897  C  CG2 . ILE A 1 116 ? -4.517  -9.234  11.149  1.00 38.45  ? 116 ILE A CG2 1 
ATOM   898  C  CD1 . ILE A 1 116 ? -4.129  -13.042 11.031  1.00 43.08  ? 116 ILE A CD1 1 
ATOM   899  N  N   . LYS A 1 117 ? -1.037  -11.903 9.388   1.00 31.43  ? 117 LYS A N   1 
ATOM   900  C  CA  . LYS A 1 117 ? -0.084  -12.992 9.212   1.00 34.20  ? 117 LYS A CA  1 
ATOM   901  C  C   . LYS A 1 117 ? 1.350   -12.556 9.487   1.00 36.32  ? 117 LYS A C   1 
ATOM   902  O  O   . LYS A 1 117 ? 2.212   -13.412 9.708   1.00 28.87  ? 117 LYS A O   1 
ATOM   903  C  CB  . LYS A 1 117 ? -0.164  -13.554 7.792   1.00 36.95  ? 117 LYS A CB  1 
ATOM   904  C  CG  . LYS A 1 117 ? -1.409  -14.363 7.472   1.00 36.77  ? 117 LYS A CG  1 
ATOM   905  C  CD  . LYS A 1 117 ? -1.166  -15.232 6.245   1.00 44.01  ? 117 LYS A CD  1 
ATOM   906  C  CE  . LYS A 1 117 ? -2.134  -14.907 5.119   1.00 40.73  ? 117 LYS A CE  1 
ATOM   907  N  NZ  . LYS A 1 117 ? -3.059  -16.039 4.837   1.00 49.81  ? 117 LYS A NZ  1 
ATOM   908  N  N   . LYS A 1 118 ? 1.629   -11.258 9.461   1.00 29.40  ? 118 LYS A N   1 
ATOM   909  C  CA  . LYS A 1 118 ? 2.991   -10.782 9.618   1.00 28.54  ? 118 LYS A CA  1 
ATOM   910  C  C   . LYS A 1 118 ? 3.383   -10.735 11.092  1.00 27.36  ? 118 LYS A C   1 
ATOM   911  O  O   . LYS A 1 118 ? 2.538   -10.736 11.990  1.00 31.17  ? 118 LYS A O   1 
ATOM   912  C  CB  . LYS A 1 118 ? 3.151   -9.395  8.998   1.00 27.42  ? 118 LYS A CB  1 
ATOM   913  C  CG  . LYS A 1 118 ? 2.808   -9.325  7.520   1.00 25.00  ? 118 LYS A CG  1 
ATOM   914  C  CD  . LYS A 1 118 ? 3.718   -10.210 6.686   1.00 22.35  ? 118 LYS A CD  1 
ATOM   915  C  CE  . LYS A 1 118 ? 3.821   -9.691  5.258   1.00 24.51  ? 118 LYS A CE  1 
ATOM   916  N  NZ  . LYS A 1 118 ? 4.698   -10.553 4.409   1.00 20.67  ? 118 LYS A NZ  1 
ATOM   917  N  N   . GLU A 1 119 ? 4.694   -10.697 11.331  1.00 24.27  ? 119 GLU A N   1 
ATOM   918  C  CA  . GLU A 1 119 ? 5.206   -10.485 12.678  1.00 22.80  ? 119 GLU A CA  1 
ATOM   919  C  C   . GLU A 1 119 ? 5.303   -9.000  13.016  1.00 25.11  ? 119 GLU A C   1 
ATOM   920  O  O   . GLU A 1 119 ? 4.846   -8.572  14.080  1.00 27.43  ? 119 GLU A O   1 
ATOM   921  C  CB  . GLU A 1 119 ? 6.581   -11.140 12.837  1.00 21.23  ? 119 GLU A CB  1 
ATOM   922  C  CG  . GLU A 1 119 ? 7.136   -11.035 14.251  1.00 27.67  ? 119 GLU A CG  1 
ATOM   923  C  CD  . GLU A 1 119 ? 8.635   -11.231 14.301  1.00 28.12  ? 119 GLU A CD  1 
ATOM   924  O  OE1 . GLU A 1 119 ? 9.246   -11.331 13.223  1.00 33.23  ? 119 GLU A OE1 1 
ATOM   925  O  OE2 . GLU A 1 119 ? 9.200   -11.279 15.415  1.00 31.92  ? 119 GLU A OE2 1 
ATOM   926  N  N   . LYS A 1 120 ? 5.912   -8.214  12.131  1.00 22.46  ? 120 LYS A N   1 
ATOM   927  C  CA  . LYS A 1 120 ? 6.062   -6.775  12.305  1.00 25.08  ? 120 LYS A CA  1 
ATOM   928  C  C   . LYS A 1 120 ? 5.814   -6.084  10.975  1.00 20.65  ? 120 LYS A C   1 
ATOM   929  O  O   . LYS A 1 120 ? 6.333   -6.515  9.941   1.00 21.74  ? 120 LYS A O   1 
ATOM   930  C  CB  . LYS A 1 120 ? 7.466   -6.388  12.784  1.00 24.84  ? 120 LYS A CB  1 
ATOM   931  C  CG  . LYS A 1 120 ? 8.006   -7.097  13.999  1.00 30.79  ? 120 LYS A CG  1 
ATOM   932  C  CD  . LYS A 1 120 ? 9.452   -6.657  14.183  1.00 29.21  ? 120 LYS A CD  1 
ATOM   933  C  CE  . LYS A 1 120 ? 10.065  -7.160  15.469  1.00 34.84  ? 120 LYS A CE  1 
ATOM   934  N  NZ  . LYS A 1 120 ? 11.235  -6.310  15.832  1.00 39.79  ? 120 LYS A NZ  1 
ATOM   935  N  N   . VAL A 1 121 ? 5.044   -5.000  10.999  1.00 20.61  ? 121 VAL A N   1 
ATOM   936  C  CA  . VAL A 1 121 ? 4.817   -4.190  9.809   1.00 19.62  ? 121 VAL A CA  1 
ATOM   937  C  C   . VAL A 1 121 ? 4.990   -2.724  10.172  1.00 18.06  ? 121 VAL A C   1 
ATOM   938  O  O   . VAL A 1 121 ? 4.365   -2.236  11.120  1.00 20.90  ? 121 VAL A O   1 
ATOM   939  C  CB  . VAL A 1 121 ? 3.425   -4.426  9.195   1.00 23.65  ? 121 VAL A CB  1 
ATOM   940  C  CG1 . VAL A 1 121 ? 3.163   -3.411  8.088   1.00 27.21  ? 121 VAL A CG1 1 
ATOM   941  C  CG2 . VAL A 1 121 ? 3.317   -5.835  8.650   1.00 28.07  ? 121 VAL A CG2 1 
ATOM   942  N  N   . TYR A 1 122 ? 5.835   -2.032  9.419   1.00 16.40  ? 122 TYR A N   1 
ATOM   943  C  CA  . TYR A 1 122 ? 5.956   -0.582  9.479   1.00 22.16  ? 122 TYR A CA  1 
ATOM   944  C  C   . TYR A 1 122 ? 5.359   -0.009  8.202   1.00 20.86  ? 122 TYR A C   1 
ATOM   945  O  O   . TYR A 1 122 ? 5.775   -0.379  7.101   1.00 19.44  ? 122 TYR A O   1 
ATOM   946  C  CB  . TYR A 1 122 ? 7.415   -0.159  9.633   1.00 16.67  ? 122 TYR A CB  1 
ATOM   947  C  CG  . TYR A 1 122 ? 7.626   1.324   9.482   1.00 20.92  ? 122 TYR A CG  1 
ATOM   948  C  CD1 . TYR A 1 122 ? 7.283   2.199   10.504  1.00 22.86  ? 122 TYR A CD1 1 
ATOM   949  C  CD2 . TYR A 1 122 ? 8.147   1.853   8.309   1.00 20.94  ? 122 TYR A CD2 1 
ATOM   950  C  CE1 . TYR A 1 122 ? 7.472   3.558   10.370  1.00 23.67  ? 122 TYR A CE1 1 
ATOM   951  C  CE2 . TYR A 1 122 ? 8.333   3.207   8.164   1.00 21.28  ? 122 TYR A CE2 1 
ATOM   952  C  CZ  . TYR A 1 122 ? 7.999   4.056   9.199   1.00 22.43  ? 122 TYR A CZ  1 
ATOM   953  O  OH  . TYR A 1 122 ? 8.187   5.410   9.053   1.00 25.98  ? 122 TYR A OH  1 
ATOM   954  N  N   . LEU A 1 123 ? 4.384   0.887   8.349   1.00 19.71  ? 123 LEU A N   1 
ATOM   955  C  CA  . LEU A 1 123 ? 3.677   1.479   7.218   1.00 18.93  ? 123 LEU A CA  1 
ATOM   956  C  C   . LEU A 1 123 ? 3.690   2.988   7.392   1.00 22.30  ? 123 LEU A C   1 
ATOM   957  O  O   . LEU A 1 123 ? 3.176   3.501   8.389   1.00 24.92  ? 123 LEU A O   1 
ATOM   958  C  CB  . LEU A 1 123 ? 2.243   0.949   7.133   1.00 26.70  ? 123 LEU A CB  1 
ATOM   959  C  CG  . LEU A 1 123 ? 1.336   1.482   6.020   1.00 26.43  ? 123 LEU A CG  1 
ATOM   960  C  CD1 . LEU A 1 123 ? 1.908   1.164   4.652   1.00 24.00  ? 123 LEU A CD1 1 
ATOM   961  C  CD2 . LEU A 1 123 ? -0.070  0.916   6.160   1.00 29.63  ? 123 LEU A CD2 1 
ATOM   962  N  N   . ALA A 1 124 ? 4.283   3.697   6.435   1.00 21.12  ? 124 ALA A N   1 
ATOM   963  C  CA  . ALA A 1 124 ? 4.471   5.132   6.564   1.00 19.35  ? 124 ALA A CA  1 
ATOM   964  C  C   . ALA A 1 124 ? 4.045   5.851   5.296   1.00 25.73  ? 124 ALA A C   1 
ATOM   965  O  O   . ALA A 1 124 ? 4.149   5.319   4.187   1.00 22.76  ? 124 ALA A O   1 
ATOM   966  C  CB  . ALA A 1 124 ? 5.924   5.486   6.878   1.00 24.35  ? 124 ALA A CB  1 
ATOM   967  N  N   . TRP A 1 125 ? 3.575   7.079   5.483   1.00 23.78  ? 125 TRP A N   1 
ATOM   968  C  CA  . TRP A 1 125 ? 3.187   7.953   4.389   1.00 19.07  ? 125 TRP A CA  1 
ATOM   969  C  C   . TRP A 1 125 ? 4.292   8.959   4.110   1.00 20.37  ? 125 TRP A C   1 
ATOM   970  O  O   . TRP A 1 125 ? 4.875   9.533   5.036   1.00 20.66  ? 125 TRP A O   1 
ATOM   971  C  CB  . TRP A 1 125 ? 1.892   8.702   4.710   1.00 19.03  ? 125 TRP A CB  1 
ATOM   972  C  CG  . TRP A 1 125 ? 1.568   9.746   3.687   1.00 19.19  ? 125 TRP A CG  1 
ATOM   973  C  CD1 . TRP A 1 125 ? 1.003   9.541   2.465   1.00 19.03  ? 125 TRP A CD1 1 
ATOM   974  C  CD2 . TRP A 1 125 ? 1.817   11.154  3.785   1.00 18.44  ? 125 TRP A CD2 1 
ATOM   975  N  NE1 . TRP A 1 125 ? 0.869   10.736  1.798   1.00 22.33  ? 125 TRP A NE1 1 
ATOM   976  C  CE2 . TRP A 1 125 ? 1.363   11.742  2.588   1.00 24.22  ? 125 TRP A CE2 1 
ATOM   977  C  CE3 . TRP A 1 125 ? 2.375   11.976  4.770   1.00 21.95  ? 125 TRP A CE3 1 
ATOM   978  C  CZ2 . TRP A 1 125 ? 1.458   13.111  2.345   1.00 24.43  ? 125 TRP A CZ2 1 
ATOM   979  C  CZ3 . TRP A 1 125 ? 2.456   13.337  4.532   1.00 28.42  ? 125 TRP A CZ3 1 
ATOM   980  C  CH2 . TRP A 1 125 ? 1.995   13.891  3.331   1.00 24.88  ? 125 TRP A CH2 1 
ATOM   981  N  N   . VAL A 1 126 ? 4.573   9.167   2.832   1.00 17.72  ? 126 VAL A N   1 
ATOM   982  C  CA  . VAL A 1 126 ? 5.424   10.262  2.382   1.00 23.36  ? 126 VAL A CA  1 
ATOM   983  C  C   . VAL A 1 126 ? 4.629   10.987  1.305   1.00 23.50  ? 126 VAL A C   1 
ATOM   984  O  O   . VAL A 1 126 ? 3.961   10.331  0.497   1.00 22.06  ? 126 VAL A O   1 
ATOM   985  C  CB  . VAL A 1 126 ? 6.780   9.757   1.859   1.00 26.87  ? 126 VAL A CB  1 
ATOM   986  C  CG1 . VAL A 1 126 ? 7.517   9.020   2.954   1.00 27.31  ? 126 VAL A CG1 1 
ATOM   987  C  CG2 . VAL A 1 126 ? 6.605   8.846   0.642   1.00 27.24  ? 126 VAL A CG2 1 
ATOM   988  N  N   . PRO A 1 127 ? 4.625   12.311  1.251   1.00 24.41  ? 127 PRO A N   1 
ATOM   989  C  CA  . PRO A 1 127 ? 4.040   12.949  0.077   1.00 24.46  ? 127 PRO A CA  1 
ATOM   990  C  C   . PRO A 1 127 ? 4.850   12.506  -1.120  1.00 25.30  ? 127 PRO A C   1 
ATOM   991  O  O   . PRO A 1 127 ? 6.074   12.388  -1.049  1.00 23.91  ? 127 PRO A O   1 
ATOM   992  C  CB  . PRO A 1 127 ? 4.190   14.448  0.347   1.00 30.30  ? 127 PRO A CB  1 
ATOM   993  C  CG  . PRO A 1 127 ? 5.190   14.575  1.419   1.00 28.95  ? 127 PRO A CG  1 
ATOM   994  C  CD  . PRO A 1 127 ? 5.420   13.242  2.067   1.00 28.91  ? 127 PRO A CD  1 
ATOM   995  N  N   . ALA A 1 128 ? 4.162   12.188  -2.203  1.00 26.76  ? 128 ALA A N   1 
ATOM   996  C  CA  . ALA A 1 128 ? 4.903   11.892  -3.405  1.00 31.61  ? 128 ALA A CA  1 
ATOM   997  C  C   . ALA A 1 128 ? 5.833   13.077  -3.689  1.00 27.75  ? 128 ALA A C   1 
ATOM   998  O  O   . ALA A 1 128 ? 5.532   14.217  -3.345  1.00 25.68  ? 128 ALA A O   1 
ATOM   999  C  CB  . ALA A 1 128 ? 3.926   11.596  -4.545  1.00 42.69  ? 128 ALA A CB  1 
ATOM   1000 N  N   . HIS A 1 129 ? 6.999   12.804  -4.266  1.00 27.74  ? 129 HIS A N   1 
ATOM   1001 C  CA  . HIS A 1 129 ? 7.983   13.865  -4.455  1.00 28.54  ? 129 HIS A CA  1 
ATOM   1002 C  C   . HIS A 1 129 ? 8.882   13.536  -5.633  1.00 30.54  ? 129 HIS A C   1 
ATOM   1003 O  O   . HIS A 1 129 ? 8.924   12.394  -6.107  1.00 34.80  ? 129 HIS A O   1 
ATOM   1004 C  CB  . HIS A 1 129 ? 8.800   14.030  -3.194  1.00 29.97  ? 129 HIS A CB  1 
ATOM   1005 C  CG  . HIS A 1 129 ? 9.320   12.734  -2.689  1.00 22.70  ? 129 HIS A CG  1 
ATOM   1006 N  ND1 . HIS A 1 129 ? 8.543   11.874  -1.942  1.00 17.73  ? 129 HIS A ND1 1 
ATOM   1007 C  CD2 . HIS A 1 129 ? 10.518  12.138  -2.834  1.00 18.94  ? 129 HIS A CD2 1 
ATOM   1008 C  CE1 . HIS A 1 129 ? 9.244   10.801  -1.648  1.00 17.21  ? 129 HIS A CE1 1 
ATOM   1009 N  NE2 . HIS A 1 129 ? 10.449  10.947  -2.158  1.00 21.91  ? 129 HIS A NE2 1 
ATOM   1010 N  N   . LYS A 1 130 ? 9.599   14.549  -6.107  1.00 35.50  ? 130 LYS A N   1 
ATOM   1011 C  CA  . LYS A 1 130 ? 10.568  14.391  -7.179  1.00 38.08  ? 130 LYS A CA  1 
ATOM   1012 C  C   . LYS A 1 130 ? 11.911  13.945  -6.624  1.00 36.74  ? 130 LYS A C   1 
ATOM   1013 O  O   . LYS A 1 130 ? 12.251  14.211  -5.468  1.00 32.72  ? 130 LYS A O   1 
ATOM   1014 C  CB  . LYS A 1 130 ? 10.743  15.692  -7.964  1.00 44.64  ? 130 LYS A CB  1 
ATOM   1015 C  CG  . LYS A 1 130 ? 10.006  15.727  -9.293  1.00 47.25  ? 130 LYS A CG  1 
ATOM   1016 C  CD  . LYS A 1 130 ? 10.653  14.792  -10.304 1.00 52.08  ? 130 LYS A CD  1 
ATOM   1017 C  CE  . LYS A 1 130 ? 11.977  15.347  -10.808 1.00 57.89  ? 130 LYS A CE  1 
ATOM   1018 N  NZ  . LYS A 1 130 ? 11.788  16.586  -11.611 1.00 70.07  ? 130 LYS A NZ  1 
ATOM   1019 N  N   . GLY A 1 131 ? 12.673  13.268  -7.462  1.00 35.99  ? 131 GLY A N   1 
ATOM   1020 C  CA  . GLY A 1 131 ? 13.979  12.788  -7.078  1.00 31.69  ? 131 GLY A CA  1 
ATOM   1021 C  C   . GLY A 1 131 ? 14.258  11.455  -7.738  1.00 34.23  ? 131 GLY A C   1 
ATOM   1022 O  O   . GLY A 1 131 ? 13.653  11.109  -8.747  1.00 41.28  ? 131 GLY A O   1 
ATOM   1023 N  N   . ILE A 1 132 ? 15.188  10.717  -7.136  1.00 31.61  ? 132 ILE A N   1 
ATOM   1024 C  CA  . ILE A 1 132 ? 15.649  9.447   -7.672  1.00 33.15  ? 132 ILE A CA  1 
ATOM   1025 C  C   . ILE A 1 132 ? 15.471  8.311   -6.676  1.00 29.43  ? 132 ILE A C   1 
ATOM   1026 O  O   . ILE A 1 132 ? 15.985  7.214   -6.893  1.00 34.95  ? 132 ILE A O   1 
ATOM   1027 C  CB  . ILE A 1 132 ? 17.114  9.554   -8.136  1.00 36.28  ? 132 ILE A CB  1 
ATOM   1028 C  CG1 . ILE A 1 132 ? 17.930  10.354  -7.118  1.00 35.11  ? 132 ILE A CG1 1 
ATOM   1029 C  CG2 . ILE A 1 132 ? 17.184  10.233  -9.492  1.00 37.56  ? 132 ILE A CG2 1 
ATOM   1030 C  CD1 . ILE A 1 132 ? 19.429  10.149  -7.230  1.00 40.24  ? 132 ILE A CD1 1 
ATOM   1031 N  N   . GLY A 1 133 ? 14.741  8.551   -5.588  1.00 29.63  ? 133 GLY A N   1 
ATOM   1032 C  CA  . GLY A 1 133 ? 14.551  7.569   -4.543  1.00 26.62  ? 133 GLY A CA  1 
ATOM   1033 C  C   . GLY A 1 133 ? 13.450  6.573   -4.849  1.00 21.63  ? 133 GLY A C   1 
ATOM   1034 O  O   . GLY A 1 133 ? 12.974  6.448   -5.980  1.00 23.98  ? 133 GLY A O   1 
ATOM   1035 N  N   . GLY A 1 134 ? 13.030  5.864   -3.799  1.00 20.27  ? 134 GLY A N   1 
ATOM   1036 C  CA  . GLY A 1 134 ? 12.146  4.721   -3.987  1.00 20.98  ? 134 GLY A CA  1 
ATOM   1037 C  C   . GLY A 1 134 ? 10.753  5.105   -4.456  1.00 22.75  ? 134 GLY A C   1 
ATOM   1038 O  O   . GLY A 1 134 ? 10.230  4.530   -5.416  1.00 20.91  ? 134 GLY A O   1 
ATOM   1039 N  N   . ASN A 1 135 ? 10.120  6.059   -3.769  1.00 23.52  ? 135 ASN A N   1 
ATOM   1040 C  CA  . ASN A 1 135 ? 8.787   6.491   -4.179  1.00 19.95  ? 135 ASN A CA  1 
ATOM   1041 C  C   . ASN A 1 135 ? 8.795   7.014   -5.608  1.00 21.03  ? 135 ASN A C   1 
ATOM   1042 O  O   . ASN A 1 135 ? 7.850   6.777   -6.371  1.00 19.04  ? 135 ASN A O   1 
ATOM   1043 C  CB  . ASN A 1 135 ? 8.257   7.563   -3.227  1.00 21.71  ? 135 ASN A CB  1 
ATOM   1044 C  CG  . ASN A 1 135 ? 6.897   8.088   -3.647  1.00 19.12  ? 135 ASN A CG  1 
ATOM   1045 O  OD1 . ASN A 1 135 ? 6.783   9.186   -4.186  1.00 19.69  ? 135 ASN A OD1 1 
ATOM   1046 N  ND2 . ASN A 1 135 ? 5.860   7.304   -3.398  1.00 19.01  ? 135 ASN A ND2 1 
ATOM   1047 N  N   . GLU A 1 136 ? 9.858   7.725   -5.989  1.00 20.12  ? 136 GLU A N   1 
ATOM   1048 C  CA  . GLU A 1 136 ? 9.937   8.276   -7.336  1.00 21.97  ? 136 GLU A CA  1 
ATOM   1049 C  C   . GLU A 1 136 ? 10.009  7.174   -8.387  1.00 31.68  ? 136 GLU A C   1 
ATOM   1050 O  O   . GLU A 1 136 ? 9.395   7.290   -9.455  1.00 25.90  ? 136 GLU A O   1 
ATOM   1051 C  CB  . GLU A 1 136 ? 11.143  9.210   -7.438  1.00 26.61  ? 136 GLU A CB  1 
ATOM   1052 C  CG  . GLU A 1 136 ? 11.118  10.348  -6.428  1.00 26.06  ? 136 GLU A CG  1 
ATOM   1053 C  CD  . GLU A 1 136 ? 11.941  10.074  -5.180  1.00 22.91  ? 136 GLU A CD  1 
ATOM   1054 O  OE1 . GLU A 1 136 ? 11.626  9.109   -4.456  1.00 18.26  ? 136 GLU A OE1 1 
ATOM   1055 O  OE2 . GLU A 1 136 ? 12.887  10.840  -4.912  1.00 27.97  ? 136 GLU A OE2 1 
ATOM   1056 N  N   . GLN A 1 137 ? 10.741  6.094   -8.099  1.00 21.87  ? 137 GLN A N   1 
ATOM   1057 C  CA  . GLN A 1 137 ? 10.915  5.031   -9.086  1.00 22.76  ? 137 GLN A CA  1 
ATOM   1058 C  C   . GLN A 1 137 ? 9.622   4.263   -9.320  1.00 24.75  ? 137 GLN A C   1 
ATOM   1059 O  O   . GLN A 1 137 ? 9.228   4.035   -10.468 1.00 24.66  ? 137 GLN A O   1 
ATOM   1060 C  CB  . GLN A 1 137 ? 12.020  4.074   -8.650  1.00 25.00  ? 137 GLN A CB  1 
ATOM   1061 C  CG  . GLN A 1 137 ? 13.391  4.690   -8.567  1.00 25.78  ? 137 GLN A CG  1 
ATOM   1062 C  CD  . GLN A 1 137 ? 14.451  3.653   -8.273  1.00 38.55  ? 137 GLN A CD  1 
ATOM   1063 O  OE1 . GLN A 1 137 ? 14.525  2.621   -8.943  1.00 40.02  ? 137 GLN A OE1 1 
ATOM   1064 N  NE2 . GLN A 1 137 ? 15.272  3.912   -7.263  1.00 46.67  ? 137 GLN A NE2 1 
ATOM   1065 N  N   . VAL A 1 138 ? 8.961   3.824   -8.245  1.00 20.23  ? 138 VAL A N   1 
ATOM   1066 C  CA  . VAL A 1 138 ? 7.727   3.071   -8.429  1.00 23.08  ? 138 VAL A CA  1 
ATOM   1067 C  C   . VAL A 1 138 ? 6.652   3.959   -9.041  1.00 20.82  ? 138 VAL A C   1 
ATOM   1068 O  O   . VAL A 1 138 ? 5.794   3.482   -9.792  1.00 21.11  ? 138 VAL A O   1 
ATOM   1069 C  CB  . VAL A 1 138 ? 7.266   2.429   -7.104  1.00 22.67  ? 138 VAL A CB  1 
ATOM   1070 C  CG1 . VAL A 1 138 ? 7.009   3.486   -6.030  1.00 19.84  ? 138 VAL A CG1 1 
ATOM   1071 C  CG2 . VAL A 1 138 ? 6.029   1.556   -7.325  1.00 20.40  ? 138 VAL A CG2 1 
ATOM   1072 N  N   . ASP A 1 139 ? 6.690   5.265   -8.768  1.00 21.08  ? 139 ASP A N   1 
ATOM   1073 C  CA  . ASP A 1 139 ? 5.702   6.141   -9.378  1.00 22.88  ? 139 ASP A CA  1 
ATOM   1074 C  C   . ASP A 1 139 ? 5.862   6.195   -10.889 1.00 22.94  ? 139 ASP A C   1 
ATOM   1075 O  O   . ASP A 1 139 ? 4.867   6.203   -11.624 1.00 25.56  ? 139 ASP A O   1 
ATOM   1076 C  CB  . ASP A 1 139 ? 5.789   7.544   -8.811  1.00 28.88  ? 139 ASP A CB  1 
ATOM   1077 C  CG  . ASP A 1 139 ? 4.784   8.446   -9.448  1.00 34.37  ? 139 ASP A CG  1 
ATOM   1078 O  OD1 . ASP A 1 139 ? 3.591   8.297   -9.128  1.00 34.26  ? 139 ASP A OD1 1 
ATOM   1079 O  OD2 . ASP A 1 139 ? 5.179   9.249   -10.320 1.00 41.81  ? 139 ASP A OD2 1 
ATOM   1080 N  N   . LYS A 1 140 ? 7.104   6.267   -11.370 1.00 26.66  ? 140 LYS A N   1 
ATOM   1081 C  CA  . LYS A 1 140 ? 7.327   6.257   -12.810 1.00 24.61  ? 140 LYS A CA  1 
ATOM   1082 C  C   . LYS A 1 140 ? 6.802   4.966   -13.428 1.00 25.35  ? 140 LYS A C   1 
ATOM   1083 O  O   . LYS A 1 140 ? 6.143   4.991   -14.475 1.00 27.89  ? 140 LYS A O   1 
ATOM   1084 C  CB  . LYS A 1 140 ? 8.815   6.443   -13.110 1.00 27.25  ? 140 LYS A CB  1 
ATOM   1085 C  CG  . LYS A 1 140 ? 9.380   7.786   -12.652 1.00 34.54  ? 140 LYS A CG  1 
ATOM   1086 C  CD  . LYS A 1 140 ? 10.321  8.395   -13.686 1.00 37.32  ? 140 LYS A CD  1 
ATOM   1087 C  CE  . LYS A 1 140 ? 10.909  9.718   -13.203 1.00 34.14  ? 140 LYS A CE  1 
ATOM   1088 N  NZ  . LYS A 1 140 ? 9.879   10.641  -12.636 1.00 45.55  ? 140 LYS A NZ  1 
ATOM   1089 N  N   . LEU A 1 141 ? 7.052   3.832   -12.769 1.00 23.60  ? 141 LEU A N   1 
ATOM   1090 C  CA  . LEU A 1 141 ? 6.628   2.541   -13.306 1.00 26.06  ? 141 LEU A CA  1 
ATOM   1091 C  C   . LEU A 1 141 ? 5.110   2.429   -13.386 1.00 27.96  ? 141 LEU A C   1 
ATOM   1092 O  O   . LEU A 1 141 ? 4.571   1.923   -14.378 1.00 26.97  ? 141 LEU A O   1 
ATOM   1093 C  CB  . LEU A 1 141 ? 7.196   1.408   -12.454 1.00 26.56  ? 141 LEU A CB  1 
ATOM   1094 C  CG  . LEU A 1 141 ? 8.708   1.212   -12.525 1.00 30.02  ? 141 LEU A CG  1 
ATOM   1095 C  CD1 . LEU A 1 141 ? 9.154   0.252   -11.440 1.00 28.78  ? 141 LEU A CD1 1 
ATOM   1096 C  CD2 . LEU A 1 141 ? 9.106   0.698   -13.900 1.00 31.85  ? 141 LEU A CD2 1 
ATOM   1097 N  N   . VAL A 1 142 ? 4.398   2.877   -12.350 1.00 24.01  ? 142 VAL A N   1 
ATOM   1098 C  CA  . VAL A 1 142 ? 2.950   2.716   -12.367 1.00 21.63  ? 142 VAL A CA  1 
ATOM   1099 C  C   . VAL A 1 142 ? 2.259   3.809   -13.170 1.00 26.96  ? 142 VAL A C   1 
ATOM   1100 O  O   . VAL A 1 142 ? 1.108   3.624   -13.583 1.00 25.79  ? 142 VAL A O   1 
ATOM   1101 C  CB  . VAL A 1 142 ? 2.358   2.658   -10.948 1.00 21.75  ? 142 VAL A CB  1 
ATOM   1102 C  CG1 . VAL A 1 142 ? 2.886   1.440   -10.196 1.00 20.84  ? 142 VAL A CG1 1 
ATOM   1103 C  CG2 . VAL A 1 142 ? 2.630   3.948   -10.187 1.00 24.51  ? 142 VAL A CG2 1 
ATOM   1104 N  N   . SER A 1 143 ? 2.929   4.940   -13.415 1.00 22.87  ? 143 SER A N   1 
ATOM   1105 C  CA  . SER A 1 143 ? 2.336   6.006   -14.214 1.00 26.27  ? 143 SER A CA  1 
ATOM   1106 C  C   . SER A 1 143 ? 2.522   5.794   -15.709 1.00 25.17  ? 143 SER A C   1 
ATOM   1107 O  O   . SER A 1 143 ? 1.812   6.423   -16.501 1.00 28.51  ? 143 SER A O   1 
ATOM   1108 C  CB  . SER A 1 143 ? 2.930   7.361   -13.820 1.00 28.65  ? 143 SER A CB  1 
ATOM   1109 O  OG  . SER A 1 143 ? 2.552   7.719   -12.502 1.00 26.80  ? 143 SER A OG  1 
ATOM   1110 N  N   . ALA A 1 144 ? 3.457   4.933   -16.107 1.00 25.68  ? 144 ALA A N   1 
ATOM   1111 C  CA  . ALA A 1 144 ? 3.722   4.693   -17.521 1.00 23.56  ? 144 ALA A CA  1 
ATOM   1112 C  C   . ALA A 1 144 ? 2.466   4.193   -18.218 1.00 29.48  ? 144 ALA A C   1 
ATOM   1113 O  O   . ALA A 1 144 ? 1.890   3.173   -17.826 1.00 29.50  ? 144 ALA A O   1 
ATOM   1114 C  CB  . ALA A 1 144 ? 4.860   3.687   -17.681 1.00 28.87  ? 144 ALA A CB  1 
ATOM   1115 N  N   . GLY A 1 145 ? 2.037   4.923   -19.248 1.00 24.98  ? 145 GLY A N   1 
ATOM   1116 C  CA  . GLY A 1 145 ? 0.838   4.589   -19.985 1.00 29.32  ? 145 GLY A CA  1 
ATOM   1117 C  C   . GLY A 1 145 ? -0.462  4.894   -19.276 1.00 27.92  ? 145 GLY A C   1 
ATOM   1118 O  O   . GLY A 1 145 ? -1.530  4.659   -19.855 1.00 23.43  ? 145 GLY A O   1 
ATOM   1119 N  N   . ILE A 1 146 ? -0.413  5.414   -18.054 1.00 22.76  ? 146 ILE A N   1 
ATOM   1120 C  CA  . ILE A 1 146 ? -1.592  5.656   -17.236 1.00 19.66  ? 146 ILE A CA  1 
ATOM   1121 C  C   . ILE A 1 146 ? -1.822  7.145   -17.010 1.00 27.71  ? 146 ILE A C   1 
ATOM   1122 O  O   . ILE A 1 146 ? -2.927  7.651   -17.195 1.00 23.71  ? 146 ILE A O   1 
ATOM   1123 C  CB  . ILE A 1 146 ? -1.497  4.896   -15.894 1.00 19.99  ? 146 ILE A CB  1 
ATOM   1124 C  CG1 . ILE A 1 146 ? -1.383  3.390   -16.140 1.00 25.15  ? 146 ILE A CG1 1 
ATOM   1125 C  CG2 . ILE A 1 146 ? -2.685  5.218   -14.997 1.00 19.36  ? 146 ILE A CG2 1 
ATOM   1126 C  CD1 . ILE A 1 146 ? -2.663  2.751   -16.667 1.00 22.08  ? 146 ILE A CD1 1 
ATOM   1127 N  N   . ARG A 1 147 ? -0.775  7.868   -16.612 1.00 25.56  ? 147 ARG A N   1 
ATOM   1128 C  CA  . ARG A 1 147 ? -0.894  9.300   -16.378 1.00 29.02  ? 147 ARG A CA  1 
ATOM   1129 C  C   . ARG A 1 147 ? 0.400   9.992   -16.787 1.00 36.14  ? 147 ARG A C   1 
ATOM   1130 O  O   . ARG A 1 147 ? 1.486   9.423   -16.689 1.00 33.59  ? 147 ARG A O   1 
ATOM   1131 C  CB  . ARG A 1 147 ? -1.230  9.603   -14.908 1.00 28.52  ? 147 ARG A CB  1 
ATOM   1132 C  CG  . ARG A 1 147 ? -0.461  8.775   -13.883 1.00 33.17  ? 147 ARG A CG  1 
ATOM   1133 C  CD  . ARG A 1 147 ? -0.494  9.434   -12.502 1.00 41.82  ? 147 ARG A CD  1 
ATOM   1134 N  NE  . ARG A 1 147 ? 0.416   8.798   -11.556 1.00 44.39  ? 147 ARG A NE  1 
ATOM   1135 C  CZ  . ARG A 1 147 ? 0.075   8.397   -10.338 1.00 50.58  ? 147 ARG A CZ  1 
ATOM   1136 N  NH1 . ARG A 1 147 ? -1.152  8.569   -9.871  1.00 52.25  ? 147 ARG A NH1 1 
ATOM   1137 N  NH2 . ARG A 1 147 ? 0.983   7.797   -9.572  1.00 38.29  ? 147 ARG A NH2 1 
ATOM   1138 N  N   . LYS A 1 148 ? 0.241   11.252  -17.185 1.00 37.61  ? 148 LYS A N   1 
ATOM   1139 C  CA  . LYS A 1 148 ? 1.410   12.066  -17.572 1.00 43.61  ? 148 LYS A CA  1 
ATOM   1140 C  C   . LYS A 1 148 ? 2.148   12.501  -16.312 1.00 49.57  ? 148 LYS A C   1 
ATOM   1141 O  O   . LYS A 1 148 ? 1.486   12.875  -15.333 1.00 43.24  ? 148 LYS A O   1 
ATOM   1142 C  CB  . LYS A 1 148 ? 0.973   13.271  -18.408 1.00 38.93  ? 148 LYS A CB  1 
ATOM   1143 C  CG  . LYS A 1 148 ? 2.080   13.960  -19.193 1.00 48.49  ? 148 LYS A CG  1 
ATOM   1144 C  CD  . LYS A 1 148 ? 2.952   13.008  -19.984 1.00 53.07  ? 148 LYS A CD  1 
ATOM   1145 C  CE  . LYS A 1 148 ? 3.981   13.724  -20.830 1.00 54.67  ? 148 LYS A CE  1 
ATOM   1146 N  NZ  . LYS A 1 148 ? 5.359   13.496  -20.332 1.00 51.99  ? 148 LYS A NZ  1 
ATOM   1147 N  N   . VAL A 1 149 ? 3.470   12.473  -16.372 1.00 48.69  ? 149 VAL A N   1 
ATOM   1148 C  CA  . VAL A 1 149 ? 4.305   12.812  -15.236 1.00 55.53  ? 149 VAL A CA  1 
ATOM   1149 C  C   . VAL A 1 149 ? 4.854   14.229  -15.367 1.00 53.30  ? 149 VAL A C   1 
ATOM   1150 O  O   . VAL A 1 149 ? 5.018   14.926  -14.368 1.00 50.66  ? 149 VAL A O   1 
ATOM   1151 C  CB  . VAL A 1 149 ? 5.439   11.792  -15.094 1.00 53.77  ? 149 VAL A CB  1 
ATOM   1152 C  CG1 . VAL A 1 149 ? 5.068   10.751  -14.054 1.00 48.88  ? 149 VAL A CG1 1 
ATOM   1153 C  CG2 . VAL A 1 149 ? 5.726   11.130  -16.438 1.00 56.80  ? 149 VAL A CG2 1 
HETATM 1154 C  CAB . ECW B 2 .   ? -0.494  10.329  -5.190  1.00 72.90  ? 201 ECW A CAB 1 
HETATM 1155 C  CAC . ECW B 2 .   ? -0.746  11.557  -5.643  1.00 74.01  ? 201 ECW A CAC 1 
HETATM 1156 C  CAD . ECW B 2 .   ? 0.135   11.854  -6.595  1.00 83.73  ? 201 ECW A CAD 1 
HETATM 1157 C  CAE . ECW B 2 .   ? 0.901   10.770  -6.668  1.00 79.49  ? 201 ECW A CAE 1 
HETATM 1158 C  CAJ . ECW B 2 .   ? 1.974   10.593  -7.418  1.00 79.74  ? 201 ECW A CAJ 1 
HETATM 1159 C  CAM . ECW B 2 .   ? 3.355   11.353  -9.179  1.00 70.34  ? 201 ECW A CAM 1 
HETATM 1160 C  CAN . ECW B 2 .   ? 4.558   11.885  -8.406  1.00 70.40  ? 201 ECW A CAN 1 
HETATM 1161 C  CAQ . ECW B 2 .   ? 3.867   13.924  -9.595  1.00 78.51  ? 201 ECW A CAQ 1 
HETATM 1162 C  CAR . ECW B 2 .   ? 2.568   13.933  -9.189  1.00 73.85  ? 201 ECW A CAR 1 
HETATM 1163 C  CAS . ECW B 2 .   ? 1.614   13.370  -10.022 1.00 70.03  ? 201 ECW A CAS 1 
HETATM 1164 C  CAT . ECW B 2 .   ? 0.295   13.357  -9.609  1.00 60.47  ? 201 ECW A CAT 1 
HETATM 1165 C  CAU . ECW B 2 .   ? -0.020  13.895  -8.374  1.00 48.47  ? 201 ECW A CAU 1 
HETATM 1166 C  CAV . ECW B 2 .   ? 0.930   14.452  -7.529  1.00 56.10  ? 201 ECW A CAV 1 
HETATM 1167 C  CAW . ECW B 2 .   ? 2.243   14.496  -7.956  1.00 70.95  ? 201 ECW A CAW 1 
HETATM 1168 C  CAX . ECW B 2 .   ? 5.923   13.905  -7.936  1.00 59.38  ? 201 ECW A CAX 1 
HETATM 1169 C  CAY . ECW B 2 .   ? 6.155   15.379  -7.509  1.00 47.05  ? 201 ECW A CAY 1 
HETATM 1170 C  CAZ . ECW B 2 .   ? 5.459   13.592  -6.608  1.00 57.26  ? 201 ECW A CAZ 1 
HETATM 1171 C  CBA . ECW B 2 .   ? 7.239   13.285  -8.375  1.00 52.66  ? 201 ECW A CBA 1 
HETATM 1172 N  NAF . ECW B 2 .   ? -1.060  9.595   -4.243  1.00 87.60  ? 201 ECW A NAF 1 
HETATM 1173 N  NAP . ECW B 2 .   ? 4.787   13.229  -8.656  1.00 77.27  ? 201 ECW A NAP 1 
HETATM 1174 O  OAA . ECW B 2 .   ? 0.558   9.913   -5.800  1.00 72.27  ? 201 ECW A OAA 1 
HETATM 1175 O  OAG . ECW B 2 .   ? -2.184  10.105  -3.468  1.00 59.45  ? 201 ECW A OAG 1 
HETATM 1176 O  OAH . ECW B 2 .   ? -0.668  8.268   -4.194  1.00 98.99  ? 201 ECW A OAH 1 
HETATM 1177 O  OAK . ECW B 2 .   ? 2.774   9.722   -7.090  1.00 74.93  ? 201 ECW A OAK 1 
HETATM 1178 O  OAL . ECW B 2 .   ? 2.180   11.539  -8.379  1.00 81.40  ? 201 ECW A OAL 1 
HETATM 1179 O  OAO . ECW B 2 .   ? 5.212   11.089  -7.712  1.00 65.39  ? 201 ECW A OAO 1 
HETATM 1180 BR BR  . ECW B 2 .   ? -2.170  12.678  -5.094  1.00 145.99 ? 201 ECW A BR  1 
HETATM 1181 MN MN  . MN  C 3 .   ? 0.676   6.914   -5.340  1.00 33.88  ? 202 MN  A MN  1 
HETATM 1182 MN MN  . MN  D 3 .   ? 3.405   8.019   -6.472  1.00 36.80  ? 203 MN  A MN  1 
HETATM 1183 ZN ZN  . ZN  E 4 .   ? -13.417 -4.029  -17.475 1.00 20.93  ? 204 ZN  A ZN  1 
HETATM 1184 ZN ZN  . ZN  F 4 .   ? 11.049  -11.426 12.823  1.00 76.22  ? 205 ZN  A ZN  1 
HETATM 1185 O  O   . HOH G 5 .   ? 7.606   6.916   10.842  1.00 30.28  ? 301 HOH A O   1 
HETATM 1186 O  O   . HOH G 5 .   ? 3.709   8.500   -17.182 1.00 29.12  ? 302 HOH A O   1 
HETATM 1187 O  O   . HOH G 5 .   ? -4.566  15.156  4.479   1.00 31.73  ? 303 HOH A O   1 
HETATM 1188 O  O   . HOH G 5 .   ? 4.317   -4.480  13.850  1.00 29.69  ? 304 HOH A O   1 
HETATM 1189 O  O   . HOH G 5 .   ? -4.789  7.740   -2.314  1.00 31.79  ? 305 HOH A O   1 
HETATM 1190 O  O   . HOH G 5 .   ? 5.270   0.199   -16.265 1.00 28.02  ? 306 HOH A O   1 
HETATM 1191 O  O   . HOH G 5 .   ? 3.723   1.732   11.071  1.00 25.50  ? 307 HOH A O   1 
HETATM 1192 O  O   . HOH G 5 .   ? 7.747   0.433   17.047  1.00 34.88  ? 308 HOH A O   1 
HETATM 1193 O  O   . HOH G 5 .   ? 2.179   5.176   -2.923  1.00 22.68  ? 309 HOH A O   1 
HETATM 1194 O  O   . HOH G 5 .   ? 10.716  -9.251  2.975   1.00 25.59  ? 310 HOH A O   1 
HETATM 1195 O  O   . HOH G 5 .   ? 15.699  2.261   0.761   1.00 27.89  ? 311 HOH A O   1 
HETATM 1196 O  O   . HOH G 5 .   ? 6.306   4.638   -2.323  1.00 17.55  ? 312 HOH A O   1 
HETATM 1197 O  O   . HOH G 5 .   ? -12.010 3.215   -4.791  1.00 29.86  ? 313 HOH A O   1 
HETATM 1198 O  O   . HOH G 5 .   ? 14.034  2.511   13.393  1.00 32.27  ? 314 HOH A O   1 
HETATM 1199 O  O   . HOH G 5 .   ? 0.158   2.597   -1.962  1.00 18.12  ? 315 HOH A O   1 
HETATM 1200 O  O   . HOH G 5 .   ? -5.886  7.858   10.537  1.00 28.99  ? 316 HOH A O   1 
HETATM 1201 O  O   . HOH G 5 .   ? -11.013 -0.632  -17.147 1.00 24.13  ? 317 HOH A O   1 
HETATM 1202 O  O   . HOH G 5 .   ? 14.319  6.279   -1.258  1.00 23.15  ? 318 HOH A O   1 
HETATM 1203 O  O   . HOH G 5 .   ? -3.530  8.790   6.844   1.00 25.88  ? 319 HOH A O   1 
HETATM 1204 O  O   . HOH G 5 .   ? -0.322  -7.363  -15.119 1.00 32.49  ? 320 HOH A O   1 
HETATM 1205 O  O   . HOH G 5 .   ? -12.721 -3.678  -2.664  1.00 31.09  ? 321 HOH A O   1 
HETATM 1206 O  O   . HOH G 5 .   ? -2.662  10.979  -0.435  1.00 29.11  ? 322 HOH A O   1 
HETATM 1207 O  O   . HOH G 5 .   ? 3.075   8.086   8.354   1.00 27.74  ? 323 HOH A O   1 
HETATM 1208 O  O   . HOH G 5 .   ? 10.614  -1.079  14.569  1.00 25.50  ? 324 HOH A O   1 
HETATM 1209 O  O   . HOH G 5 .   ? -15.558 -4.085  -2.062  1.00 35.96  ? 325 HOH A O   1 
HETATM 1210 O  O   . HOH G 5 .   ? -12.795 -2.601  -18.878 1.00 12.17  ? 326 HOH A O   1 
HETATM 1211 O  O   . HOH G 5 .   ? -5.952  13.909  1.178   1.00 36.43  ? 327 HOH A O   1 
HETATM 1212 O  O   . HOH G 5 .   ? 12.170  -3.530  14.527  1.00 28.58  ? 328 HOH A O   1 
HETATM 1213 O  O   . HOH G 5 .   ? -4.952  9.789   -0.595  1.00 32.31  ? 329 HOH A O   1 
HETATM 1214 O  O   . HOH G 5 .   ? -7.787  -6.543  -13.045 1.00 30.05  ? 330 HOH A O   1 
HETATM 1215 O  O   . HOH G 5 .   ? -9.888  7.254   -6.455  1.00 34.83  ? 331 HOH A O   1 
HETATM 1216 O  O   . HOH G 5 .   ? 15.685  1.820   -4.247  1.00 39.09  ? 332 HOH A O   1 
HETATM 1217 O  O   . HOH G 5 .   ? 6.215   16.758  -17.413 1.00 40.88  ? 333 HOH A O   1 
HETATM 1218 O  O   . HOH G 5 .   ? 16.073  16.741  -6.170  1.00 40.89  ? 334 HOH A O   1 
# 
loop_
_pdbx_poly_seq_scheme.asym_id 
_pdbx_poly_seq_scheme.entity_id 
_pdbx_poly_seq_scheme.seq_id 
_pdbx_poly_seq_scheme.mon_id 
_pdbx_poly_seq_scheme.ndb_seq_num 
_pdbx_poly_seq_scheme.pdb_seq_num 
_pdbx_poly_seq_scheme.auth_seq_num 
_pdbx_poly_seq_scheme.pdb_mon_id 
_pdbx_poly_seq_scheme.auth_mon_id 
_pdbx_poly_seq_scheme.pdb_strand_id 
_pdbx_poly_seq_scheme.pdb_ins_code 
_pdbx_poly_seq_scheme.hetero 
A 1 1   GLY 1   1   ?   ?   ?   A . n 
A 1 2   PRO 2   2   ?   ?   ?   A . n 
A 1 3   GLY 3   3   ?   ?   ?   A . n 
A 1 4   GLY 4   4   4   GLY GLY A . n 
A 1 5   SER 5   5   5   SER SER A . n 
A 1 6   MET 6   6   6   MET MET A . n 
A 1 7   TYR 7   7   7   TYR TYR A . n 
A 1 8   GLN 8   8   8   GLN GLN A . n 
A 1 9   LEU 9   9   9   LEU LEU A . n 
A 1 10  GLU 10  10  10  GLU GLU A . n 
A 1 11  LYS 11  11  11  LYS LYS A . n 
A 1 12  GLU 12  12  12  GLU GLU A . n 
A 1 13  PRO 13  13  13  PRO PRO A . n 
A 1 14  ILE 14  14  14  ILE ILE A . n 
A 1 15  VAL 15  15  15  VAL VAL A . n 
A 1 16  GLY 16  16  16  GLY GLY A . n 
A 1 17  ALA 17  17  17  ALA ALA A . n 
A 1 18  GLU 18  18  18  GLU GLU A . n 
A 1 19  THR 19  19  19  THR THR A . n 
A 1 20  PHE 20  20  20  PHE PHE A . n 
A 1 21  TYR 21  21  21  TYR TYR A . n 
A 1 22  VAL 22  22  22  VAL VAL A . n 
A 1 23  ASP 23  23  23  ASP ASP A . n 
A 1 24  GLY 24  24  24  GLY GLY A . n 
A 1 25  ALA 25  25  25  ALA ALA A . n 
A 1 26  ALA 26  26  26  ALA ALA A . n 
A 1 27  ASN 27  27  27  ASN ASN A . n 
A 1 28  ARG 28  28  28  ARG ARG A . n 
A 1 29  GLU 29  29  29  GLU GLU A . n 
A 1 30  THR 30  30  30  THR THR A . n 
A 1 31  LYS 31  31  31  LYS LYS A . n 
A 1 32  LEU 32  32  32  LEU LEU A . n 
A 1 33  GLY 33  33  33  GLY GLY A . n 
A 1 34  LYS 34  34  34  LYS LYS A . n 
A 1 35  ALA 35  35  35  ALA ALA A . n 
A 1 36  GLY 36  36  36  GLY GLY A . n 
A 1 37  TYR 37  37  37  TYR TYR A . n 
A 1 38  VAL 38  38  38  VAL VAL A . n 
A 1 39  THR 39  39  39  THR THR A . n 
A 1 40  ASN 40  40  40  ASN ASN A . n 
A 1 41  ARG 41  41  41  ARG ARG A . n 
A 1 42  GLY 42  42  42  GLY GLY A . n 
A 1 43  ARG 43  43  43  ARG ARG A . n 
A 1 44  GLN 44  44  44  GLN GLN A . n 
A 1 45  LYS 45  45  45  LYS LYS A . n 
A 1 46  VAL 46  46  46  VAL VAL A . n 
A 1 47  VAL 47  47  47  VAL VAL A . n 
A 1 48  THR 48  48  48  THR THR A . n 
A 1 49  LEU 49  49  49  LEU LEU A . n 
A 1 50  THR 50  50  50  THR THR A . n 
A 1 51  ASP 51  51  51  ASP ASP A . n 
A 1 52  THR 52  52  52  THR THR A . n 
A 1 53  THR 53  53  53  THR THR A . n 
A 1 54  ASN 54  54  54  ASN ASN A . n 
A 1 55  GLN 55  55  55  GLN GLN A . n 
A 1 56  LYS 56  56  56  LYS LYS A . n 
A 1 57  THR 57  57  57  THR THR A . n 
A 1 58  GLU 58  58  58  GLU GLU A . n 
A 1 59  LEU 59  59  59  LEU LEU A . n 
A 1 60  GLN 60  60  60  GLN GLN A . n 
A 1 61  ALA 61  61  61  ALA ALA A . n 
A 1 62  ILE 62  62  62  ILE ILE A . n 
A 1 63  TYR 63  63  63  TYR TYR A . n 
A 1 64  LEU 64  64  64  LEU LEU A . n 
A 1 65  ALA 65  65  65  ALA ALA A . n 
A 1 66  LEU 66  66  66  LEU LEU A . n 
A 1 67  GLN 67  67  67  GLN GLN A . n 
A 1 68  ASP 68  68  68  ASP ASP A . n 
A 1 69  SER 69  69  69  SER SER A . n 
A 1 70  GLY 70  70  70  GLY GLY A . n 
A 1 71  LEU 71  71  71  LEU LEU A . n 
A 1 72  GLU 72  72  72  GLU GLU A . n 
A 1 73  VAL 73  73  73  VAL VAL A . n 
A 1 74  ASN 74  74  74  ASN ASN A . n 
A 1 75  ILE 75  75  75  ILE ILE A . n 
A 1 76  VAL 76  76  76  VAL VAL A . n 
A 1 77  THR 77  77  77  THR THR A . n 
A 1 78  ASP 78  78  78  ASP ASP A . n 
A 1 79  SER 79  79  79  SER SER A . n 
A 1 80  GLN 80  80  80  GLN GLN A . n 
A 1 81  TYR 81  81  81  TYR TYR A . n 
A 1 82  ALA 82  82  82  ALA ALA A . n 
A 1 83  LEU 83  83  83  LEU LEU A . n 
A 1 84  GLY 84  84  84  GLY GLY A . n 
A 1 85  ILE 85  85  85  ILE ILE A . n 
A 1 86  ILE 86  86  86  ILE ILE A . n 
A 1 87  THR 87  87  87  THR THR A . n 
A 1 88  GLN 88  88  88  GLN GLN A . n 
A 1 89  TRP 89  89  89  TRP TRP A . n 
A 1 90  ILE 90  90  90  ILE ILE A . n 
A 1 91  HIS 91  91  91  HIS HIS A . n 
A 1 92  ASN 92  92  92  ASN ASN A . n 
A 1 93  TRP 93  93  93  TRP TRP A . n 
A 1 94  LYS 94  94  94  LYS LYS A . n 
A 1 95  LYS 95  95  95  LYS LYS A . n 
A 1 96  ARG 96  96  96  ARG ARG A . n 
A 1 97  GLY 97  97  97  GLY GLY A . n 
A 1 98  TRP 98  98  98  TRP TRP A . n 
A 1 99  LYS 99  99  99  LYS LYS A . n 
A 1 100 THR 100 100 100 THR THR A . n 
A 1 101 PRO 101 101 101 PRO PRO A . n 
A 1 102 VAL 102 102 102 VAL VAL A . n 
A 1 103 LYS 103 103 103 LYS LYS A . n 
A 1 104 ASN 104 104 104 ASN ASN A . n 
A 1 105 VAL 105 105 105 VAL VAL A . n 
A 1 106 ASP 106 106 106 ASP ASP A . n 
A 1 107 LEU 107 107 107 LEU LEU A . n 
A 1 108 VAL 108 108 108 VAL VAL A . n 
A 1 109 ASN 109 109 109 ASN ASN A . n 
A 1 110 GLN 110 110 110 GLN GLN A . n 
A 1 111 ILE 111 111 111 ILE ILE A . n 
A 1 112 ILE 112 112 112 ILE ILE A . n 
A 1 113 GLU 113 113 113 GLU GLU A . n 
A 1 114 GLN 114 114 114 GLN GLN A . n 
A 1 115 LEU 115 115 115 LEU LEU A . n 
A 1 116 ILE 116 116 116 ILE ILE A . n 
A 1 117 LYS 117 117 117 LYS LYS A . n 
A 1 118 LYS 118 118 118 LYS LYS A . n 
A 1 119 GLU 119 119 119 GLU GLU A . n 
A 1 120 LYS 120 120 120 LYS LYS A . n 
A 1 121 VAL 121 121 121 VAL VAL A . n 
A 1 122 TYR 122 122 122 TYR TYR A . n 
A 1 123 LEU 123 123 123 LEU LEU A . n 
A 1 124 ALA 124 124 124 ALA ALA A . n 
A 1 125 TRP 125 125 125 TRP TRP A . n 
A 1 126 VAL 126 126 126 VAL VAL A . n 
A 1 127 PRO 127 127 127 PRO PRO A . n 
A 1 128 ALA 128 128 128 ALA ALA A . n 
A 1 129 HIS 129 129 129 HIS HIS A . n 
A 1 130 LYS 130 130 130 LYS LYS A . n 
A 1 131 GLY 131 131 131 GLY GLY A . n 
A 1 132 ILE 132 132 132 ILE ILE A . n 
A 1 133 GLY 133 133 133 GLY GLY A . n 
A 1 134 GLY 134 134 134 GLY GLY A . n 
A 1 135 ASN 135 135 135 ASN ASN A . n 
A 1 136 GLU 136 136 136 GLU GLU A . n 
A 1 137 GLN 137 137 137 GLN GLN A . n 
A 1 138 VAL 138 138 138 VAL VAL A . n 
A 1 139 ASP 139 139 139 ASP ASP A . n 
A 1 140 LYS 140 140 140 LYS LYS A . n 
A 1 141 LEU 141 141 141 LEU LEU A . n 
A 1 142 VAL 142 142 142 VAL VAL A . n 
A 1 143 SER 143 143 143 SER SER A . n 
A 1 144 ALA 144 144 144 ALA ALA A . n 
A 1 145 GLY 145 145 145 GLY GLY A . n 
A 1 146 ILE 146 146 146 ILE ILE A . n 
A 1 147 ARG 147 147 147 ARG ARG A . n 
A 1 148 LYS 148 148 148 LYS LYS A . n 
A 1 149 VAL 149 149 149 VAL VAL A . n 
A 1 150 LEU 150 150 ?   ?   ?   A . n 
A 1 151 PHE 151 151 ?   ?   ?   A . n 
# 
_pdbx_contact_author.id                 2 
_pdbx_contact_author.email              hoshino@chiba-u.jp 
_pdbx_contact_author.name_first         Tyuji 
_pdbx_contact_author.name_last          Hoshino 
_pdbx_contact_author.name_mi            ? 
_pdbx_contact_author.role               'principal investigator/group leader' 
_pdbx_contact_author.identifier_ORCID   0000-0003-4705-4412 
# 
loop_
_pdbx_nonpoly_scheme.asym_id 
_pdbx_nonpoly_scheme.entity_id 
_pdbx_nonpoly_scheme.mon_id 
_pdbx_nonpoly_scheme.ndb_seq_num 
_pdbx_nonpoly_scheme.pdb_seq_num 
_pdbx_nonpoly_scheme.auth_seq_num 
_pdbx_nonpoly_scheme.pdb_mon_id 
_pdbx_nonpoly_scheme.auth_mon_id 
_pdbx_nonpoly_scheme.pdb_strand_id 
_pdbx_nonpoly_scheme.pdb_ins_code 
B 2 ECW 1  201 202 ECW DRG A . 
C 3 MN  1  202 150 MN  MN  A . 
D 3 MN  1  203 151 MN  MN  A . 
E 4 ZN  1  204 1   ZN  ZN  A . 
F 4 ZN  1  205 2   ZN  ZN  A . 
G 5 HOH 1  301 40  HOH HOH A . 
G 5 HOH 2  302 16  HOH HOH A . 
G 5 HOH 3  303 24  HOH HOH A . 
G 5 HOH 4  304 9   HOH HOH A . 
G 5 HOH 5  305 66  HOH HOH A . 
G 5 HOH 6  306 14  HOH HOH A . 
G 5 HOH 7  307 12  HOH HOH A . 
G 5 HOH 8  308 99  HOH HOH A . 
G 5 HOH 9  309 2   HOH HOH A . 
G 5 HOH 10 310 25  HOH HOH A . 
G 5 HOH 11 311 33  HOH HOH A . 
G 5 HOH 12 312 3   HOH HOH A . 
G 5 HOH 13 313 4   HOH HOH A . 
G 5 HOH 14 314 11  HOH HOH A . 
G 5 HOH 15 315 1   HOH HOH A . 
G 5 HOH 16 316 7   HOH HOH A . 
G 5 HOH 17 317 21  HOH HOH A . 
G 5 HOH 18 318 22  HOH HOH A . 
G 5 HOH 19 319 102 HOH HOH A . 
G 5 HOH 20 320 29  HOH HOH A . 
G 5 HOH 21 321 32  HOH HOH A . 
G 5 HOH 22 322 13  HOH HOH A . 
G 5 HOH 23 323 5   HOH HOH A . 
G 5 HOH 24 324 10  HOH HOH A . 
G 5 HOH 25 325 103 HOH HOH A . 
G 5 HOH 26 326 18  HOH HOH A . 
G 5 HOH 27 327 106 HOH HOH A . 
G 5 HOH 28 328 84  HOH HOH A . 
G 5 HOH 29 329 65  HOH HOH A . 
G 5 HOH 30 330 23  HOH HOH A . 
G 5 HOH 31 331 101 HOH HOH A . 
G 5 HOH 32 332 20  HOH HOH A . 
G 5 HOH 33 333 17  HOH HOH A . 
G 5 HOH 34 334 105 HOH HOH A . 
# 
_pdbx_struct_assembly.id                   1 
_pdbx_struct_assembly.details              author_and_software_defined_assembly 
_pdbx_struct_assembly.method_details       PISA 
_pdbx_struct_assembly.oligomeric_details   monomeric 
_pdbx_struct_assembly.oligomeric_count     1 
# 
_pdbx_struct_assembly_gen.assembly_id       1 
_pdbx_struct_assembly_gen.oper_expression   1 
_pdbx_struct_assembly_gen.asym_id_list      A,B,C,D,E,F,G 
# 
loop_
_pdbx_struct_assembly_prop.biol_id 
_pdbx_struct_assembly_prop.type 
_pdbx_struct_assembly_prop.value 
_pdbx_struct_assembly_prop.details 
1 'ABSA (A^2)' 160  ? 
1 MORE         -45  ? 
1 'SSA (A^2)'  7980 ? 
# 
_pdbx_struct_oper_list.id                   1 
_pdbx_struct_oper_list.type                 'identity operation' 
_pdbx_struct_oper_list.name                 1_555 
_pdbx_struct_oper_list.symmetry_operation   x,y,z 
_pdbx_struct_oper_list.matrix[1][1]         1.0000000000 
_pdbx_struct_oper_list.matrix[1][2]         0.0000000000 
_pdbx_struct_oper_list.matrix[1][3]         0.0000000000 
_pdbx_struct_oper_list.vector[1]            0.0000000000 
_pdbx_struct_oper_list.matrix[2][1]         0.0000000000 
_pdbx_struct_oper_list.matrix[2][2]         1.0000000000 
_pdbx_struct_oper_list.matrix[2][3]         0.0000000000 
_pdbx_struct_oper_list.vector[2]            0.0000000000 
_pdbx_struct_oper_list.matrix[3][1]         0.0000000000 
_pdbx_struct_oper_list.matrix[3][2]         0.0000000000 
_pdbx_struct_oper_list.matrix[3][3]         1.0000000000 
_pdbx_struct_oper_list.vector[3]            0.0000000000 
# 
loop_
_pdbx_struct_conn_angle.id 
_pdbx_struct_conn_angle.ptnr1_label_atom_id 
_pdbx_struct_conn_angle.ptnr1_label_alt_id 
_pdbx_struct_conn_angle.ptnr1_label_asym_id 
_pdbx_struct_conn_angle.ptnr1_label_comp_id 
_pdbx_struct_conn_angle.ptnr1_label_seq_id 
_pdbx_struct_conn_angle.ptnr1_auth_atom_id 
_pdbx_struct_conn_angle.ptnr1_auth_asym_id 
_pdbx_struct_conn_angle.ptnr1_auth_comp_id 
_pdbx_struct_conn_angle.ptnr1_auth_seq_id 
_pdbx_struct_conn_angle.ptnr1_PDB_ins_code 
_pdbx_struct_conn_angle.ptnr1_symmetry 
_pdbx_struct_conn_angle.ptnr2_label_atom_id 
_pdbx_struct_conn_angle.ptnr2_label_alt_id 
_pdbx_struct_conn_angle.ptnr2_label_asym_id 
_pdbx_struct_conn_angle.ptnr2_label_comp_id 
_pdbx_struct_conn_angle.ptnr2_label_seq_id 
_pdbx_struct_conn_angle.ptnr2_auth_atom_id 
_pdbx_struct_conn_angle.ptnr2_auth_asym_id 
_pdbx_struct_conn_angle.ptnr2_auth_comp_id 
_pdbx_struct_conn_angle.ptnr2_auth_seq_id 
_pdbx_struct_conn_angle.ptnr2_PDB_ins_code 
_pdbx_struct_conn_angle.ptnr2_symmetry 
_pdbx_struct_conn_angle.ptnr3_label_atom_id 
_pdbx_struct_conn_angle.ptnr3_label_alt_id 
_pdbx_struct_conn_angle.ptnr3_label_asym_id 
_pdbx_struct_conn_angle.ptnr3_label_comp_id 
_pdbx_struct_conn_angle.ptnr3_label_seq_id 
_pdbx_struct_conn_angle.ptnr3_auth_atom_id 
_pdbx_struct_conn_angle.ptnr3_auth_asym_id 
_pdbx_struct_conn_angle.ptnr3_auth_comp_id 
_pdbx_struct_conn_angle.ptnr3_auth_seq_id 
_pdbx_struct_conn_angle.ptnr3_PDB_ins_code 
_pdbx_struct_conn_angle.ptnr3_symmetry 
_pdbx_struct_conn_angle.value 
_pdbx_struct_conn_angle.value_esd 
1  OD1 ? A ASP 23  ? A ASP 23  ? 1_555 MN ? C MN . ? A MN 202 ? 1_555 OE2 ? A GLU 58  ? A GLU 58  ? 1_555 100.5 ? 
2  OD1 ? A ASP 23  ? A ASP 23  ? 1_555 MN ? C MN . ? A MN 202 ? 1_555 OD1 ? A ASP 78  ? A ASP 78  ? 1_555 108.5 ? 
3  OE2 ? A GLU 58  ? A GLU 58  ? 1_555 MN ? C MN . ? A MN 202 ? 1_555 OD1 ? A ASP 78  ? A ASP 78  ? 1_555 115.5 ? 
4  OD1 ? A ASP 23  ? A ASP 23  ? 1_555 MN ? C MN . ? A MN 202 ? 1_555 OAH ? B ECW .   ? A ECW 201 ? 1_555 160.8 ? 
5  OE2 ? A GLU 58  ? A GLU 58  ? 1_555 MN ? C MN . ? A MN 202 ? 1_555 OAH ? B ECW .   ? A ECW 201 ? 1_555 74.1  ? 
6  OD1 ? A ASP 78  ? A ASP 78  ? 1_555 MN ? C MN . ? A MN 202 ? 1_555 OAH ? B ECW .   ? A ECW 201 ? 1_555 60.0  ? 
7  OD2 ? A ASP 23  ? A ASP 23  ? 1_555 MN ? D MN . ? A MN 203 ? 1_555 OD2 ? A ASP 78  ? A ASP 78  ? 1_555 105.0 ? 
8  OD2 ? A ASP 23  ? A ASP 23  ? 1_555 MN ? D MN . ? A MN 203 ? 1_555 OD1 ? A ASP 139 ? A ASP 139 ? 1_555 82.9  ? 
9  OD2 ? A ASP 78  ? A ASP 78  ? 1_555 MN ? D MN . ? A MN 203 ? 1_555 OD1 ? A ASP 139 ? A ASP 139 ? 1_555 172.1 ? 
10 OD2 ? A ASP 23  ? A ASP 23  ? 1_555 MN ? D MN . ? A MN 203 ? 1_555 OAK ? B ECW .   ? A ECW 201 ? 1_555 143.2 ? 
11 OD2 ? A ASP 78  ? A ASP 78  ? 1_555 MN ? D MN . ? A MN 203 ? 1_555 OAK ? B ECW .   ? A ECW 201 ? 1_555 105.6 ? 
12 OD1 ? A ASP 139 ? A ASP 139 ? 1_555 MN ? D MN . ? A MN 203 ? 1_555 OAK ? B ECW .   ? A ECW 201 ? 1_555 67.1  ? 
13 OD1 ? A ASP 51  ? A ASP 51  ? 1_555 ZN ? E ZN . ? A ZN 204 ? 1_555 OD2 ? A ASP 51  ? A ASP 51  ? 1_555 55.0  ? 
14 OD1 ? A ASP 51  ? A ASP 51  ? 1_555 ZN ? E ZN . ? A ZN 204 ? 1_555 NE2 ? A HIS 129 ? A HIS 129 ? 1_555 52.5  ? 
15 OD2 ? A ASP 51  ? A ASP 51  ? 1_555 ZN ? E ZN . ? A ZN 204 ? 1_555 NE2 ? A HIS 129 ? A HIS 129 ? 1_555 51.7  ? 
16 OD1 ? A ASP 51  ? A ASP 51  ? 1_555 ZN ? E ZN . ? A ZN 204 ? 1_555 OE1 ? A GLU 136 ? A GLU 136 ? 1_555 58.0  ? 
17 OD2 ? A ASP 51  ? A ASP 51  ? 1_555 ZN ? E ZN . ? A ZN 204 ? 1_555 OE1 ? A GLU 136 ? A GLU 136 ? 1_555 53.3  ? 
18 NE2 ? A HIS 129 ? A HIS 129 ? 1_555 ZN ? E ZN . ? A ZN 204 ? 1_555 OE1 ? A GLU 136 ? A GLU 136 ? 1_555 5.5   ? 
19 OD1 ? A ASP 51  ? A ASP 51  ? 1_555 ZN ? E ZN . ? A ZN 204 ? 1_555 O   ? G HOH .   ? A HOH 326 ? 1_555 97.6  ? 
20 OD2 ? A ASP 51  ? A ASP 51  ? 1_555 ZN ? E ZN . ? A ZN 204 ? 1_555 O   ? G HOH .   ? A HOH 326 ? 1_555 129.0 ? 
21 NE2 ? A HIS 129 ? A HIS 129 ? 1_555 ZN ? E ZN . ? A ZN 204 ? 1_555 O   ? G HOH .   ? A HOH 326 ? 1_555 77.3  ? 
22 OE1 ? A GLU 136 ? A GLU 136 ? 1_555 ZN ? E ZN . ? A ZN 204 ? 1_555 O   ? G HOH .   ? A HOH 326 ? 1_555 75.7  ? 
23 OE2 ? A GLU 72  ? A GLU 72  ? 1_555 ZN ? F ZN . ? A ZN 205 ? 1_555 ND1 ? A HIS 91  ? A HIS 91  ? 1_555 105.3 ? 
24 OE2 ? A GLU 72  ? A GLU 72  ? 1_555 ZN ? F ZN . ? A ZN 205 ? 1_555 OE1 ? A GLU 119 ? A GLU 119 ? 1_555 117.5 ? 
25 ND1 ? A HIS 91  ? A HIS 91  ? 1_555 ZN ? F ZN . ? A ZN 205 ? 1_555 OE1 ? A GLU 119 ? A GLU 119 ? 1_555 39.7  ? 
# 
loop_
_pdbx_audit_revision_history.ordinal 
_pdbx_audit_revision_history.data_content_type 
_pdbx_audit_revision_history.major_revision 
_pdbx_audit_revision_history.minor_revision 
_pdbx_audit_revision_history.revision_date 
1 'Structure model' 1 0 2022-04-27 
2 'Structure model' 1 1 2022-10-19 
3 'Structure model' 1 2 2023-01-11 
4 'Structure model' 1 3 2023-11-29 
# 
_pdbx_audit_revision_details.ordinal             1 
_pdbx_audit_revision_details.revision_ordinal    1 
_pdbx_audit_revision_details.data_content_type   'Structure model' 
_pdbx_audit_revision_details.provider            repository 
_pdbx_audit_revision_details.type                'Initial release' 
_pdbx_audit_revision_details.description         ? 
_pdbx_audit_revision_details.details             ? 
# 
loop_
_pdbx_audit_revision_group.ordinal 
_pdbx_audit_revision_group.revision_ordinal 
_pdbx_audit_revision_group.data_content_type 
_pdbx_audit_revision_group.group 
1 2 'Structure model' 'Database references'    
2 3 'Structure model' 'Database references'    
3 4 'Structure model' 'Data collection'        
4 4 'Structure model' 'Refinement description' 
# 
loop_
_pdbx_audit_revision_category.ordinal 
_pdbx_audit_revision_category.revision_ordinal 
_pdbx_audit_revision_category.data_content_type 
_pdbx_audit_revision_category.category 
1 2 'Structure model' citation                      
2 2 'Structure model' citation_author               
3 3 'Structure model' citation                      
4 3 'Structure model' citation_author               
5 4 'Structure model' chem_comp_atom                
6 4 'Structure model' chem_comp_bond                
7 4 'Structure model' pdbx_initial_refinement_model 
# 
loop_
_pdbx_audit_revision_item.ordinal 
_pdbx_audit_revision_item.revision_ordinal 
_pdbx_audit_revision_item.data_content_type 
_pdbx_audit_revision_item.item 
1  2 'Structure model' '_citation.country'                 
2  2 'Structure model' '_citation.journal_abbrev'          
3  2 'Structure model' '_citation.journal_id_CSD'          
4  2 'Structure model' '_citation.journal_id_ISSN'         
5  2 'Structure model' '_citation.pdbx_database_id_DOI'    
6  2 'Structure model' '_citation.pdbx_database_id_PubMed' 
7  2 'Structure model' '_citation.title'                   
8  2 'Structure model' '_citation.year'                    
9  2 'Structure model' '_citation_author.identifier_ORCID' 
10 3 'Structure model' '_citation.journal_volume'          
11 3 'Structure model' '_citation.page_first'              
12 3 'Structure model' '_citation.page_last'               
13 3 'Structure model' '_citation_author.identifier_ORCID' 
# 
loop_
_software.citation_id 
_software.classification 
_software.compiler_name 
_software.compiler_version 
_software.contact_author 
_software.contact_author_email 
_software.date 
_software.description 
_software.dependencies 
_software.hardware 
_software.language 
_software.location 
_software.mods 
_software.name 
_software.os 
_software.os_version 
_software.type 
_software.version 
_software.pdbx_ordinal 
? refinement        ? ? ? ? ? ? ? ? ? ? ? PHENIX      ? ? ? 1.83   1 
? 'data reduction'  ? ? ? ? ? ? ? ? ? ? ? XDS         ? ? ? .      2 
? 'data scaling'    ? ? ? ? ? ? ? ? ? ? ? Aimless     ? ? ? 0.1.27 3 
? 'data extraction' ? ? ? ? ? ? ? ? ? ? ? PDB_EXTRACT ? ? ? 3.27   4 
? phasing           ? ? ? ? ? ? ? ? ? ? ? MOLREP      ? ? ? .      5 
# 
_pdbx_entry_details.entry_id                 7XJ5 
_pdbx_entry_details.has_ligand_of_interest   Y 
_pdbx_entry_details.compound_details         ? 
_pdbx_entry_details.source_details           ? 
_pdbx_entry_details.nonpolymer_details       ? 
_pdbx_entry_details.sequence_details         ? 
# 
loop_
_pdbx_validate_torsion.id 
_pdbx_validate_torsion.PDB_model_num 
_pdbx_validate_torsion.auth_comp_id 
_pdbx_validate_torsion.auth_asym_id 
_pdbx_validate_torsion.auth_seq_id 
_pdbx_validate_torsion.PDB_ins_code 
_pdbx_validate_torsion.label_alt_id 
_pdbx_validate_torsion.phi 
_pdbx_validate_torsion.psi 
1 1 SER A 5  ? ? -128.72 -62.60 
2 1 LYS A 31 ? ? 58.44   19.68  
3 1 LYS A 94 ? ? 33.99   35.89  
# 
loop_
_pdbx_unobs_or_zero_occ_residues.id 
_pdbx_unobs_or_zero_occ_residues.PDB_model_num 
_pdbx_unobs_or_zero_occ_residues.polymer_flag 
_pdbx_unobs_or_zero_occ_residues.occupancy_flag 
_pdbx_unobs_or_zero_occ_residues.auth_asym_id 
_pdbx_unobs_or_zero_occ_residues.auth_comp_id 
_pdbx_unobs_or_zero_occ_residues.auth_seq_id 
_pdbx_unobs_or_zero_occ_residues.PDB_ins_code 
_pdbx_unobs_or_zero_occ_residues.label_asym_id 
_pdbx_unobs_or_zero_occ_residues.label_comp_id 
_pdbx_unobs_or_zero_occ_residues.label_seq_id 
1 1 Y 1 A GLY 1   ? A GLY 1   
2 1 Y 1 A PRO 2   ? A PRO 2   
3 1 Y 1 A GLY 3   ? A GLY 3   
4 1 Y 1 A LEU 150 ? A LEU 150 
5 1 Y 1 A PHE 151 ? A PHE 151 
# 
loop_
_chem_comp_atom.comp_id 
_chem_comp_atom.atom_id 
_chem_comp_atom.type_symbol 
_chem_comp_atom.pdbx_aromatic_flag 
_chem_comp_atom.pdbx_stereo_config 
_chem_comp_atom.pdbx_ordinal 
ALA N    N  N N 1   
ALA CA   C  N S 2   
ALA C    C  N N 3   
ALA O    O  N N 4   
ALA CB   C  N N 5   
ALA OXT  O  N N 6   
ALA H    H  N N 7   
ALA H2   H  N N 8   
ALA HA   H  N N 9   
ALA HB1  H  N N 10  
ALA HB2  H  N N 11  
ALA HB3  H  N N 12  
ALA HXT  H  N N 13  
ARG N    N  N N 14  
ARG CA   C  N S 15  
ARG C    C  N N 16  
ARG O    O  N N 17  
ARG CB   C  N N 18  
ARG CG   C  N N 19  
ARG CD   C  N N 20  
ARG NE   N  N N 21  
ARG CZ   C  N N 22  
ARG NH1  N  N N 23  
ARG NH2  N  N N 24  
ARG OXT  O  N N 25  
ARG H    H  N N 26  
ARG H2   H  N N 27  
ARG HA   H  N N 28  
ARG HB2  H  N N 29  
ARG HB3  H  N N 30  
ARG HG2  H  N N 31  
ARG HG3  H  N N 32  
ARG HD2  H  N N 33  
ARG HD3  H  N N 34  
ARG HE   H  N N 35  
ARG HH11 H  N N 36  
ARG HH12 H  N N 37  
ARG HH21 H  N N 38  
ARG HH22 H  N N 39  
ARG HXT  H  N N 40  
ASN N    N  N N 41  
ASN CA   C  N S 42  
ASN C    C  N N 43  
ASN O    O  N N 44  
ASN CB   C  N N 45  
ASN CG   C  N N 46  
ASN OD1  O  N N 47  
ASN ND2  N  N N 48  
ASN OXT  O  N N 49  
ASN H    H  N N 50  
ASN H2   H  N N 51  
ASN HA   H  N N 52  
ASN HB2  H  N N 53  
ASN HB3  H  N N 54  
ASN HD21 H  N N 55  
ASN HD22 H  N N 56  
ASN HXT  H  N N 57  
ASP N    N  N N 58  
ASP CA   C  N S 59  
ASP C    C  N N 60  
ASP O    O  N N 61  
ASP CB   C  N N 62  
ASP CG   C  N N 63  
ASP OD1  O  N N 64  
ASP OD2  O  N N 65  
ASP OXT  O  N N 66  
ASP H    H  N N 67  
ASP H2   H  N N 68  
ASP HA   H  N N 69  
ASP HB2  H  N N 70  
ASP HB3  H  N N 71  
ASP HD2  H  N N 72  
ASP HXT  H  N N 73  
ECW CAB  C  Y N 74  
ECW CAC  C  Y N 75  
ECW CAD  C  Y N 76  
ECW CAE  C  Y N 77  
ECW CAJ  C  N N 78  
ECW CAM  C  N N 79  
ECW CAN  C  N N 80  
ECW CAQ  C  N N 81  
ECW CAR  C  Y N 82  
ECW CAS  C  Y N 83  
ECW CAT  C  Y N 84  
ECW CAU  C  Y N 85  
ECW CAV  C  Y N 86  
ECW CAW  C  Y N 87  
ECW CAX  C  N N 88  
ECW CAY  C  N N 89  
ECW CAZ  C  N N 90  
ECW CBA  C  N N 91  
ECW NAF  N  N N 92  
ECW NAP  N  N N 93  
ECW OAA  O  Y N 94  
ECW OAG  O  N N 95  
ECW OAH  O  N N 96  
ECW OAK  O  N N 97  
ECW OAL  O  N N 98  
ECW OAO  O  N N 99  
ECW BR   BR N N 100 
ECW H1   H  N N 101 
ECW H2   H  N N 102 
ECW H3   H  N N 103 
ECW H4   H  N N 104 
ECW H5   H  N N 105 
ECW H6   H  N N 106 
ECW H7   H  N N 107 
ECW H8   H  N N 108 
ECW H9   H  N N 109 
ECW H10  H  N N 110 
ECW H11  H  N N 111 
ECW H12  H  N N 112 
ECW H13  H  N N 113 
ECW H14  H  N N 114 
ECW H15  H  N N 115 
ECW H16  H  N N 116 
ECW H17  H  N N 117 
ECW H18  H  N N 118 
ECW H19  H  N N 119 
GLN N    N  N N 120 
GLN CA   C  N S 121 
GLN C    C  N N 122 
GLN O    O  N N 123 
GLN CB   C  N N 124 
GLN CG   C  N N 125 
GLN CD   C  N N 126 
GLN OE1  O  N N 127 
GLN NE2  N  N N 128 
GLN OXT  O  N N 129 
GLN H    H  N N 130 
GLN H2   H  N N 131 
GLN HA   H  N N 132 
GLN HB2  H  N N 133 
GLN HB3  H  N N 134 
GLN HG2  H  N N 135 
GLN HG3  H  N N 136 
GLN HE21 H  N N 137 
GLN HE22 H  N N 138 
GLN HXT  H  N N 139 
GLU N    N  N N 140 
GLU CA   C  N S 141 
GLU C    C  N N 142 
GLU O    O  N N 143 
GLU CB   C  N N 144 
GLU CG   C  N N 145 
GLU CD   C  N N 146 
GLU OE1  O  N N 147 
GLU OE2  O  N N 148 
GLU OXT  O  N N 149 
GLU H    H  N N 150 
GLU H2   H  N N 151 
GLU HA   H  N N 152 
GLU HB2  H  N N 153 
GLU HB3  H  N N 154 
GLU HG2  H  N N 155 
GLU HG3  H  N N 156 
GLU HE2  H  N N 157 
GLU HXT  H  N N 158 
GLY N    N  N N 159 
GLY CA   C  N N 160 
GLY C    C  N N 161 
GLY O    O  N N 162 
GLY OXT  O  N N 163 
GLY H    H  N N 164 
GLY H2   H  N N 165 
GLY HA2  H  N N 166 
GLY HA3  H  N N 167 
GLY HXT  H  N N 168 
HIS N    N  N N 169 
HIS CA   C  N S 170 
HIS C    C  N N 171 
HIS O    O  N N 172 
HIS CB   C  N N 173 
HIS CG   C  Y N 174 
HIS ND1  N  Y N 175 
HIS CD2  C  Y N 176 
HIS CE1  C  Y N 177 
HIS NE2  N  Y N 178 
HIS OXT  O  N N 179 
HIS H    H  N N 180 
HIS H2   H  N N 181 
HIS HA   H  N N 182 
HIS HB2  H  N N 183 
HIS HB3  H  N N 184 
HIS HD1  H  N N 185 
HIS HD2  H  N N 186 
HIS HE1  H  N N 187 
HIS HE2  H  N N 188 
HIS HXT  H  N N 189 
HOH O    O  N N 190 
HOH H1   H  N N 191 
HOH H2   H  N N 192 
ILE N    N  N N 193 
ILE CA   C  N S 194 
ILE C    C  N N 195 
ILE O    O  N N 196 
ILE CB   C  N S 197 
ILE CG1  C  N N 198 
ILE CG2  C  N N 199 
ILE CD1  C  N N 200 
ILE OXT  O  N N 201 
ILE H    H  N N 202 
ILE H2   H  N N 203 
ILE HA   H  N N 204 
ILE HB   H  N N 205 
ILE HG12 H  N N 206 
ILE HG13 H  N N 207 
ILE HG21 H  N N 208 
ILE HG22 H  N N 209 
ILE HG23 H  N N 210 
ILE HD11 H  N N 211 
ILE HD12 H  N N 212 
ILE HD13 H  N N 213 
ILE HXT  H  N N 214 
LEU N    N  N N 215 
LEU CA   C  N S 216 
LEU C    C  N N 217 
LEU O    O  N N 218 
LEU CB   C  N N 219 
LEU CG   C  N N 220 
LEU CD1  C  N N 221 
LEU CD2  C  N N 222 
LEU OXT  O  N N 223 
LEU H    H  N N 224 
LEU H2   H  N N 225 
LEU HA   H  N N 226 
LEU HB2  H  N N 227 
LEU HB3  H  N N 228 
LEU HG   H  N N 229 
LEU HD11 H  N N 230 
LEU HD12 H  N N 231 
LEU HD13 H  N N 232 
LEU HD21 H  N N 233 
LEU HD22 H  N N 234 
LEU HD23 H  N N 235 
LEU HXT  H  N N 236 
LYS N    N  N N 237 
LYS CA   C  N S 238 
LYS C    C  N N 239 
LYS O    O  N N 240 
LYS CB   C  N N 241 
LYS CG   C  N N 242 
LYS CD   C  N N 243 
LYS CE   C  N N 244 
LYS NZ   N  N N 245 
LYS OXT  O  N N 246 
LYS H    H  N N 247 
LYS H2   H  N N 248 
LYS HA   H  N N 249 
LYS HB2  H  N N 250 
LYS HB3  H  N N 251 
LYS HG2  H  N N 252 
LYS HG3  H  N N 253 
LYS HD2  H  N N 254 
LYS HD3  H  N N 255 
LYS HE2  H  N N 256 
LYS HE3  H  N N 257 
LYS HZ1  H  N N 258 
LYS HZ2  H  N N 259 
LYS HZ3  H  N N 260 
LYS HXT  H  N N 261 
MET N    N  N N 262 
MET CA   C  N S 263 
MET C    C  N N 264 
MET O    O  N N 265 
MET CB   C  N N 266 
MET CG   C  N N 267 
MET SD   S  N N 268 
MET CE   C  N N 269 
MET OXT  O  N N 270 
MET H    H  N N 271 
MET H2   H  N N 272 
MET HA   H  N N 273 
MET HB2  H  N N 274 
MET HB3  H  N N 275 
MET HG2  H  N N 276 
MET HG3  H  N N 277 
MET HE1  H  N N 278 
MET HE2  H  N N 279 
MET HE3  H  N N 280 
MET HXT  H  N N 281 
MN  MN   MN N N 282 
PHE N    N  N N 283 
PHE CA   C  N S 284 
PHE C    C  N N 285 
PHE O    O  N N 286 
PHE CB   C  N N 287 
PHE CG   C  Y N 288 
PHE CD1  C  Y N 289 
PHE CD2  C  Y N 290 
PHE CE1  C  Y N 291 
PHE CE2  C  Y N 292 
PHE CZ   C  Y N 293 
PHE OXT  O  N N 294 
PHE H    H  N N 295 
PHE H2   H  N N 296 
PHE HA   H  N N 297 
PHE HB2  H  N N 298 
PHE HB3  H  N N 299 
PHE HD1  H  N N 300 
PHE HD2  H  N N 301 
PHE HE1  H  N N 302 
PHE HE2  H  N N 303 
PHE HZ   H  N N 304 
PHE HXT  H  N N 305 
PRO N    N  N N 306 
PRO CA   C  N S 307 
PRO C    C  N N 308 
PRO O    O  N N 309 
PRO CB   C  N N 310 
PRO CG   C  N N 311 
PRO CD   C  N N 312 
PRO OXT  O  N N 313 
PRO H    H  N N 314 
PRO HA   H  N N 315 
PRO HB2  H  N N 316 
PRO HB3  H  N N 317 
PRO HG2  H  N N 318 
PRO HG3  H  N N 319 
PRO HD2  H  N N 320 
PRO HD3  H  N N 321 
PRO HXT  H  N N 322 
SER N    N  N N 323 
SER CA   C  N S 324 
SER C    C  N N 325 
SER O    O  N N 326 
SER CB   C  N N 327 
SER OG   O  N N 328 
SER OXT  O  N N 329 
SER H    H  N N 330 
SER H2   H  N N 331 
SER HA   H  N N 332 
SER HB2  H  N N 333 
SER HB3  H  N N 334 
SER HG   H  N N 335 
SER HXT  H  N N 336 
THR N    N  N N 337 
THR CA   C  N S 338 
THR C    C  N N 339 
THR O    O  N N 340 
THR CB   C  N R 341 
THR OG1  O  N N 342 
THR CG2  C  N N 343 
THR OXT  O  N N 344 
THR H    H  N N 345 
THR H2   H  N N 346 
THR HA   H  N N 347 
THR HB   H  N N 348 
THR HG1  H  N N 349 
THR HG21 H  N N 350 
THR HG22 H  N N 351 
THR HG23 H  N N 352 
THR HXT  H  N N 353 
TRP N    N  N N 354 
TRP CA   C  N S 355 
TRP C    C  N N 356 
TRP O    O  N N 357 
TRP CB   C  N N 358 
TRP CG   C  Y N 359 
TRP CD1  C  Y N 360 
TRP CD2  C  Y N 361 
TRP NE1  N  Y N 362 
TRP CE2  C  Y N 363 
TRP CE3  C  Y N 364 
TRP CZ2  C  Y N 365 
TRP CZ3  C  Y N 366 
TRP CH2  C  Y N 367 
TRP OXT  O  N N 368 
TRP H    H  N N 369 
TRP H2   H  N N 370 
TRP HA   H  N N 371 
TRP HB2  H  N N 372 
TRP HB3  H  N N 373 
TRP HD1  H  N N 374 
TRP HE1  H  N N 375 
TRP HE3  H  N N 376 
TRP HZ2  H  N N 377 
TRP HZ3  H  N N 378 
TRP HH2  H  N N 379 
TRP HXT  H  N N 380 
TYR N    N  N N 381 
TYR CA   C  N S 382 
TYR C    C  N N 383 
TYR O    O  N N 384 
TYR CB   C  N N 385 
TYR CG   C  Y N 386 
TYR CD1  C  Y N 387 
TYR CD2  C  Y N 388 
TYR CE1  C  Y N 389 
TYR CE2  C  Y N 390 
TYR CZ   C  Y N 391 
TYR OH   O  N N 392 
TYR OXT  O  N N 393 
TYR H    H  N N 394 
TYR H2   H  N N 395 
TYR HA   H  N N 396 
TYR HB2  H  N N 397 
TYR HB3  H  N N 398 
TYR HD1  H  N N 399 
TYR HD2  H  N N 400 
TYR HE1  H  N N 401 
TYR HE2  H  N N 402 
TYR HH   H  N N 403 
TYR HXT  H  N N 404 
VAL N    N  N N 405 
VAL CA   C  N S 406 
VAL C    C  N N 407 
VAL O    O  N N 408 
VAL CB   C  N N 409 
VAL CG1  C  N N 410 
VAL CG2  C  N N 411 
VAL OXT  O  N N 412 
VAL H    H  N N 413 
VAL H2   H  N N 414 
VAL HA   H  N N 415 
VAL HB   H  N N 416 
VAL HG11 H  N N 417 
VAL HG12 H  N N 418 
VAL HG13 H  N N 419 
VAL HG21 H  N N 420 
VAL HG22 H  N N 421 
VAL HG23 H  N N 422 
VAL HXT  H  N N 423 
ZN  ZN   ZN N N 424 
# 
loop_
_chem_comp_bond.comp_id 
_chem_comp_bond.atom_id_1 
_chem_comp_bond.atom_id_2 
_chem_comp_bond.value_order 
_chem_comp_bond.pdbx_aromatic_flag 
_chem_comp_bond.pdbx_stereo_config 
_chem_comp_bond.pdbx_ordinal 
ALA N   CA   sing N N 1   
ALA N   H    sing N N 2   
ALA N   H2   sing N N 3   
ALA CA  C    sing N N 4   
ALA CA  CB   sing N N 5   
ALA CA  HA   sing N N 6   
ALA C   O    doub N N 7   
ALA C   OXT  sing N N 8   
ALA CB  HB1  sing N N 9   
ALA CB  HB2  sing N N 10  
ALA CB  HB3  sing N N 11  
ALA OXT HXT  sing N N 12  
ARG N   CA   sing N N 13  
ARG N   H    sing N N 14  
ARG N   H2   sing N N 15  
ARG CA  C    sing N N 16  
ARG CA  CB   sing N N 17  
ARG CA  HA   sing N N 18  
ARG C   O    doub N N 19  
ARG C   OXT  sing N N 20  
ARG CB  CG   sing N N 21  
ARG CB  HB2  sing N N 22  
ARG CB  HB3  sing N N 23  
ARG CG  CD   sing N N 24  
ARG CG  HG2  sing N N 25  
ARG CG  HG3  sing N N 26  
ARG CD  NE   sing N N 27  
ARG CD  HD2  sing N N 28  
ARG CD  HD3  sing N N 29  
ARG NE  CZ   sing N N 30  
ARG NE  HE   sing N N 31  
ARG CZ  NH1  sing N N 32  
ARG CZ  NH2  doub N N 33  
ARG NH1 HH11 sing N N 34  
ARG NH1 HH12 sing N N 35  
ARG NH2 HH21 sing N N 36  
ARG NH2 HH22 sing N N 37  
ARG OXT HXT  sing N N 38  
ASN N   CA   sing N N 39  
ASN N   H    sing N N 40  
ASN N   H2   sing N N 41  
ASN CA  C    sing N N 42  
ASN CA  CB   sing N N 43  
ASN CA  HA   sing N N 44  
ASN C   O    doub N N 45  
ASN C   OXT  sing N N 46  
ASN CB  CG   sing N N 47  
ASN CB  HB2  sing N N 48  
ASN CB  HB3  sing N N 49  
ASN CG  OD1  doub N N 50  
ASN CG  ND2  sing N N 51  
ASN ND2 HD21 sing N N 52  
ASN ND2 HD22 sing N N 53  
ASN OXT HXT  sing N N 54  
ASP N   CA   sing N N 55  
ASP N   H    sing N N 56  
ASP N   H2   sing N N 57  
ASP CA  C    sing N N 58  
ASP CA  CB   sing N N 59  
ASP CA  HA   sing N N 60  
ASP C   O    doub N N 61  
ASP C   OXT  sing N N 62  
ASP CB  CG   sing N N 63  
ASP CB  HB2  sing N N 64  
ASP CB  HB3  sing N N 65  
ASP CG  OD1  doub N N 66  
ASP CG  OD2  sing N N 67  
ASP OD2 HD2  sing N N 68  
ASP OXT HXT  sing N N 69  
ECW CAV CAU  doub Y N 70  
ECW CAV CAW  sing Y N 71  
ECW CAU CAT  sing Y N 72  
ECW CAW CAR  doub Y N 73  
ECW CAT CAS  doub Y N 74  
ECW CAR CAS  sing Y N 75  
ECW CAR CAQ  sing N N 76  
ECW CAY CAX  sing N N 77  
ECW CAQ NAP  sing N N 78  
ECW BR  CAC  sing N N 79  
ECW CAX NAP  sing N N 80  
ECW CAX CAZ  sing N N 81  
ECW CAX CBA  sing N N 82  
ECW NAP CAN  sing N N 83  
ECW CAD CAC  sing Y N 84  
ECW CAD CAE  doub Y N 85  
ECW CAC CAB  doub Y N 86  
ECW OAL CAM  sing N N 87  
ECW OAL CAJ  sing N N 88  
ECW CAM CAN  sing N N 89  
ECW CAN OAO  doub N N 90  
ECW CAE CAJ  sing N N 91  
ECW CAE OAA  sing Y N 92  
ECW CAB OAA  sing Y N 93  
ECW CAB NAF  sing N N 94  
ECW OAG NAF  doub N N 95  
ECW CAJ OAK  doub N N 96  
ECW NAF OAH  sing N N 97  
ECW CAD H1   sing N N 98  
ECW CAM H2   sing N N 99  
ECW CAM H3   sing N N 100 
ECW CAQ H4   sing N N 101 
ECW CAQ H5   sing N N 102 
ECW CAS H6   sing N N 103 
ECW CAT H7   sing N N 104 
ECW CAU H8   sing N N 105 
ECW CAV H9   sing N N 106 
ECW CAW H10  sing N N 107 
ECW CAY H11  sing N N 108 
ECW CAY H12  sing N N 109 
ECW CAY H13  sing N N 110 
ECW CAZ H14  sing N N 111 
ECW CAZ H15  sing N N 112 
ECW CAZ H16  sing N N 113 
ECW CBA H17  sing N N 114 
ECW CBA H18  sing N N 115 
ECW CBA H19  sing N N 116 
GLN N   CA   sing N N 117 
GLN N   H    sing N N 118 
GLN N   H2   sing N N 119 
GLN CA  C    sing N N 120 
GLN CA  CB   sing N N 121 
GLN CA  HA   sing N N 122 
GLN C   O    doub N N 123 
GLN C   OXT  sing N N 124 
GLN CB  CG   sing N N 125 
GLN CB  HB2  sing N N 126 
GLN CB  HB3  sing N N 127 
GLN CG  CD   sing N N 128 
GLN CG  HG2  sing N N 129 
GLN CG  HG3  sing N N 130 
GLN CD  OE1  doub N N 131 
GLN CD  NE2  sing N N 132 
GLN NE2 HE21 sing N N 133 
GLN NE2 HE22 sing N N 134 
GLN OXT HXT  sing N N 135 
GLU N   CA   sing N N 136 
GLU N   H    sing N N 137 
GLU N   H2   sing N N 138 
GLU CA  C    sing N N 139 
GLU CA  CB   sing N N 140 
GLU CA  HA   sing N N 141 
GLU C   O    doub N N 142 
GLU C   OXT  sing N N 143 
GLU CB  CG   sing N N 144 
GLU CB  HB2  sing N N 145 
GLU CB  HB3  sing N N 146 
GLU CG  CD   sing N N 147 
GLU CG  HG2  sing N N 148 
GLU CG  HG3  sing N N 149 
GLU CD  OE1  doub N N 150 
GLU CD  OE2  sing N N 151 
GLU OE2 HE2  sing N N 152 
GLU OXT HXT  sing N N 153 
GLY N   CA   sing N N 154 
GLY N   H    sing N N 155 
GLY N   H2   sing N N 156 
GLY CA  C    sing N N 157 
GLY CA  HA2  sing N N 158 
GLY CA  HA3  sing N N 159 
GLY C   O    doub N N 160 
GLY C   OXT  sing N N 161 
GLY OXT HXT  sing N N 162 
HIS N   CA   sing N N 163 
HIS N   H    sing N N 164 
HIS N   H2   sing N N 165 
HIS CA  C    sing N N 166 
HIS CA  CB   sing N N 167 
HIS CA  HA   sing N N 168 
HIS C   O    doub N N 169 
HIS C   OXT  sing N N 170 
HIS CB  CG   sing N N 171 
HIS CB  HB2  sing N N 172 
HIS CB  HB3  sing N N 173 
HIS CG  ND1  sing Y N 174 
HIS CG  CD2  doub Y N 175 
HIS ND1 CE1  doub Y N 176 
HIS ND1 HD1  sing N N 177 
HIS CD2 NE2  sing Y N 178 
HIS CD2 HD2  sing N N 179 
HIS CE1 NE2  sing Y N 180 
HIS CE1 HE1  sing N N 181 
HIS NE2 HE2  sing N N 182 
HIS OXT HXT  sing N N 183 
HOH O   H1   sing N N 184 
HOH O   H2   sing N N 185 
ILE N   CA   sing N N 186 
ILE N   H    sing N N 187 
ILE N   H2   sing N N 188 
ILE CA  C    sing N N 189 
ILE CA  CB   sing N N 190 
ILE CA  HA   sing N N 191 
ILE C   O    doub N N 192 
ILE C   OXT  sing N N 193 
ILE CB  CG1  sing N N 194 
ILE CB  CG2  sing N N 195 
ILE CB  HB   sing N N 196 
ILE CG1 CD1  sing N N 197 
ILE CG1 HG12 sing N N 198 
ILE CG1 HG13 sing N N 199 
ILE CG2 HG21 sing N N 200 
ILE CG2 HG22 sing N N 201 
ILE CG2 HG23 sing N N 202 
ILE CD1 HD11 sing N N 203 
ILE CD1 HD12 sing N N 204 
ILE CD1 HD13 sing N N 205 
ILE OXT HXT  sing N N 206 
LEU N   CA   sing N N 207 
LEU N   H    sing N N 208 
LEU N   H2   sing N N 209 
LEU CA  C    sing N N 210 
LEU CA  CB   sing N N 211 
LEU CA  HA   sing N N 212 
LEU C   O    doub N N 213 
LEU C   OXT  sing N N 214 
LEU CB  CG   sing N N 215 
LEU CB  HB2  sing N N 216 
LEU CB  HB3  sing N N 217 
LEU CG  CD1  sing N N 218 
LEU CG  CD2  sing N N 219 
LEU CG  HG   sing N N 220 
LEU CD1 HD11 sing N N 221 
LEU CD1 HD12 sing N N 222 
LEU CD1 HD13 sing N N 223 
LEU CD2 HD21 sing N N 224 
LEU CD2 HD22 sing N N 225 
LEU CD2 HD23 sing N N 226 
LEU OXT HXT  sing N N 227 
LYS N   CA   sing N N 228 
LYS N   H    sing N N 229 
LYS N   H2   sing N N 230 
LYS CA  C    sing N N 231 
LYS CA  CB   sing N N 232 
LYS CA  HA   sing N N 233 
LYS C   O    doub N N 234 
LYS C   OXT  sing N N 235 
LYS CB  CG   sing N N 236 
LYS CB  HB2  sing N N 237 
LYS CB  HB3  sing N N 238 
LYS CG  CD   sing N N 239 
LYS CG  HG2  sing N N 240 
LYS CG  HG3  sing N N 241 
LYS CD  CE   sing N N 242 
LYS CD  HD2  sing N N 243 
LYS CD  HD3  sing N N 244 
LYS CE  NZ   sing N N 245 
LYS CE  HE2  sing N N 246 
LYS CE  HE3  sing N N 247 
LYS NZ  HZ1  sing N N 248 
LYS NZ  HZ2  sing N N 249 
LYS NZ  HZ3  sing N N 250 
LYS OXT HXT  sing N N 251 
MET N   CA   sing N N 252 
MET N   H    sing N N 253 
MET N   H2   sing N N 254 
MET CA  C    sing N N 255 
MET CA  CB   sing N N 256 
MET CA  HA   sing N N 257 
MET C   O    doub N N 258 
MET C   OXT  sing N N 259 
MET CB  CG   sing N N 260 
MET CB  HB2  sing N N 261 
MET CB  HB3  sing N N 262 
MET CG  SD   sing N N 263 
MET CG  HG2  sing N N 264 
MET CG  HG3  sing N N 265 
MET SD  CE   sing N N 266 
MET CE  HE1  sing N N 267 
MET CE  HE2  sing N N 268 
MET CE  HE3  sing N N 269 
MET OXT HXT  sing N N 270 
PHE N   CA   sing N N 271 
PHE N   H    sing N N 272 
PHE N   H2   sing N N 273 
PHE CA  C    sing N N 274 
PHE CA  CB   sing N N 275 
PHE CA  HA   sing N N 276 
PHE C   O    doub N N 277 
PHE C   OXT  sing N N 278 
PHE CB  CG   sing N N 279 
PHE CB  HB2  sing N N 280 
PHE CB  HB3  sing N N 281 
PHE CG  CD1  doub Y N 282 
PHE CG  CD2  sing Y N 283 
PHE CD1 CE1  sing Y N 284 
PHE CD1 HD1  sing N N 285 
PHE CD2 CE2  doub Y N 286 
PHE CD2 HD2  sing N N 287 
PHE CE1 CZ   doub Y N 288 
PHE CE1 HE1  sing N N 289 
PHE CE2 CZ   sing Y N 290 
PHE CE2 HE2  sing N N 291 
PHE CZ  HZ   sing N N 292 
PHE OXT HXT  sing N N 293 
PRO N   CA   sing N N 294 
PRO N   CD   sing N N 295 
PRO N   H    sing N N 296 
PRO CA  C    sing N N 297 
PRO CA  CB   sing N N 298 
PRO CA  HA   sing N N 299 
PRO C   O    doub N N 300 
PRO C   OXT  sing N N 301 
PRO CB  CG   sing N N 302 
PRO CB  HB2  sing N N 303 
PRO CB  HB3  sing N N 304 
PRO CG  CD   sing N N 305 
PRO CG  HG2  sing N N 306 
PRO CG  HG3  sing N N 307 
PRO CD  HD2  sing N N 308 
PRO CD  HD3  sing N N 309 
PRO OXT HXT  sing N N 310 
SER N   CA   sing N N 311 
SER N   H    sing N N 312 
SER N   H2   sing N N 313 
SER CA  C    sing N N 314 
SER CA  CB   sing N N 315 
SER CA  HA   sing N N 316 
SER C   O    doub N N 317 
SER C   OXT  sing N N 318 
SER CB  OG   sing N N 319 
SER CB  HB2  sing N N 320 
SER CB  HB3  sing N N 321 
SER OG  HG   sing N N 322 
SER OXT HXT  sing N N 323 
THR N   CA   sing N N 324 
THR N   H    sing N N 325 
THR N   H2   sing N N 326 
THR CA  C    sing N N 327 
THR CA  CB   sing N N 328 
THR CA  HA   sing N N 329 
THR C   O    doub N N 330 
THR C   OXT  sing N N 331 
THR CB  OG1  sing N N 332 
THR CB  CG2  sing N N 333 
THR CB  HB   sing N N 334 
THR OG1 HG1  sing N N 335 
THR CG2 HG21 sing N N 336 
THR CG2 HG22 sing N N 337 
THR CG2 HG23 sing N N 338 
THR OXT HXT  sing N N 339 
TRP N   CA   sing N N 340 
TRP N   H    sing N N 341 
TRP N   H2   sing N N 342 
TRP CA  C    sing N N 343 
TRP CA  CB   sing N N 344 
TRP CA  HA   sing N N 345 
TRP C   O    doub N N 346 
TRP C   OXT  sing N N 347 
TRP CB  CG   sing N N 348 
TRP CB  HB2  sing N N 349 
TRP CB  HB3  sing N N 350 
TRP CG  CD1  doub Y N 351 
TRP CG  CD2  sing Y N 352 
TRP CD1 NE1  sing Y N 353 
TRP CD1 HD1  sing N N 354 
TRP CD2 CE2  doub Y N 355 
TRP CD2 CE3  sing Y N 356 
TRP NE1 CE2  sing Y N 357 
TRP NE1 HE1  sing N N 358 
TRP CE2 CZ2  sing Y N 359 
TRP CE3 CZ3  doub Y N 360 
TRP CE3 HE3  sing N N 361 
TRP CZ2 CH2  doub Y N 362 
TRP CZ2 HZ2  sing N N 363 
TRP CZ3 CH2  sing Y N 364 
TRP CZ3 HZ3  sing N N 365 
TRP CH2 HH2  sing N N 366 
TRP OXT HXT  sing N N 367 
TYR N   CA   sing N N 368 
TYR N   H    sing N N 369 
TYR N   H2   sing N N 370 
TYR CA  C    sing N N 371 
TYR CA  CB   sing N N 372 
TYR CA  HA   sing N N 373 
TYR C   O    doub N N 374 
TYR C   OXT  sing N N 375 
TYR CB  CG   sing N N 376 
TYR CB  HB2  sing N N 377 
TYR CB  HB3  sing N N 378 
TYR CG  CD1  doub Y N 379 
TYR CG  CD2  sing Y N 380 
TYR CD1 CE1  sing Y N 381 
TYR CD1 HD1  sing N N 382 
TYR CD2 CE2  doub Y N 383 
TYR CD2 HD2  sing N N 384 
TYR CE1 CZ   doub Y N 385 
TYR CE1 HE1  sing N N 386 
TYR CE2 CZ   sing Y N 387 
TYR CE2 HE2  sing N N 388 
TYR CZ  OH   sing N N 389 
TYR OH  HH   sing N N 390 
TYR OXT HXT  sing N N 391 
VAL N   CA   sing N N 392 
VAL N   H    sing N N 393 
VAL N   H2   sing N N 394 
VAL CA  C    sing N N 395 
VAL CA  CB   sing N N 396 
VAL CA  HA   sing N N 397 
VAL C   O    doub N N 398 
VAL C   OXT  sing N N 399 
VAL CB  CG1  sing N N 400 
VAL CB  CG2  sing N N 401 
VAL CB  HB   sing N N 402 
VAL CG1 HG11 sing N N 403 
VAL CG1 HG12 sing N N 404 
VAL CG1 HG13 sing N N 405 
VAL CG2 HG21 sing N N 406 
VAL CG2 HG22 sing N N 407 
VAL CG2 HG23 sing N N 408 
VAL OXT HXT  sing N N 409 
# 
_pdbx_audit_support.funding_organization   'Japan Society for the Promotion of Science (JSPS)' 
_pdbx_audit_support.country                Japan 
_pdbx_audit_support.grant_number           21K07050 
_pdbx_audit_support.ordinal                1 
# 
_pdbx_entity_instance_feature.ordinal        1 
_pdbx_entity_instance_feature.comp_id        ZN 
_pdbx_entity_instance_feature.asym_id        ? 
_pdbx_entity_instance_feature.seq_num        ? 
_pdbx_entity_instance_feature.auth_comp_id   ZN 
_pdbx_entity_instance_feature.auth_asym_id   ? 
_pdbx_entity_instance_feature.auth_seq_num   ? 
_pdbx_entity_instance_feature.feature_type   'SUBJECT OF INVESTIGATION' 
_pdbx_entity_instance_feature.details        ? 
# 
loop_
_pdbx_entity_nonpoly.entity_id 
_pdbx_entity_nonpoly.name 
_pdbx_entity_nonpoly.comp_id 
2 '[2-[tert-butyl-(phenylmethyl)amino]-2-oxidanylidene-ethyl] 4-bromanyl-5-nitro-furan-2-carboxylate' ECW 
3 'MANGANESE (II) ION'                                                                                MN  
4 'ZINC ION'                                                                                          ZN  
5 water                                                                                               HOH 
# 
_pdbx_initial_refinement_model.id               1 
_pdbx_initial_refinement_model.entity_id_list   ? 
_pdbx_initial_refinement_model.type             'experimental model' 
_pdbx_initial_refinement_model.source_name      PDB 
_pdbx_initial_refinement_model.accession_code   3QIN 
_pdbx_initial_refinement_model.details          ? 
# 
_pdbx_struct_assembly_auth_evidence.id                     1 
_pdbx_struct_assembly_auth_evidence.assembly_id            1 
_pdbx_struct_assembly_auth_evidence.experimental_support   'gel filtration' 
_pdbx_struct_assembly_auth_evidence.details                ? 
# 
